data_3EC6
# 
_entry.id   3EC6 
# 
_audit_conform.dict_name       mmcif_pdbx.dic 
_audit_conform.dict_version    5.397 
_audit_conform.dict_location   http://mmcif.pdb.org/dictionaries/ascii/mmcif_pdbx.dic 
# 
loop_
_database_2.database_id 
_database_2.database_code 
_database_2.pdbx_database_accession 
_database_2.pdbx_DOI 
PDB   3EC6         pdb_00003ec6 10.2210/pdb3ec6/pdb 
RCSB  RCSB049139   ?            ?                   
WWPDB D_1000049139 ?            ?                   
# 
loop_
_pdbx_audit_revision_history.ordinal 
_pdbx_audit_revision_history.data_content_type 
_pdbx_audit_revision_history.major_revision 
_pdbx_audit_revision_history.minor_revision 
_pdbx_audit_revision_history.revision_date 
1 'Structure model' 1 0 2008-09-16 
2 'Structure model' 1 1 2011-07-13 
3 'Structure model' 1 2 2024-10-09 
# 
_pdbx_audit_revision_details.ordinal             1 
_pdbx_audit_revision_details.revision_ordinal    1 
_pdbx_audit_revision_details.data_content_type   'Structure model' 
_pdbx_audit_revision_details.provider            repository 
_pdbx_audit_revision_details.type                'Initial release' 
_pdbx_audit_revision_details.description         ? 
_pdbx_audit_revision_details.details             ? 
# 
loop_
_pdbx_audit_revision_group.ordinal 
_pdbx_audit_revision_group.revision_ordinal 
_pdbx_audit_revision_group.data_content_type 
_pdbx_audit_revision_group.group 
1 2 'Structure model' Advisory                    
2 2 'Structure model' 'Version format compliance' 
3 3 'Structure model' 'Data collection'           
4 3 'Structure model' 'Database references'       
5 3 'Structure model' 'Derived calculations'      
6 3 'Structure model' 'Structure summary'         
# 
loop_
_pdbx_audit_revision_category.ordinal 
_pdbx_audit_revision_category.revision_ordinal 
_pdbx_audit_revision_category.data_content_type 
_pdbx_audit_revision_category.category 
1 3 'Structure model' chem_comp_atom            
2 3 'Structure model' chem_comp_bond            
3 3 'Structure model' database_2                
4 3 'Structure model' pdbx_entry_details        
5 3 'Structure model' pdbx_modification_feature 
6 3 'Structure model' struct_conn               
7 3 'Structure model' struct_ref_seq_dif        
8 3 'Structure model' struct_site               
# 
loop_
_pdbx_audit_revision_item.ordinal 
_pdbx_audit_revision_item.revision_ordinal 
_pdbx_audit_revision_item.data_content_type 
_pdbx_audit_revision_item.item 
1 3 'Structure model' '_database_2.pdbx_DOI'                         
2 3 'Structure model' '_database_2.pdbx_database_accession'          
3 3 'Structure model' '_pdbx_entry_details.has_protein_modification' 
4 3 'Structure model' '_struct_conn.pdbx_leaving_atom_flag'          
5 3 'Structure model' '_struct_ref_seq_dif.details'                  
6 3 'Structure model' '_struct_site.pdbx_auth_asym_id'               
7 3 'Structure model' '_struct_site.pdbx_auth_comp_id'               
8 3 'Structure model' '_struct_site.pdbx_auth_seq_id'                
# 
_pdbx_database_status.status_code                     REL 
_pdbx_database_status.entry_id                        3EC6 
_pdbx_database_status.recvd_initial_deposition_date   2008-08-29 
_pdbx_database_status.deposit_site                    RCSB 
_pdbx_database_status.process_site                    RCSB 
_pdbx_database_status.status_code_sf                  REL 
_pdbx_database_status.status_code_mr                  ? 
_pdbx_database_status.SG_entry                        Y 
_pdbx_database_status.pdb_format_compatible           Y 
_pdbx_database_status.status_code_cs                  ? 
_pdbx_database_status.status_code_nmr_data            ? 
_pdbx_database_status.methods_development_category    ? 
# 
_pdbx_database_related.db_name        TargetDB 
_pdbx_database_related.db_id          IDP01540 
_pdbx_database_related.details        . 
_pdbx_database_related.content_type   unspecified 
# 
loop_
_audit_author.name 
_audit_author.pdbx_ordinal 
'Kim, Y.'                                                       1 
'Xu, X.'                                                        2 
'Cui, H.'                                                       3 
'Savchenko, A.'                                                 4 
'Edwards, A.'                                                   5 
'Anderson, W.F.'                                                6 
'Joachimiak, A.'                                                7 
'Center for Structural Genomics of Infectious Diseases (CSGID)' 8 
# 
_citation.id                        primary 
_citation.title                     'Crystal structure of the general stress protein 26 from Bacillus anthracis str. Sterne' 
_citation.journal_abbrev            'To be Published' 
_citation.journal_volume            ? 
_citation.page_first                ? 
_citation.page_last                 ? 
_citation.year                      ? 
_citation.journal_id_ASTM           ? 
_citation.country                   ? 
_citation.journal_id_ISSN           ? 
_citation.journal_id_CSD            0353 
_citation.book_publisher            ? 
_citation.pdbx_database_id_PubMed   ? 
_citation.pdbx_database_id_DOI      ? 
# 
loop_
_citation_author.citation_id 
_citation_author.name 
_citation_author.ordinal 
_citation_author.identifier_ORCID 
primary 'Kim, Y.'        1 ? 
primary 'Xu, X.'         2 ? 
primary 'Cui, H.'        3 ? 
primary 'Savchenko, A.'  4 ? 
primary 'Edwards, A.'    5 ? 
primary 'Anderson, W.F.' 6 ? 
primary 'Joachimiak, A.' 7 ? 
# 
loop_
_entity.id 
_entity.type 
_entity.src_method 
_entity.pdbx_description 
_entity.formula_weight 
_entity.pdbx_number_of_molecules 
_entity.pdbx_ec 
_entity.pdbx_mutation 
_entity.pdbx_fragment 
_entity.details 
1 polymer     man 'General stress protein 26'   16288.012 1  ? ? ? ? 
2 non-polymer syn 'FLAVIN-ADENINE DINUCLEOTIDE' 785.550   1  ? ? ? ? 
3 non-polymer syn 'SULFATE ION'                 96.063    1  ? ? ? ? 
4 water       nat water                         18.015    88 ? ? ? ? 
# 
_entity_poly.entity_id                      1 
_entity_poly.type                           'polypeptide(L)' 
_entity_poly.nstd_linkage                   no 
_entity_poly.nstd_monomer                   yes 
_entity_poly.pdbx_seq_one_letter_code       
;G(MSE)HLKEKITTIIQGQRTGVLSTVRNDKPHSAF(MSE)(MSE)FFHEDFVLYVATDRQSKKITDIENNPNVHVLLGR
EGKKLDEDYIEVEGLASIEEDSTLKNKFWNNSLKRWLLRPEDPNYVLIKINPDTIYYIDGAGTTEPEFLRL
;
_entity_poly.pdbx_seq_one_letter_code_can   
;GMHLKEKITTIIQGQRTGVLSTVRNDKPHSAFMMFFHEDFVLYVATDRQSKKITDIENNPNVHVLLGREGKKLDEDYIEV
EGLASIEEDSTLKNKFWNNSLKRWLLRPEDPNYVLIKINPDTIYYIDGAGTTEPEFLRL
;
_entity_poly.pdbx_strand_id                 A 
_entity_poly.pdbx_target_identifier         IDP01540 
# 
loop_
_pdbx_entity_nonpoly.entity_id 
_pdbx_entity_nonpoly.name 
_pdbx_entity_nonpoly.comp_id 
2 'FLAVIN-ADENINE DINUCLEOTIDE' FAD 
3 'SULFATE ION'                 SO4 
4 water                         HOH 
# 
loop_
_entity_poly_seq.entity_id 
_entity_poly_seq.num 
_entity_poly_seq.mon_id 
_entity_poly_seq.hetero 
1 1   GLY n 
1 2   MSE n 
1 3   HIS n 
1 4   LEU n 
1 5   LYS n 
1 6   GLU n 
1 7   LYS n 
1 8   ILE n 
1 9   THR n 
1 10  THR n 
1 11  ILE n 
1 12  ILE n 
1 13  GLN n 
1 14  GLY n 
1 15  GLN n 
1 16  ARG n 
1 17  THR n 
1 18  GLY n 
1 19  VAL n 
1 20  LEU n 
1 21  SER n 
1 22  THR n 
1 23  VAL n 
1 24  ARG n 
1 25  ASN n 
1 26  ASP n 
1 27  LYS n 
1 28  PRO n 
1 29  HIS n 
1 30  SER n 
1 31  ALA n 
1 32  PHE n 
1 33  MSE n 
1 34  MSE n 
1 35  PHE n 
1 36  PHE n 
1 37  HIS n 
1 38  GLU n 
1 39  ASP n 
1 40  PHE n 
1 41  VAL n 
1 42  LEU n 
1 43  TYR n 
1 44  VAL n 
1 45  ALA n 
1 46  THR n 
1 47  ASP n 
1 48  ARG n 
1 49  GLN n 
1 50  SER n 
1 51  LYS n 
1 52  LYS n 
1 53  ILE n 
1 54  THR n 
1 55  ASP n 
1 56  ILE n 
1 57  GLU n 
1 58  ASN n 
1 59  ASN n 
1 60  PRO n 
1 61  ASN n 
1 62  VAL n 
1 63  HIS n 
1 64  VAL n 
1 65  LEU n 
1 66  LEU n 
1 67  GLY n 
1 68  ARG n 
1 69  GLU n 
1 70  GLY n 
1 71  LYS n 
1 72  LYS n 
1 73  LEU n 
1 74  ASP n 
1 75  GLU n 
1 76  ASP n 
1 77  TYR n 
1 78  ILE n 
1 79  GLU n 
1 80  VAL n 
1 81  GLU n 
1 82  GLY n 
1 83  LEU n 
1 84  ALA n 
1 85  SER n 
1 86  ILE n 
1 87  GLU n 
1 88  GLU n 
1 89  ASP n 
1 90  SER n 
1 91  THR n 
1 92  LEU n 
1 93  LYS n 
1 94  ASN n 
1 95  LYS n 
1 96  PHE n 
1 97  TRP n 
1 98  ASN n 
1 99  ASN n 
1 100 SER n 
1 101 LEU n 
1 102 LYS n 
1 103 ARG n 
1 104 TRP n 
1 105 LEU n 
1 106 LEU n 
1 107 ARG n 
1 108 PRO n 
1 109 GLU n 
1 110 ASP n 
1 111 PRO n 
1 112 ASN n 
1 113 TYR n 
1 114 VAL n 
1 115 LEU n 
1 116 ILE n 
1 117 LYS n 
1 118 ILE n 
1 119 ASN n 
1 120 PRO n 
1 121 ASP n 
1 122 THR n 
1 123 ILE n 
1 124 TYR n 
1 125 TYR n 
1 126 ILE n 
1 127 ASP n 
1 128 GLY n 
1 129 ALA n 
1 130 GLY n 
1 131 THR n 
1 132 THR n 
1 133 GLU n 
1 134 PRO n 
1 135 GLU n 
1 136 PHE n 
1 137 LEU n 
1 138 ARG n 
1 139 LEU n 
# 
_entity_src_gen.entity_id                          1 
_entity_src_gen.pdbx_src_id                        1 
_entity_src_gen.pdbx_alt_source_flag               sample 
_entity_src_gen.pdbx_seq_type                      ? 
_entity_src_gen.pdbx_beg_seq_num                   ? 
_entity_src_gen.pdbx_end_seq_num                   ? 
_entity_src_gen.gene_src_common_name               ? 
_entity_src_gen.gene_src_genus                     ? 
_entity_src_gen.pdbx_gene_src_gene                 ? 
_entity_src_gen.gene_src_species                   ? 
_entity_src_gen.gene_src_strain                    Sterne 
_entity_src_gen.gene_src_tissue                    ? 
_entity_src_gen.gene_src_tissue_fraction           ? 
_entity_src_gen.gene_src_details                   ? 
_entity_src_gen.pdbx_gene_src_fragment             ? 
_entity_src_gen.pdbx_gene_src_scientific_name      'Bacillus anthracis' 
_entity_src_gen.pdbx_gene_src_ncbi_taxonomy_id     1392 
_entity_src_gen.pdbx_gene_src_variant              ? 
_entity_src_gen.pdbx_gene_src_cell_line            ? 
_entity_src_gen.pdbx_gene_src_atcc                 ? 
_entity_src_gen.pdbx_gene_src_organ                ? 
_entity_src_gen.pdbx_gene_src_organelle            ? 
_entity_src_gen.pdbx_gene_src_cell                 ? 
_entity_src_gen.pdbx_gene_src_cellular_location    ? 
_entity_src_gen.host_org_common_name               ? 
_entity_src_gen.pdbx_host_org_scientific_name      'Escherichia coli' 
_entity_src_gen.pdbx_host_org_ncbi_taxonomy_id     562 
_entity_src_gen.host_org_genus                     ? 
_entity_src_gen.pdbx_host_org_gene                 ? 
_entity_src_gen.pdbx_host_org_organ                ? 
_entity_src_gen.host_org_species                   ? 
_entity_src_gen.pdbx_host_org_tissue               ? 
_entity_src_gen.pdbx_host_org_tissue_fraction      ? 
_entity_src_gen.pdbx_host_org_strain               BL21DE3 
_entity_src_gen.pdbx_host_org_variant              ? 
_entity_src_gen.pdbx_host_org_cell_line            ? 
_entity_src_gen.pdbx_host_org_atcc                 ? 
_entity_src_gen.pdbx_host_org_culture_collection   ? 
_entity_src_gen.pdbx_host_org_cell                 ? 
_entity_src_gen.pdbx_host_org_organelle            ? 
_entity_src_gen.pdbx_host_org_cellular_location    ? 
_entity_src_gen.pdbx_host_org_vector_type          plasmid 
_entity_src_gen.pdbx_host_org_vector               ? 
_entity_src_gen.host_org_details                   ? 
_entity_src_gen.expression_system_id               ? 
_entity_src_gen.plasmid_name                       ? 
_entity_src_gen.plasmid_details                    ? 
_entity_src_gen.pdbx_description                   ? 
# 
loop_
_chem_comp.id 
_chem_comp.type 
_chem_comp.mon_nstd_flag 
_chem_comp.name 
_chem_comp.pdbx_synonyms 
_chem_comp.formula 
_chem_comp.formula_weight 
ALA 'L-peptide linking' y ALANINE                       ? 'C3 H7 N O2'        89.093  
ARG 'L-peptide linking' y ARGININE                      ? 'C6 H15 N4 O2 1'    175.209 
ASN 'L-peptide linking' y ASPARAGINE                    ? 'C4 H8 N2 O3'       132.118 
ASP 'L-peptide linking' y 'ASPARTIC ACID'               ? 'C4 H7 N O4'        133.103 
FAD non-polymer         . 'FLAVIN-ADENINE DINUCLEOTIDE' ? 'C27 H33 N9 O15 P2' 785.550 
GLN 'L-peptide linking' y GLUTAMINE                     ? 'C5 H10 N2 O3'      146.144 
GLU 'L-peptide linking' y 'GLUTAMIC ACID'               ? 'C5 H9 N O4'        147.129 
GLY 'peptide linking'   y GLYCINE                       ? 'C2 H5 N O2'        75.067  
HIS 'L-peptide linking' y HISTIDINE                     ? 'C6 H10 N3 O2 1'    156.162 
HOH non-polymer         . WATER                         ? 'H2 O'              18.015  
ILE 'L-peptide linking' y ISOLEUCINE                    ? 'C6 H13 N O2'       131.173 
LEU 'L-peptide linking' y LEUCINE                       ? 'C6 H13 N O2'       131.173 
LYS 'L-peptide linking' y LYSINE                        ? 'C6 H15 N2 O2 1'    147.195 
MSE 'L-peptide linking' n SELENOMETHIONINE              ? 'C5 H11 N O2 Se'    196.106 
PHE 'L-peptide linking' y PHENYLALANINE                 ? 'C9 H11 N O2'       165.189 
PRO 'L-peptide linking' y PROLINE                       ? 'C5 H9 N O2'        115.130 
SER 'L-peptide linking' y SERINE                        ? 'C3 H7 N O3'        105.093 
SO4 non-polymer         . 'SULFATE ION'                 ? 'O4 S -2'           96.063  
THR 'L-peptide linking' y THREONINE                     ? 'C4 H9 N O3'        119.119 
TRP 'L-peptide linking' y TRYPTOPHAN                    ? 'C11 H12 N2 O2'     204.225 
TYR 'L-peptide linking' y TYROSINE                      ? 'C9 H11 N O3'       181.189 
VAL 'L-peptide linking' y VALINE                        ? 'C5 H11 N O2'       117.146 
# 
loop_
_pdbx_poly_seq_scheme.asym_id 
_pdbx_poly_seq_scheme.entity_id 
_pdbx_poly_seq_scheme.seq_id 
_pdbx_poly_seq_scheme.mon_id 
_pdbx_poly_seq_scheme.ndb_seq_num 
_pdbx_poly_seq_scheme.pdb_seq_num 
_pdbx_poly_seq_scheme.auth_seq_num 
_pdbx_poly_seq_scheme.pdb_mon_id 
_pdbx_poly_seq_scheme.auth_mon_id 
_pdbx_poly_seq_scheme.pdb_strand_id 
_pdbx_poly_seq_scheme.pdb_ins_code 
_pdbx_poly_seq_scheme.hetero 
A 1 1   GLY 1   0   ?   ?   ?   A . n 
A 1 2   MSE 2   1   1   MSE MSE A . n 
A 1 3   HIS 3   2   2   HIS HIS A . n 
A 1 4   LEU 4   3   3   LEU LEU A . n 
A 1 5   LYS 5   4   4   LYS LYS A . n 
A 1 6   GLU 6   5   5   GLU GLU A . n 
A 1 7   LYS 7   6   6   LYS LYS A . n 
A 1 8   ILE 8   7   7   ILE ILE A . n 
A 1 9   THR 9   8   8   THR THR A . n 
A 1 10  THR 10  9   9   THR THR A . n 
A 1 11  ILE 11  10  10  ILE ILE A . n 
A 1 12  ILE 12  11  11  ILE ILE A . n 
A 1 13  GLN 13  12  12  GLN GLN A . n 
A 1 14  GLY 14  13  13  GLY GLY A . n 
A 1 15  GLN 15  14  14  GLN GLN A . n 
A 1 16  ARG 16  15  15  ARG ARG A . n 
A 1 17  THR 17  16  16  THR THR A . n 
A 1 18  GLY 18  17  17  GLY GLY A . n 
A 1 19  VAL 19  18  18  VAL VAL A . n 
A 1 20  LEU 20  19  19  LEU LEU A . n 
A 1 21  SER 21  20  20  SER SER A . n 
A 1 22  THR 22  21  21  THR THR A . n 
A 1 23  VAL 23  22  22  VAL VAL A . n 
A 1 24  ARG 24  23  23  ARG ARG A . n 
A 1 25  ASN 25  24  24  ASN ASN A . n 
A 1 26  ASP 26  25  25  ASP ASP A . n 
A 1 27  LYS 27  26  26  LYS LYS A . n 
A 1 28  PRO 28  27  27  PRO PRO A . n 
A 1 29  HIS 29  28  28  HIS HIS A . n 
A 1 30  SER 30  29  29  SER SER A . n 
A 1 31  ALA 31  30  30  ALA ALA A . n 
A 1 32  PHE 32  31  31  PHE PHE A . n 
A 1 33  MSE 33  32  32  MSE MSE A . n 
A 1 34  MSE 34  33  33  MSE MSE A . n 
A 1 35  PHE 35  34  34  PHE PHE A . n 
A 1 36  PHE 36  35  35  PHE PHE A . n 
A 1 37  HIS 37  36  36  HIS HIS A . n 
A 1 38  GLU 38  37  37  GLU GLU A . n 
A 1 39  ASP 39  38  38  ASP ASP A . n 
A 1 40  PHE 40  39  39  PHE PHE A . n 
A 1 41  VAL 41  40  40  VAL VAL A . n 
A 1 42  LEU 42  41  41  LEU LEU A . n 
A 1 43  TYR 43  42  42  TYR TYR A . n 
A 1 44  VAL 44  43  43  VAL VAL A . n 
A 1 45  ALA 45  44  44  ALA ALA A . n 
A 1 46  THR 46  45  45  THR THR A . n 
A 1 47  ASP 47  46  46  ASP ASP A . n 
A 1 48  ARG 48  47  47  ARG ARG A . n 
A 1 49  GLN 49  48  48  GLN GLN A . n 
A 1 50  SER 50  49  49  SER SER A . n 
A 1 51  LYS 51  50  50  LYS LYS A . n 
A 1 52  LYS 52  51  51  LYS LYS A . n 
A 1 53  ILE 53  52  52  ILE ILE A . n 
A 1 54  THR 54  53  53  THR THR A . n 
A 1 55  ASP 55  54  54  ASP ASP A . n 
A 1 56  ILE 56  55  55  ILE ILE A . n 
A 1 57  GLU 57  56  56  GLU GLU A . n 
A 1 58  ASN 58  57  57  ASN ASN A . n 
A 1 59  ASN 59  58  58  ASN ASN A . n 
A 1 60  PRO 60  59  59  PRO PRO A . n 
A 1 61  ASN 61  60  60  ASN ASN A . n 
A 1 62  VAL 62  61  61  VAL VAL A . n 
A 1 63  HIS 63  62  62  HIS HIS A . n 
A 1 64  VAL 64  63  63  VAL VAL A . n 
A 1 65  LEU 65  64  64  LEU LEU A . n 
A 1 66  LEU 66  65  65  LEU LEU A . n 
A 1 67  GLY 67  66  66  GLY GLY A . n 
A 1 68  ARG 68  67  67  ARG ARG A . n 
A 1 69  GLU 69  68  ?   ?   ?   A . n 
A 1 70  GLY 70  69  ?   ?   ?   A . n 
A 1 71  LYS 71  70  ?   ?   ?   A . n 
A 1 72  LYS 72  71  71  LYS LYS A . n 
A 1 73  LEU 73  72  72  LEU LEU A . n 
A 1 74  ASP 74  73  73  ASP ASP A . n 
A 1 75  GLU 75  74  74  GLU GLU A . n 
A 1 76  ASP 76  75  75  ASP ASP A . n 
A 1 77  TYR 77  76  76  TYR TYR A . n 
A 1 78  ILE 78  77  77  ILE ILE A . n 
A 1 79  GLU 79  78  78  GLU GLU A . n 
A 1 80  VAL 80  79  79  VAL VAL A . n 
A 1 81  GLU 81  80  80  GLU GLU A . n 
A 1 82  GLY 82  81  81  GLY GLY A . n 
A 1 83  LEU 83  82  82  LEU LEU A . n 
A 1 84  ALA 84  83  83  ALA ALA A . n 
A 1 85  SER 85  84  84  SER SER A . n 
A 1 86  ILE 86  85  85  ILE ILE A . n 
A 1 87  GLU 87  86  86  GLU GLU A . n 
A 1 88  GLU 88  87  87  GLU GLU A . n 
A 1 89  ASP 89  88  88  ASP ASP A . n 
A 1 90  SER 90  89  89  SER SER A . n 
A 1 91  THR 91  90  90  THR THR A . n 
A 1 92  LEU 92  91  91  LEU LEU A . n 
A 1 93  LYS 93  92  92  LYS LYS A . n 
A 1 94  ASN 94  93  93  ASN ASN A . n 
A 1 95  LYS 95  94  94  LYS LYS A . n 
A 1 96  PHE 96  95  95  PHE PHE A . n 
A 1 97  TRP 97  96  96  TRP TRP A . n 
A 1 98  ASN 98  97  97  ASN ASN A . n 
A 1 99  ASN 99  98  98  ASN ASN A . n 
A 1 100 SER 100 99  99  SER SER A . n 
A 1 101 LEU 101 100 100 LEU LEU A . n 
A 1 102 LYS 102 101 101 LYS LYS A . n 
A 1 103 ARG 103 102 102 ARG ARG A . n 
A 1 104 TRP 104 103 103 TRP TRP A . n 
A 1 105 LEU 105 104 104 LEU LEU A . n 
A 1 106 LEU 106 105 105 LEU LEU A . n 
A 1 107 ARG 107 106 106 ARG ARG A . n 
A 1 108 PRO 108 107 107 PRO PRO A . n 
A 1 109 GLU 109 108 108 GLU GLU A . n 
A 1 110 ASP 110 109 109 ASP ASP A . n 
A 1 111 PRO 111 110 110 PRO PRO A . n 
A 1 112 ASN 112 111 111 ASN ASN A . n 
A 1 113 TYR 113 112 112 TYR TYR A . n 
A 1 114 VAL 114 113 113 VAL VAL A . n 
A 1 115 LEU 115 114 114 LEU LEU A . n 
A 1 116 ILE 116 115 115 ILE ILE A . n 
A 1 117 LYS 117 116 116 LYS LYS A . n 
A 1 118 ILE 118 117 117 ILE ILE A . n 
A 1 119 ASN 119 118 118 ASN ASN A . n 
A 1 120 PRO 120 119 119 PRO PRO A . n 
A 1 121 ASP 121 120 120 ASP ASP A . n 
A 1 122 THR 122 121 121 THR THR A . n 
A 1 123 ILE 123 122 122 ILE ILE A . n 
A 1 124 TYR 124 123 123 TYR TYR A . n 
A 1 125 TYR 125 124 124 TYR TYR A . n 
A 1 126 ILE 126 125 125 ILE ILE A . n 
A 1 127 ASP 127 126 126 ASP ASP A . n 
A 1 128 GLY 128 127 ?   ?   ?   A . n 
A 1 129 ALA 129 128 ?   ?   ?   A . n 
A 1 130 GLY 130 129 ?   ?   ?   A . n 
A 1 131 THR 131 130 ?   ?   ?   A . n 
A 1 132 THR 132 131 ?   ?   ?   A . n 
A 1 133 GLU 133 132 ?   ?   ?   A . n 
A 1 134 PRO 134 133 133 PRO PRO A . n 
A 1 135 GLU 135 134 134 GLU GLU A . n 
A 1 136 PHE 136 135 135 PHE PHE A . n 
A 1 137 LEU 137 136 136 LEU LEU A . n 
A 1 138 ARG 138 137 137 ARG ARG A . n 
A 1 139 LEU 139 138 138 LEU LEU A . n 
# 
loop_
_pdbx_nonpoly_scheme.asym_id 
_pdbx_nonpoly_scheme.entity_id 
_pdbx_nonpoly_scheme.mon_id 
_pdbx_nonpoly_scheme.ndb_seq_num 
_pdbx_nonpoly_scheme.pdb_seq_num 
_pdbx_nonpoly_scheme.auth_seq_num 
_pdbx_nonpoly_scheme.pdb_mon_id 
_pdbx_nonpoly_scheme.auth_mon_id 
_pdbx_nonpoly_scheme.pdb_strand_id 
_pdbx_nonpoly_scheme.pdb_ins_code 
B 2 FAD 1  139 1  FAD FAD A . 
C 3 SO4 1  140 2  SO4 SO4 A . 
D 4 HOH 1  141 1  HOH HOH A . 
D 4 HOH 2  142 2  HOH HOH A . 
D 4 HOH 3  143 3  HOH HOH A . 
D 4 HOH 4  144 4  HOH HOH A . 
D 4 HOH 5  145 5  HOH HOH A . 
D 4 HOH 6  146 6  HOH HOH A . 
D 4 HOH 7  147 7  HOH HOH A . 
D 4 HOH 8  148 8  HOH HOH A . 
D 4 HOH 9  149 9  HOH HOH A . 
D 4 HOH 10 150 10 HOH HOH A . 
D 4 HOH 11 151 11 HOH HOH A . 
D 4 HOH 12 152 12 HOH HOH A . 
D 4 HOH 13 153 13 HOH HOH A . 
D 4 HOH 14 154 14 HOH HOH A . 
D 4 HOH 15 155 15 HOH HOH A . 
D 4 HOH 16 156 16 HOH HOH A . 
D 4 HOH 17 157 17 HOH HOH A . 
D 4 HOH 18 158 18 HOH HOH A . 
D 4 HOH 19 159 19 HOH HOH A . 
D 4 HOH 20 160 20 HOH HOH A . 
D 4 HOH 21 161 21 HOH HOH A . 
D 4 HOH 22 162 22 HOH HOH A . 
D 4 HOH 23 163 23 HOH HOH A . 
D 4 HOH 24 164 24 HOH HOH A . 
D 4 HOH 25 165 25 HOH HOH A . 
D 4 HOH 26 166 26 HOH HOH A . 
D 4 HOH 27 167 27 HOH HOH A . 
D 4 HOH 28 168 28 HOH HOH A . 
D 4 HOH 29 169 29 HOH HOH A . 
D 4 HOH 30 170 30 HOH HOH A . 
D 4 HOH 31 171 31 HOH HOH A . 
D 4 HOH 32 172 32 HOH HOH A . 
D 4 HOH 33 173 33 HOH HOH A . 
D 4 HOH 34 174 34 HOH HOH A . 
D 4 HOH 35 175 35 HOH HOH A . 
D 4 HOH 36 176 36 HOH HOH A . 
D 4 HOH 37 177 37 HOH HOH A . 
D 4 HOH 38 178 38 HOH HOH A . 
D 4 HOH 39 179 39 HOH HOH A . 
D 4 HOH 40 180 40 HOH HOH A . 
D 4 HOH 41 181 41 HOH HOH A . 
D 4 HOH 42 182 42 HOH HOH A . 
D 4 HOH 43 183 43 HOH HOH A . 
D 4 HOH 44 184 44 HOH HOH A . 
D 4 HOH 45 185 45 HOH HOH A . 
D 4 HOH 46 186 46 HOH HOH A . 
D 4 HOH 47 187 47 HOH HOH A . 
D 4 HOH 48 188 48 HOH HOH A . 
D 4 HOH 49 189 49 HOH HOH A . 
D 4 HOH 50 190 50 HOH HOH A . 
D 4 HOH 51 191 51 HOH HOH A . 
D 4 HOH 52 192 52 HOH HOH A . 
D 4 HOH 53 193 53 HOH HOH A . 
D 4 HOH 54 194 54 HOH HOH A . 
D 4 HOH 55 195 55 HOH HOH A . 
D 4 HOH 56 196 56 HOH HOH A . 
D 4 HOH 57 197 57 HOH HOH A . 
D 4 HOH 58 198 58 HOH HOH A . 
D 4 HOH 59 199 59 HOH HOH A . 
D 4 HOH 60 200 60 HOH HOH A . 
D 4 HOH 61 201 61 HOH HOH A . 
D 4 HOH 62 202 62 HOH HOH A . 
D 4 HOH 63 203 63 HOH HOH A . 
D 4 HOH 64 204 64 HOH HOH A . 
D 4 HOH 65 205 65 HOH HOH A . 
D 4 HOH 66 206 66 HOH HOH A . 
D 4 HOH 67 207 67 HOH HOH A . 
D 4 HOH 68 208 68 HOH HOH A . 
D 4 HOH 69 209 69 HOH HOH A . 
D 4 HOH 70 210 70 HOH HOH A . 
D 4 HOH 71 211 71 HOH HOH A . 
D 4 HOH 72 212 72 HOH HOH A . 
D 4 HOH 73 213 73 HOH HOH A . 
D 4 HOH 74 214 74 HOH HOH A . 
D 4 HOH 75 215 75 HOH HOH A . 
D 4 HOH 76 216 76 HOH HOH A . 
D 4 HOH 77 217 77 HOH HOH A . 
D 4 HOH 78 218 78 HOH HOH A . 
D 4 HOH 79 219 79 HOH HOH A . 
D 4 HOH 80 220 80 HOH HOH A . 
D 4 HOH 81 221 81 HOH HOH A . 
D 4 HOH 82 222 82 HOH HOH A . 
D 4 HOH 83 223 83 HOH HOH A . 
D 4 HOH 84 224 84 HOH HOH A . 
D 4 HOH 85 225 85 HOH HOH A . 
D 4 HOH 86 226 86 HOH HOH A . 
D 4 HOH 87 227 86 HOH HOH A . 
D 4 HOH 88 228 88 HOH HOH A . 
# 
loop_
_software.name 
_software.classification 
_software.version 
_software.citation_id 
_software.pdbx_ordinal 
SBC-Collect 'data collection' .        ? 1  
HKL-3000    'data collection' .        ? 2  
HKL-3000    phasing           .        ? 3  
MLPHARE     phasing           .        ? 4  
DM          'model building'  .        ? 5  
SHELXD      phasing           .        ? 6  
RESOLVE     'model building'  .        ? 7  
Coot        'model building'  .        ? 8  
REFMAC      refinement        5.5.0053 ? 9  
HKL-3000    'data reduction'  .        ? 10 
HKL-3000    'data scaling'    .        ? 11 
DM          phasing           .        ? 12 
RESOLVE     phasing           .        ? 13 
# 
_cell.entry_id           3EC6 
_cell.length_a           65.123 
_cell.length_b           48.898 
_cell.length_c           51.066 
_cell.angle_alpha        90.00 
_cell.angle_beta         126.05 
_cell.angle_gamma        90.00 
_cell.Z_PDB              4 
_cell.pdbx_unique_axis   ? 
_cell.length_a_esd       ? 
_cell.length_b_esd       ? 
_cell.length_c_esd       ? 
_cell.angle_alpha_esd    ? 
_cell.angle_beta_esd     ? 
_cell.angle_gamma_esd    ? 
# 
_symmetry.entry_id                         3EC6 
_symmetry.space_group_name_H-M             'C 1 2 1' 
_symmetry.pdbx_full_space_group_name_H-M   ? 
_symmetry.cell_setting                     ? 
_symmetry.Int_Tables_number                5 
_symmetry.space_group_name_Hall            ? 
# 
_exptl.entry_id          3EC6 
_exptl.method            'X-RAY DIFFRACTION' 
_exptl.crystals_number   1 
# 
_exptl_crystal.id                    1 
_exptl_crystal.density_meas          ? 
_exptl_crystal.density_Matthews      2.02 
_exptl_crystal.density_percent_sol   39.05 
_exptl_crystal.description           ? 
_exptl_crystal.F_000                 ? 
_exptl_crystal.preparation           ? 
# 
_exptl_crystal_grow.crystal_id      1 
_exptl_crystal_grow.method          'VAPOR DIFFUSION, HANGING DROP' 
_exptl_crystal_grow.temp            295 
_exptl_crystal_grow.temp_details    ? 
_exptl_crystal_grow.pH              9.2 
_exptl_crystal_grow.pdbx_details    '0.1M Hampton PH9.2, 2.8M NH4SO4, VAPOR DIFFUSION, HANGING DROP, temperature 295K' 
_exptl_crystal_grow.pdbx_pH_range   . 
# 
_diffrn.id                     1 
_diffrn.ambient_temp           100 
_diffrn.ambient_temp_details   ? 
_diffrn.crystal_id             1 
# 
_diffrn_detector.diffrn_id              1 
_diffrn_detector.detector               CCD 
_diffrn_detector.type                   SBC-3 
_diffrn_detector.pdbx_collection_date   2008-04-19 
_diffrn_detector.details                mirrors 
# 
_diffrn_radiation.diffrn_id                        1 
_diffrn_radiation.wavelength_id                    1 
_diffrn_radiation.pdbx_monochromatic_or_laue_m_l   M 
_diffrn_radiation.monochromator                    'double crystal monochromator' 
_diffrn_radiation.pdbx_diffrn_protocol             'SINGLE WAVELENGTH' 
_diffrn_radiation.pdbx_scattering_type             x-ray 
# 
_diffrn_radiation_wavelength.id           1 
_diffrn_radiation_wavelength.wavelength   0.9793 
_diffrn_radiation_wavelength.wt           1.0 
# 
_diffrn_source.diffrn_id                   1 
_diffrn_source.source                      SYNCHROTRON 
_diffrn_source.type                        'APS BEAMLINE 19-BM' 
_diffrn_source.pdbx_synchrotron_site       APS 
_diffrn_source.pdbx_synchrotron_beamline   19-BM 
_diffrn_source.pdbx_wavelength             ? 
_diffrn_source.pdbx_wavelength_list        0.9793 
# 
_reflns.entry_id                     3EC6 
_reflns.observed_criterion_sigma_I   0.0 
_reflns.observed_criterion_sigma_F   0.0 
_reflns.d_resolution_low             41.27 
_reflns.d_resolution_high            1.6 
_reflns.number_obs                   16512 
_reflns.number_all                   16512 
_reflns.percent_possible_obs         96.2 
_reflns.pdbx_Rmerge_I_obs            0.070 
_reflns.pdbx_Rsym_value              ? 
_reflns.B_iso_Wilson_estimate        16.02 
_reflns.pdbx_redundancy              3.7 
_reflns.R_free_details               ? 
_reflns.limit_h_max                  ? 
_reflns.limit_h_min                  ? 
_reflns.limit_k_max                  ? 
_reflns.limit_k_min                  ? 
_reflns.limit_l_max                  ? 
_reflns.limit_l_min                  ? 
_reflns.observed_criterion_F_max     ? 
_reflns.observed_criterion_F_min     ? 
_reflns.pdbx_chi_squared             ? 
_reflns.pdbx_scaling_rejects         ? 
_reflns.pdbx_netI_over_sigmaI        ? 
_reflns.pdbx_ordinal                 1 
_reflns.pdbx_diffrn_id               1 
# 
_reflns_shell.d_res_high             1.6 
_reflns_shell.d_res_low              1.63 
_reflns_shell.percent_possible_all   71.4 
_reflns_shell.Rmerge_I_obs           0.276 
_reflns_shell.pdbx_Rsym_value        ? 
_reflns_shell.meanI_over_sigI_obs    2.5 
_reflns_shell.pdbx_redundancy        2.1 
_reflns_shell.percent_possible_obs   ? 
_reflns_shell.number_unique_all      608 
_reflns_shell.number_measured_all    ? 
_reflns_shell.number_measured_obs    ? 
_reflns_shell.number_unique_obs      ? 
_reflns_shell.pdbx_chi_squared       ? 
_reflns_shell.pdbx_ordinal           1 
_reflns_shell.pdbx_diffrn_id         1 
# 
_refine.entry_id                                 3EC6 
_refine.ls_number_reflns_obs                     15664 
_refine.ls_number_reflns_all                     15664 
_refine.pdbx_ls_sigma_I                          0.0 
_refine.pdbx_ls_sigma_F                          0.0 
_refine.pdbx_data_cutoff_high_absF               ? 
_refine.pdbx_data_cutoff_low_absF                ? 
_refine.pdbx_data_cutoff_high_rms_absF           ? 
_refine.ls_d_res_low                             26.32 
_refine.ls_d_res_high                            1.60 
_refine.ls_percent_reflns_obs                    96.04 
_refine.ls_R_factor_obs                          0.188 
_refine.ls_R_factor_all                          0.188 
_refine.ls_R_factor_R_work                       0.186 
_refine.ls_R_factor_R_free                       0.227 
_refine.ls_R_factor_R_free_error                 ? 
_refine.ls_R_factor_R_free_error_details         ? 
_refine.ls_percent_reflns_R_free                 5.1 
_refine.ls_number_reflns_R_free                  840 
_refine.ls_number_parameters                     ? 
_refine.ls_number_restraints                     ? 
_refine.occupancy_min                            ? 
_refine.occupancy_max                            ? 
_refine.correlation_coeff_Fo_to_Fc               0.954 
_refine.correlation_coeff_Fo_to_Fc_free          0.933 
_refine.B_iso_mean                               16.335 
_refine.aniso_B[1][1]                            -0.01 
_refine.aniso_B[2][2]                            0.23 
_refine.aniso_B[3][3]                            -0.32 
_refine.aniso_B[1][2]                            0.00 
_refine.aniso_B[1][3]                            -0.09 
_refine.aniso_B[2][3]                            0.00 
_refine.solvent_model_details                    MASK 
_refine.solvent_model_param_ksol                 ? 
_refine.solvent_model_param_bsol                 ? 
_refine.pdbx_solvent_vdw_probe_radii             1.20 
_refine.pdbx_solvent_ion_probe_radii             0.80 
_refine.pdbx_solvent_shrinkage_radii             0.80 
_refine.pdbx_ls_cross_valid_method               THROUGHOUT 
_refine.details                                  ? 
_refine.pdbx_starting_model                      ? 
_refine.pdbx_method_to_determine_struct          SAD 
_refine.pdbx_isotropic_thermal_model             ? 
_refine.pdbx_stereochemistry_target_values       'MAXIMUM LIKELIHOOD WITH PHASES' 
_refine.pdbx_stereochem_target_val_spec_case     ? 
_refine.pdbx_R_Free_selection_details            RANDOM 
_refine.pdbx_overall_ESU_R                       0.108 
_refine.pdbx_overall_ESU_R_Free                  0.108 
_refine.overall_SU_ML                            0.066 
_refine.overall_SU_B                             3.780 
_refine.ls_redundancy_reflns_obs                 ? 
_refine.B_iso_min                                ? 
_refine.B_iso_max                                ? 
_refine.overall_SU_R_Cruickshank_DPI             ? 
_refine.overall_SU_R_free                        ? 
_refine.ls_wR_factor_R_free                      ? 
_refine.ls_wR_factor_R_work                      ? 
_refine.overall_FOM_free_R_set                   ? 
_refine.overall_FOM_work_R_set                   ? 
_refine.pdbx_overall_phase_error                 ? 
_refine.pdbx_refine_id                           'X-RAY DIFFRACTION' 
_refine.pdbx_TLS_residual_ADP_flag               'LIKELY RESIDUAL' 
_refine.pdbx_diffrn_id                           1 
_refine.pdbx_overall_SU_R_free_Cruickshank_DPI   ? 
_refine.pdbx_overall_SU_R_Blow_DPI               ? 
_refine.pdbx_overall_SU_R_free_Blow_DPI          ? 
# 
_refine_hist.pdbx_refine_id                   'X-RAY DIFFRACTION' 
_refine_hist.cycle_id                         LAST 
_refine_hist.pdbx_number_atoms_protein        1076 
_refine_hist.pdbx_number_atoms_nucleic_acid   0 
_refine_hist.pdbx_number_atoms_ligand         58 
_refine_hist.number_atoms_solvent             88 
_refine_hist.number_atoms_total               1222 
_refine_hist.d_res_high                       1.60 
_refine_hist.d_res_low                        26.32 
# 
loop_
_refine_ls_restr.type 
_refine_ls_restr.dev_ideal 
_refine_ls_restr.dev_ideal_target 
_refine_ls_restr.weight 
_refine_ls_restr.number 
_refine_ls_restr.pdbx_refine_id 
_refine_ls_restr.pdbx_restraint_function 
r_bond_refined_d             0.018  0.022  ? 1250 'X-RAY DIFFRACTION' ? 
r_bond_other_d               ?      ?      ? ?    'X-RAY DIFFRACTION' ? 
r_angle_refined_deg          1.842  2.015  ? 1715 'X-RAY DIFFRACTION' ? 
r_angle_other_deg            ?      ?      ? ?    'X-RAY DIFFRACTION' ? 
r_dihedral_angle_1_deg       6.194  5.000  ? 146  'X-RAY DIFFRACTION' ? 
r_dihedral_angle_2_deg       38.573 24.355 ? 62   'X-RAY DIFFRACTION' ? 
r_dihedral_angle_3_deg       15.228 15.000 ? 220  'X-RAY DIFFRACTION' ? 
r_dihedral_angle_4_deg       18.292 15.000 ? 9    'X-RAY DIFFRACTION' ? 
r_chiral_restr               0.136  0.200  ? 184  'X-RAY DIFFRACTION' ? 
r_gen_planes_refined         0.009  0.021  ? 951  'X-RAY DIFFRACTION' ? 
r_gen_planes_other           ?      ?      ? ?    'X-RAY DIFFRACTION' ? 
r_nbd_refined                ?      ?      ? ?    'X-RAY DIFFRACTION' ? 
r_nbd_other                  ?      ?      ? ?    'X-RAY DIFFRACTION' ? 
r_nbtor_refined              ?      ?      ? ?    'X-RAY DIFFRACTION' ? 
r_nbtor_other                ?      ?      ? ?    'X-RAY DIFFRACTION' ? 
r_xyhbond_nbd_refined        ?      ?      ? ?    'X-RAY DIFFRACTION' ? 
r_xyhbond_nbd_other          ?      ?      ? ?    'X-RAY DIFFRACTION' ? 
r_metal_ion_refined          ?      ?      ? ?    'X-RAY DIFFRACTION' ? 
r_metal_ion_other            ?      ?      ? ?    'X-RAY DIFFRACTION' ? 
r_symmetry_vdw_refined       ?      ?      ? ?    'X-RAY DIFFRACTION' ? 
r_symmetry_vdw_other         ?      ?      ? ?    'X-RAY DIFFRACTION' ? 
r_symmetry_hbond_refined     ?      ?      ? ?    'X-RAY DIFFRACTION' ? 
r_symmetry_hbond_other       ?      ?      ? ?    'X-RAY DIFFRACTION' ? 
r_symmetry_metal_ion_refined ?      ?      ? ?    'X-RAY DIFFRACTION' ? 
r_symmetry_metal_ion_other   ?      ?      ? ?    'X-RAY DIFFRACTION' ? 
r_mcbond_it                  1.215  1.500  ? 704  'X-RAY DIFFRACTION' ? 
r_mcbond_other               ?      ?      ? ?    'X-RAY DIFFRACTION' ? 
r_mcangle_it                 2.112  2.000  ? 1163 'X-RAY DIFFRACTION' ? 
r_scbond_it                  2.934  3.000  ? 546  'X-RAY DIFFRACTION' ? 
r_scangle_it                 4.588  4.500  ? 552  'X-RAY DIFFRACTION' ? 
r_rigid_bond_restr           ?      ?      ? ?    'X-RAY DIFFRACTION' ? 
r_sphericity_free            ?      ?      ? ?    'X-RAY DIFFRACTION' ? 
r_sphericity_bonded          ?      ?      ? ?    'X-RAY DIFFRACTION' ? 
# 
_refine_ls_shell.pdbx_total_number_of_bins_used   20 
_refine_ls_shell.d_res_high                       1.60 
_refine_ls_shell.d_res_low                        1.643 
_refine_ls_shell.number_reflns_R_work             856 
_refine_ls_shell.R_factor_R_work                  0.287 
_refine_ls_shell.percent_reflns_obs               70.69 
_refine_ls_shell.R_factor_R_free                  0.359 
_refine_ls_shell.R_factor_R_free_error            ? 
_refine_ls_shell.percent_reflns_R_free            ? 
_refine_ls_shell.number_reflns_R_free             46 
_refine_ls_shell.number_reflns_all                ? 
_refine_ls_shell.R_factor_all                     ? 
_refine_ls_shell.number_reflns_obs                902 
_refine_ls_shell.redundancy_reflns_obs            ? 
_refine_ls_shell.pdbx_refine_id                   'X-RAY DIFFRACTION' 
# 
_struct.entry_id                  3EC6 
_struct.title                     'Crystal structure of the General Stress Protein 26 from Bacillus anthracis str. Sterne' 
_struct.pdbx_model_details        ? 
_struct.pdbx_CASP_flag            N 
_struct.pdbx_model_type_details   ? 
# 
_struct_keywords.entry_id        3EC6 
_struct_keywords.pdbx_keywords   'Structural Genomics, Unknown Function' 
_struct_keywords.text            
;alpha-beta structure, structural genomics of NIAID, Structural Genomics of National Institute of Allergy and Infectious Diseases, Center for Structural Genomics of Infectious Diseases, CSGID, Structural Genomics, Unknown Function
;
# 
loop_
_struct_asym.id 
_struct_asym.pdbx_blank_PDB_chainid_flag 
_struct_asym.pdbx_modified 
_struct_asym.entity_id 
_struct_asym.details 
A N N 1 ? 
B N N 2 ? 
C N N 3 ? 
D N N 4 ? 
# 
_struct_ref.id                         1 
_struct_ref.db_name                    UNP 
_struct_ref.db_code                    Q81Z55_BACAN 
_struct_ref.pdbx_db_accession          Q81Z55 
_struct_ref.entity_id                  1 
_struct_ref.pdbx_seq_one_letter_code   
;MHLKEKITTIIQGQRTGVLSTVRNDKPHSAFMMFFHEDFVLYVATDRQSKKITDIENNPNVHVLLGREGKKLDEDYIEVE
GLASIEEDSTLKNKFWNNSLKRWLLRPEDPNYVLIKINPDTIYYIDGAGTTEPEFLRL
;
_struct_ref.pdbx_align_begin           1 
_struct_ref.pdbx_db_isoform            ? 
# 
_struct_ref_seq.align_id                      1 
_struct_ref_seq.ref_id                        1 
_struct_ref_seq.pdbx_PDB_id_code              3EC6 
_struct_ref_seq.pdbx_strand_id                A 
_struct_ref_seq.seq_align_beg                 2 
_struct_ref_seq.pdbx_seq_align_beg_ins_code   ? 
_struct_ref_seq.seq_align_end                 139 
_struct_ref_seq.pdbx_seq_align_end_ins_code   ? 
_struct_ref_seq.pdbx_db_accession             Q81Z55 
_struct_ref_seq.db_align_beg                  1 
_struct_ref_seq.pdbx_db_align_beg_ins_code    ? 
_struct_ref_seq.db_align_end                  138 
_struct_ref_seq.pdbx_db_align_end_ins_code    ? 
_struct_ref_seq.pdbx_auth_seq_align_beg       1 
_struct_ref_seq.pdbx_auth_seq_align_end       138 
# 
_struct_ref_seq_dif.align_id                     1 
_struct_ref_seq_dif.pdbx_pdb_id_code             3EC6 
_struct_ref_seq_dif.mon_id                       GLY 
_struct_ref_seq_dif.pdbx_pdb_strand_id           A 
_struct_ref_seq_dif.seq_num                      1 
_struct_ref_seq_dif.pdbx_pdb_ins_code            ? 
_struct_ref_seq_dif.pdbx_seq_db_name             UNP 
_struct_ref_seq_dif.pdbx_seq_db_accession_code   Q81Z55 
_struct_ref_seq_dif.db_mon_id                    ? 
_struct_ref_seq_dif.pdbx_seq_db_seq_num          ? 
_struct_ref_seq_dif.details                      'expression tag' 
_struct_ref_seq_dif.pdbx_auth_seq_num            0 
_struct_ref_seq_dif.pdbx_ordinal                 1 
# 
_pdbx_struct_assembly.id                   1 
_pdbx_struct_assembly.details              author_and_software_defined_assembly 
_pdbx_struct_assembly.method_details       PISA 
_pdbx_struct_assembly.oligomeric_details   dimeric 
_pdbx_struct_assembly.oligomeric_count     2 
# 
loop_
_pdbx_struct_assembly_prop.biol_id 
_pdbx_struct_assembly_prop.type 
_pdbx_struct_assembly_prop.value 
_pdbx_struct_assembly_prop.details 
1 'ABSA (A^2)' 2230  ? 
1 MORE         -14   ? 
1 'SSA (A^2)'  13460 ? 
# 
_pdbx_struct_assembly_gen.assembly_id       1 
_pdbx_struct_assembly_gen.oper_expression   1,2 
_pdbx_struct_assembly_gen.asym_id_list      A,B,C,D 
# 
loop_
_pdbx_struct_oper_list.id 
_pdbx_struct_oper_list.type 
_pdbx_struct_oper_list.name 
_pdbx_struct_oper_list.symmetry_operation 
_pdbx_struct_oper_list.matrix[1][1] 
_pdbx_struct_oper_list.matrix[1][2] 
_pdbx_struct_oper_list.matrix[1][3] 
_pdbx_struct_oper_list.vector[1] 
_pdbx_struct_oper_list.matrix[2][1] 
_pdbx_struct_oper_list.matrix[2][2] 
_pdbx_struct_oper_list.matrix[2][3] 
_pdbx_struct_oper_list.vector[2] 
_pdbx_struct_oper_list.matrix[3][1] 
_pdbx_struct_oper_list.matrix[3][2] 
_pdbx_struct_oper_list.matrix[3][3] 
_pdbx_struct_oper_list.vector[3] 
1 'identity operation'         1_555 x,y,z     1.0000000000 0.0000000000 0.0000000000  0.0000000000  0.0000000000 1.0000000000  0.0000000000  0.0000000000   0.0000000000  0.0000000000  1.0000000000  0.0000000000 
2 'crystal symmetry operation' 2_556 -x,y,-z+1 0.2054831073 0.9599356893 -0.1905260217 14.8504268996 0.9599356893 -0.2355956529 -0.1517173711 -17.9689333813 -0.1905260217 -0.1517173711 -0.9698874545 3.4269246089 
# 
_struct_biol.id        1 
_struct_biol.details   ? 
# 
loop_
_struct_conf.conf_type_id 
_struct_conf.id 
_struct_conf.pdbx_PDB_helix_id 
_struct_conf.beg_label_comp_id 
_struct_conf.beg_label_asym_id 
_struct_conf.beg_label_seq_id 
_struct_conf.pdbx_beg_PDB_ins_code 
_struct_conf.end_label_comp_id 
_struct_conf.end_label_asym_id 
_struct_conf.end_label_seq_id 
_struct_conf.pdbx_end_PDB_ins_code 
_struct_conf.beg_auth_comp_id 
_struct_conf.beg_auth_asym_id 
_struct_conf.beg_auth_seq_id 
_struct_conf.end_auth_comp_id 
_struct_conf.end_auth_asym_id 
_struct_conf.end_auth_seq_id 
_struct_conf.pdbx_PDB_helix_class 
_struct_conf.details 
_struct_conf.pdbx_PDB_helix_length 
HELX_P HELX_P1 1 HIS A 3  ? GLY A 14  ? HIS A 2  GLY A 13  1 ? 12 
HELX_P HELX_P2 2 SER A 50 ? ASN A 59  ? SER A 49 ASN A 58  1 ? 10 
HELX_P HELX_P3 3 ASP A 89 ? TRP A 97  ? ASP A 88 TRP A 96  1 ? 9  
HELX_P HELX_P4 4 ASN A 98 ? TRP A 104 ? ASN A 97 TRP A 103 5 ? 7  
# 
_struct_conf_type.id          HELX_P 
_struct_conf_type.criteria    ? 
_struct_conf_type.reference   ? 
# 
loop_
_struct_conn.id 
_struct_conn.conn_type_id 
_struct_conn.pdbx_leaving_atom_flag 
_struct_conn.pdbx_PDB_id 
_struct_conn.ptnr1_label_asym_id 
_struct_conn.ptnr1_label_comp_id 
_struct_conn.ptnr1_label_seq_id 
_struct_conn.ptnr1_label_atom_id 
_struct_conn.pdbx_ptnr1_label_alt_id 
_struct_conn.pdbx_ptnr1_PDB_ins_code 
_struct_conn.pdbx_ptnr1_standard_comp_id 
_struct_conn.ptnr1_symmetry 
_struct_conn.ptnr2_label_asym_id 
_struct_conn.ptnr2_label_comp_id 
_struct_conn.ptnr2_label_seq_id 
_struct_conn.ptnr2_label_atom_id 
_struct_conn.pdbx_ptnr2_label_alt_id 
_struct_conn.pdbx_ptnr2_PDB_ins_code 
_struct_conn.ptnr1_auth_asym_id 
_struct_conn.ptnr1_auth_comp_id 
_struct_conn.ptnr1_auth_seq_id 
_struct_conn.ptnr2_auth_asym_id 
_struct_conn.ptnr2_auth_comp_id 
_struct_conn.ptnr2_auth_seq_id 
_struct_conn.ptnr2_symmetry 
_struct_conn.pdbx_ptnr3_label_atom_id 
_struct_conn.pdbx_ptnr3_label_seq_id 
_struct_conn.pdbx_ptnr3_label_comp_id 
_struct_conn.pdbx_ptnr3_label_asym_id 
_struct_conn.pdbx_ptnr3_label_alt_id 
_struct_conn.pdbx_ptnr3_PDB_ins_code 
_struct_conn.details 
_struct_conn.pdbx_dist_value 
_struct_conn.pdbx_value_order 
_struct_conn.pdbx_role 
covale1 covale both ? A MSE 2  C ? ? ? 1_555 A HIS 3  N ? ? A MSE 1  A HIS 2  1_555 ? ? ? ? ? ? ? 1.347 ? ? 
covale2 covale both ? A PHE 32 C ? ? ? 1_555 A MSE 33 N ? ? A PHE 31 A MSE 32 1_555 ? ? ? ? ? ? ? 1.327 ? ? 
covale3 covale both ? A MSE 33 C ? ? ? 1_555 A MSE 34 N ? ? A MSE 32 A MSE 33 1_555 ? ? ? ? ? ? ? 1.337 ? ? 
covale4 covale both ? A MSE 34 C ? ? ? 1_555 A PHE 35 N ? ? A MSE 33 A PHE 34 1_555 ? ? ? ? ? ? ? 1.326 ? ? 
# 
_struct_conn_type.id          covale 
_struct_conn_type.criteria    ? 
_struct_conn_type.reference   ? 
# 
loop_
_pdbx_modification_feature.ordinal 
_pdbx_modification_feature.label_comp_id 
_pdbx_modification_feature.label_asym_id 
_pdbx_modification_feature.label_seq_id 
_pdbx_modification_feature.label_alt_id 
_pdbx_modification_feature.modified_residue_label_comp_id 
_pdbx_modification_feature.modified_residue_label_asym_id 
_pdbx_modification_feature.modified_residue_label_seq_id 
_pdbx_modification_feature.modified_residue_label_alt_id 
_pdbx_modification_feature.auth_comp_id 
_pdbx_modification_feature.auth_asym_id 
_pdbx_modification_feature.auth_seq_id 
_pdbx_modification_feature.PDB_ins_code 
_pdbx_modification_feature.symmetry 
_pdbx_modification_feature.modified_residue_auth_comp_id 
_pdbx_modification_feature.modified_residue_auth_asym_id 
_pdbx_modification_feature.modified_residue_auth_seq_id 
_pdbx_modification_feature.modified_residue_PDB_ins_code 
_pdbx_modification_feature.modified_residue_symmetry 
_pdbx_modification_feature.comp_id_linking_atom 
_pdbx_modification_feature.modified_residue_id_linking_atom 
_pdbx_modification_feature.modified_residue_id 
_pdbx_modification_feature.ref_pcm_id 
_pdbx_modification_feature.ref_comp_id 
_pdbx_modification_feature.type 
_pdbx_modification_feature.category 
1 MSE A 2  ? . . . . MSE A 1  ? 1_555 . . . . . . . MET 1 MSE Selenomethionine 'Named protein modification' 
2 MSE A 33 ? . . . . MSE A 32 ? 1_555 . . . . . . . MET 1 MSE Selenomethionine 'Named protein modification' 
3 MSE A 34 ? . . . . MSE A 33 ? 1_555 . . . . . . . MET 1 MSE Selenomethionine 'Named protein modification' 
# 
loop_
_struct_sheet.id 
_struct_sheet.type 
_struct_sheet.number_strands 
_struct_sheet.details 
A ? 7 ? 
B ? 6 ? 
# 
loop_
_struct_sheet_order.sheet_id 
_struct_sheet_order.range_id_1 
_struct_sheet_order.range_id_2 
_struct_sheet_order.offset 
_struct_sheet_order.sense 
A 1 2 ? anti-parallel 
A 2 3 ? anti-parallel 
A 3 4 ? anti-parallel 
A 4 5 ? anti-parallel 
A 5 6 ? anti-parallel 
A 6 7 ? anti-parallel 
B 1 2 ? anti-parallel 
B 2 3 ? anti-parallel 
B 3 4 ? anti-parallel 
B 4 5 ? anti-parallel 
B 5 6 ? anti-parallel 
# 
loop_
_struct_sheet_range.sheet_id 
_struct_sheet_range.id 
_struct_sheet_range.beg_label_comp_id 
_struct_sheet_range.beg_label_asym_id 
_struct_sheet_range.beg_label_seq_id 
_struct_sheet_range.pdbx_beg_PDB_ins_code 
_struct_sheet_range.end_label_comp_id 
_struct_sheet_range.end_label_asym_id 
_struct_sheet_range.end_label_seq_id 
_struct_sheet_range.pdbx_end_PDB_ins_code 
_struct_sheet_range.beg_auth_comp_id 
_struct_sheet_range.beg_auth_asym_id 
_struct_sheet_range.beg_auth_seq_id 
_struct_sheet_range.end_auth_comp_id 
_struct_sheet_range.end_auth_asym_id 
_struct_sheet_range.end_auth_seq_id 
A 1 LYS A 27  ? MSE A 34  ? LYS A 26  MSE A 33  
A 2 THR A 17  ? ARG A 24  ? THR A 16  ARG A 23  
A 3 ASN A 61  ? LEU A 66  ? ASN A 60  LEU A 65  
A 4 TYR A 77  ? GLU A 87  ? TYR A 76  GLU A 86  
A 5 TYR A 113 ? ILE A 126 ? TYR A 112 ILE A 125 
A 6 VAL A 41  ? ASP A 47  ? VAL A 40  ASP A 46  
A 7 PHE A 36  ? GLU A 38  ? PHE A 35  GLU A 37  
B 1 LYS A 27  ? MSE A 34  ? LYS A 26  MSE A 33  
B 2 THR A 17  ? ARG A 24  ? THR A 16  ARG A 23  
B 3 ASN A 61  ? LEU A 66  ? ASN A 60  LEU A 65  
B 4 TYR A 77  ? GLU A 87  ? TYR A 76  GLU A 86  
B 5 TYR A 113 ? ILE A 126 ? TYR A 112 ILE A 125 
B 6 GLU A 135 ? ARG A 138 ? GLU A 134 ARG A 137 
# 
loop_
_pdbx_struct_sheet_hbond.sheet_id 
_pdbx_struct_sheet_hbond.range_id_1 
_pdbx_struct_sheet_hbond.range_id_2 
_pdbx_struct_sheet_hbond.range_1_label_atom_id 
_pdbx_struct_sheet_hbond.range_1_label_comp_id 
_pdbx_struct_sheet_hbond.range_1_label_asym_id 
_pdbx_struct_sheet_hbond.range_1_label_seq_id 
_pdbx_struct_sheet_hbond.range_1_PDB_ins_code 
_pdbx_struct_sheet_hbond.range_1_auth_atom_id 
_pdbx_struct_sheet_hbond.range_1_auth_comp_id 
_pdbx_struct_sheet_hbond.range_1_auth_asym_id 
_pdbx_struct_sheet_hbond.range_1_auth_seq_id 
_pdbx_struct_sheet_hbond.range_2_label_atom_id 
_pdbx_struct_sheet_hbond.range_2_label_comp_id 
_pdbx_struct_sheet_hbond.range_2_label_asym_id 
_pdbx_struct_sheet_hbond.range_2_label_seq_id 
_pdbx_struct_sheet_hbond.range_2_PDB_ins_code 
_pdbx_struct_sheet_hbond.range_2_auth_atom_id 
_pdbx_struct_sheet_hbond.range_2_auth_comp_id 
_pdbx_struct_sheet_hbond.range_2_auth_asym_id 
_pdbx_struct_sheet_hbond.range_2_auth_seq_id 
A 1 2 O LYS A 27  ? O LYS A 26  N ARG A 24  ? N ARG A 23  
A 2 3 N SER A 21  ? N SER A 20  O HIS A 63  ? O HIS A 62  
A 3 4 N VAL A 62  ? N VAL A 61  O GLY A 82  ? O GLY A 81  
A 4 5 N TYR A 77  ? N TYR A 76  O ILE A 126 ? O ILE A 125 
A 5 6 O ILE A 116 ? O ILE A 115 N VAL A 44  ? N VAL A 43  
A 6 7 O TYR A 43  ? O TYR A 42  N PHE A 36  ? N PHE A 35  
B 1 2 O LYS A 27  ? O LYS A 26  N ARG A 24  ? N ARG A 23  
B 2 3 N SER A 21  ? N SER A 20  O HIS A 63  ? O HIS A 62  
B 3 4 N VAL A 62  ? N VAL A 61  O GLY A 82  ? O GLY A 81  
B 4 5 N TYR A 77  ? N TYR A 76  O ILE A 126 ? O ILE A 125 
B 5 6 N TYR A 125 ? N TYR A 124 O GLU A 135 ? O GLU A 134 
# 
loop_
_struct_site.id 
_struct_site.pdbx_evidence_code 
_struct_site.pdbx_auth_asym_id 
_struct_site.pdbx_auth_comp_id 
_struct_site.pdbx_auth_seq_id 
_struct_site.pdbx_auth_ins_code 
_struct_site.pdbx_num_residues 
_struct_site.details 
AC1 Software A FAD 139 ? 24 'BINDING SITE FOR RESIDUE FAD A 139' 
AC2 Software A SO4 140 ? 4  'BINDING SITE FOR RESIDUE SO4 A 140' 
# 
loop_
_struct_site_gen.id 
_struct_site_gen.site_id 
_struct_site_gen.pdbx_num_res 
_struct_site_gen.label_comp_id 
_struct_site_gen.label_asym_id 
_struct_site_gen.label_seq_id 
_struct_site_gen.pdbx_auth_ins_code 
_struct_site_gen.auth_comp_id 
_struct_site_gen.auth_asym_id 
_struct_site_gen.auth_seq_id 
_struct_site_gen.label_atom_id 
_struct_site_gen.label_alt_id 
_struct_site_gen.symmetry 
_struct_site_gen.details 
1  AC1 24 THR A 17  ? THR A 16  . ? 2_556 ? 
2  AC1 24 ARG A 24  ? ARG A 23  . ? 2_556 ? 
3  AC1 24 HIS A 29  ? HIS A 28  . ? 2_556 ? 
4  AC1 24 PHE A 32  ? PHE A 31  . ? 2_556 ? 
5  AC1 24 ALA A 45  ? ALA A 44  . ? 2_556 ? 
6  AC1 24 THR A 46  ? THR A 45  . ? 2_556 ? 
7  AC1 24 SER A 50  ? SER A 49  . ? 2_556 ? 
8  AC1 24 LYS A 51  ? LYS A 50  . ? 2_556 ? 
9  AC1 24 LYS A 52  ? LYS A 51  . ? 2_556 ? 
10 AC1 24 ARG A 68  ? ARG A 67  . ? 1_555 ? 
11 AC1 24 LEU A 73  ? LEU A 72  . ? 1_555 ? 
12 AC1 24 TYR A 77  ? TYR A 76  . ? 1_555 ? 
13 AC1 24 GLU A 79  ? GLU A 78  . ? 1_555 ? 
14 AC1 24 TRP A 104 ? TRP A 103 . ? 2_556 ? 
15 AC1 24 TYR A 124 ? TYR A 123 . ? 1_555 ? 
16 AC1 24 PRO A 134 ? PRO A 133 . ? 1_555 ? 
17 AC1 24 PHE A 136 ? PHE A 135 . ? 1_555 ? 
18 AC1 24 HOH D .   ? HOH A 142 . ? 2_556 ? 
19 AC1 24 HOH D .   ? HOH A 145 . ? 1_555 ? 
20 AC1 24 HOH D .   ? HOH A 158 . ? 2_556 ? 
21 AC1 24 HOH D .   ? HOH A 199 . ? 2_556 ? 
22 AC1 24 HOH D .   ? HOH A 204 . ? 1_555 ? 
23 AC1 24 HOH D .   ? HOH A 205 . ? 1_555 ? 
24 AC1 24 HOH D .   ? HOH A 216 . ? 1_555 ? 
25 AC2 4  SER A 100 ? SER A 99  . ? 1_555 ? 
26 AC2 4  ARG A 103 ? ARG A 102 . ? 1_555 ? 
27 AC2 4  ASN A 119 ? ASN A 118 . ? 4_546 ? 
28 AC2 4  HOH D .   ? HOH A 159 . ? 1_555 ? 
# 
_pdbx_entry_details.sequence_details           'THE CODE IDP01540 DOES NOT EXIST IN TARGETDB AT THE TIME OF PROCESSING.' 
_pdbx_entry_details.entry_id                   3EC6 
_pdbx_entry_details.compound_details           ? 
_pdbx_entry_details.source_details             ? 
_pdbx_entry_details.nonpolymer_details         ? 
_pdbx_entry_details.has_ligand_of_interest     ? 
_pdbx_entry_details.has_protein_modification   Y 
# 
_pdbx_validate_symm_contact.id                1 
_pdbx_validate_symm_contact.PDB_model_num     1 
_pdbx_validate_symm_contact.auth_atom_id_1    O 
_pdbx_validate_symm_contact.auth_asym_id_1    A 
_pdbx_validate_symm_contact.auth_comp_id_1    HOH 
_pdbx_validate_symm_contact.auth_seq_id_1     183 
_pdbx_validate_symm_contact.PDB_ins_code_1    ? 
_pdbx_validate_symm_contact.label_alt_id_1    ? 
_pdbx_validate_symm_contact.site_symmetry_1   1_555 
_pdbx_validate_symm_contact.auth_atom_id_2    O 
_pdbx_validate_symm_contact.auth_asym_id_2    A 
_pdbx_validate_symm_contact.auth_comp_id_2    HOH 
_pdbx_validate_symm_contact.auth_seq_id_2     209 
_pdbx_validate_symm_contact.PDB_ins_code_2    ? 
_pdbx_validate_symm_contact.label_alt_id_2    ? 
_pdbx_validate_symm_contact.site_symmetry_2   2_657 
_pdbx_validate_symm_contact.dist              2.10 
# 
_pdbx_validate_torsion.id              1 
_pdbx_validate_torsion.PDB_model_num   1 
_pdbx_validate_torsion.auth_comp_id    ASP 
_pdbx_validate_torsion.auth_asym_id    A 
_pdbx_validate_torsion.auth_seq_id     38 
_pdbx_validate_torsion.PDB_ins_code    ? 
_pdbx_validate_torsion.label_alt_id    ? 
_pdbx_validate_torsion.phi             52.28 
_pdbx_validate_torsion.psi             -125.42 
# 
_pdbx_SG_project.id                    1 
_pdbx_SG_project.project_name          ? 
_pdbx_SG_project.full_name_of_center   'Center for Structural Genomics of Infectious Diseases' 
_pdbx_SG_project.initial_of_center     CSGID 
# 
loop_
_pdbx_struct_mod_residue.id 
_pdbx_struct_mod_residue.label_asym_id 
_pdbx_struct_mod_residue.label_comp_id 
_pdbx_struct_mod_residue.label_seq_id 
_pdbx_struct_mod_residue.auth_asym_id 
_pdbx_struct_mod_residue.auth_comp_id 
_pdbx_struct_mod_residue.auth_seq_id 
_pdbx_struct_mod_residue.PDB_ins_code 
_pdbx_struct_mod_residue.parent_comp_id 
_pdbx_struct_mod_residue.details 
1 A MSE 2  A MSE 1  ? MET SELENOMETHIONINE 
2 A MSE 33 A MSE 32 ? MET SELENOMETHIONINE 
3 A MSE 34 A MSE 33 ? MET SELENOMETHIONINE 
# 
_pdbx_struct_special_symmetry.id              1 
_pdbx_struct_special_symmetry.PDB_model_num   1 
_pdbx_struct_special_symmetry.auth_asym_id    A 
_pdbx_struct_special_symmetry.auth_comp_id    HOH 
_pdbx_struct_special_symmetry.auth_seq_id     175 
_pdbx_struct_special_symmetry.PDB_ins_code    ? 
_pdbx_struct_special_symmetry.label_asym_id   D 
_pdbx_struct_special_symmetry.label_comp_id   HOH 
_pdbx_struct_special_symmetry.label_seq_id    . 
# 
_pdbx_refine_tls.id               1 
_pdbx_refine_tls.details          ? 
_pdbx_refine_tls.method           refined 
_pdbx_refine_tls.origin_x         -0.2359 
_pdbx_refine_tls.origin_y         -0.1207 
_pdbx_refine_tls.origin_z         0.2460 
_pdbx_refine_tls.T[1][1]          0.0186 
_pdbx_refine_tls.T[2][2]          0.0218 
_pdbx_refine_tls.T[3][3]          0.0200 
_pdbx_refine_tls.T[1][2]          -0.0014 
_pdbx_refine_tls.T[1][3]          -0.0112 
_pdbx_refine_tls.T[2][3]          0.0016 
_pdbx_refine_tls.L[1][1]          0.5372 
_pdbx_refine_tls.L[2][2]          0.6197 
_pdbx_refine_tls.L[3][3]          1.0053 
_pdbx_refine_tls.L[1][2]          -0.1297 
_pdbx_refine_tls.L[1][3]          -0.4504 
_pdbx_refine_tls.L[2][3]          0.3306 
_pdbx_refine_tls.S[1][1]          -0.0001 
_pdbx_refine_tls.S[1][2]          -0.0240 
_pdbx_refine_tls.S[1][3]          0.0106 
_pdbx_refine_tls.S[2][1]          -0.0572 
_pdbx_refine_tls.S[2][2]          0.0037 
_pdbx_refine_tls.S[2][3]          0.0400 
_pdbx_refine_tls.S[3][1]          -0.0007 
_pdbx_refine_tls.S[3][2]          -0.0808 
_pdbx_refine_tls.S[3][3]          -0.0037 
_pdbx_refine_tls.pdbx_refine_id   'X-RAY DIFFRACTION' 
# 
_pdbx_refine_tls_group.id                  1 
_pdbx_refine_tls_group.refine_tls_id       1 
_pdbx_refine_tls_group.beg_auth_asym_id    A 
_pdbx_refine_tls_group.beg_auth_seq_id     1 
_pdbx_refine_tls_group.beg_label_asym_id   A 
_pdbx_refine_tls_group.beg_label_seq_id    2 
_pdbx_refine_tls_group.end_auth_asym_id    A 
_pdbx_refine_tls_group.end_auth_seq_id     138 
_pdbx_refine_tls_group.end_label_asym_id   A 
_pdbx_refine_tls_group.end_label_seq_id    139 
_pdbx_refine_tls_group.selection           ? 
_pdbx_refine_tls_group.pdbx_refine_id      'X-RAY DIFFRACTION' 
_pdbx_refine_tls_group.selection_details   ? 
# 
loop_
_pdbx_unobs_or_zero_occ_residues.id 
_pdbx_unobs_or_zero_occ_residues.PDB_model_num 
_pdbx_unobs_or_zero_occ_residues.polymer_flag 
_pdbx_unobs_or_zero_occ_residues.occupancy_flag 
_pdbx_unobs_or_zero_occ_residues.auth_asym_id 
_pdbx_unobs_or_zero_occ_residues.auth_comp_id 
_pdbx_unobs_or_zero_occ_residues.auth_seq_id 
_pdbx_unobs_or_zero_occ_residues.PDB_ins_code 
_pdbx_unobs_or_zero_occ_residues.label_asym_id 
_pdbx_unobs_or_zero_occ_residues.label_comp_id 
_pdbx_unobs_or_zero_occ_residues.label_seq_id 
1  1 Y 1 A GLY 0   ? A GLY 1   
2  1 Y 1 A GLU 68  ? A GLU 69  
3  1 Y 1 A GLY 69  ? A GLY 70  
4  1 Y 1 A LYS 70  ? A LYS 71  
5  1 Y 1 A GLY 127 ? A GLY 128 
6  1 Y 1 A ALA 128 ? A ALA 129 
7  1 Y 1 A GLY 129 ? A GLY 130 
8  1 Y 1 A THR 130 ? A THR 131 
9  1 Y 1 A THR 131 ? A THR 132 
10 1 Y 1 A GLU 132 ? A GLU 133 
# 
loop_
_chem_comp_atom.comp_id 
_chem_comp_atom.atom_id 
_chem_comp_atom.type_symbol 
_chem_comp_atom.pdbx_aromatic_flag 
_chem_comp_atom.pdbx_stereo_config 
_chem_comp_atom.pdbx_ordinal 
ALA N      N  N N 1   
ALA CA     C  N S 2   
ALA C      C  N N 3   
ALA O      O  N N 4   
ALA CB     C  N N 5   
ALA OXT    O  N N 6   
ALA H      H  N N 7   
ALA H2     H  N N 8   
ALA HA     H  N N 9   
ALA HB1    H  N N 10  
ALA HB2    H  N N 11  
ALA HB3    H  N N 12  
ALA HXT    H  N N 13  
ARG N      N  N N 14  
ARG CA     C  N S 15  
ARG C      C  N N 16  
ARG O      O  N N 17  
ARG CB     C  N N 18  
ARG CG     C  N N 19  
ARG CD     C  N N 20  
ARG NE     N  N N 21  
ARG CZ     C  N N 22  
ARG NH1    N  N N 23  
ARG NH2    N  N N 24  
ARG OXT    O  N N 25  
ARG H      H  N N 26  
ARG H2     H  N N 27  
ARG HA     H  N N 28  
ARG HB2    H  N N 29  
ARG HB3    H  N N 30  
ARG HG2    H  N N 31  
ARG HG3    H  N N 32  
ARG HD2    H  N N 33  
ARG HD3    H  N N 34  
ARG HE     H  N N 35  
ARG HH11   H  N N 36  
ARG HH12   H  N N 37  
ARG HH21   H  N N 38  
ARG HH22   H  N N 39  
ARG HXT    H  N N 40  
ASN N      N  N N 41  
ASN CA     C  N S 42  
ASN C      C  N N 43  
ASN O      O  N N 44  
ASN CB     C  N N 45  
ASN CG     C  N N 46  
ASN OD1    O  N N 47  
ASN ND2    N  N N 48  
ASN OXT    O  N N 49  
ASN H      H  N N 50  
ASN H2     H  N N 51  
ASN HA     H  N N 52  
ASN HB2    H  N N 53  
ASN HB3    H  N N 54  
ASN HD21   H  N N 55  
ASN HD22   H  N N 56  
ASN HXT    H  N N 57  
ASP N      N  N N 58  
ASP CA     C  N S 59  
ASP C      C  N N 60  
ASP O      O  N N 61  
ASP CB     C  N N 62  
ASP CG     C  N N 63  
ASP OD1    O  N N 64  
ASP OD2    O  N N 65  
ASP OXT    O  N N 66  
ASP H      H  N N 67  
ASP H2     H  N N 68  
ASP HA     H  N N 69  
ASP HB2    H  N N 70  
ASP HB3    H  N N 71  
ASP HD2    H  N N 72  
ASP HXT    H  N N 73  
FAD PA     P  N R 74  
FAD O1A    O  N N 75  
FAD O2A    O  N N 76  
FAD O5B    O  N N 77  
FAD C5B    C  N N 78  
FAD C4B    C  N R 79  
FAD O4B    O  N N 80  
FAD C3B    C  N S 81  
FAD O3B    O  N N 82  
FAD C2B    C  N R 83  
FAD O2B    O  N N 84  
FAD C1B    C  N R 85  
FAD N9A    N  Y N 86  
FAD C8A    C  Y N 87  
FAD N7A    N  Y N 88  
FAD C5A    C  Y N 89  
FAD C6A    C  Y N 90  
FAD N6A    N  N N 91  
FAD N1A    N  Y N 92  
FAD C2A    C  Y N 93  
FAD N3A    N  Y N 94  
FAD C4A    C  Y N 95  
FAD N1     N  N N 96  
FAD C2     C  N N 97  
FAD O2     O  N N 98  
FAD N3     N  N N 99  
FAD C4     C  N N 100 
FAD O4     O  N N 101 
FAD C4X    C  N N 102 
FAD N5     N  N N 103 
FAD C5X    C  Y N 104 
FAD C6     C  Y N 105 
FAD C7     C  Y N 106 
FAD C7M    C  N N 107 
FAD C8     C  Y N 108 
FAD C8M    C  N N 109 
FAD C9     C  Y N 110 
FAD C9A    C  Y N 111 
FAD N10    N  N N 112 
FAD C10    C  N N 113 
FAD "C1'"  C  N N 114 
FAD "C2'"  C  N S 115 
FAD "O2'"  O  N N 116 
FAD "C3'"  C  N S 117 
FAD "O3'"  O  N N 118 
FAD "C4'"  C  N R 119 
FAD "O4'"  O  N N 120 
FAD "C5'"  C  N N 121 
FAD "O5'"  O  N N 122 
FAD P      P  N R 123 
FAD O1P    O  N N 124 
FAD O2P    O  N N 125 
FAD O3P    O  N N 126 
FAD HOA2   H  N N 127 
FAD H51A   H  N N 128 
FAD H52A   H  N N 129 
FAD H4B    H  N N 130 
FAD H3B    H  N N 131 
FAD HO3A   H  N N 132 
FAD H2B    H  N N 133 
FAD HO2A   H  N N 134 
FAD H1B    H  N N 135 
FAD H8A    H  N N 136 
FAD H61A   H  N N 137 
FAD H62A   H  N N 138 
FAD H2A    H  N N 139 
FAD HN3    H  N N 140 
FAD H6     H  N N 141 
FAD HM71   H  N N 142 
FAD HM72   H  N N 143 
FAD HM73   H  N N 144 
FAD HM81   H  N N 145 
FAD HM82   H  N N 146 
FAD HM83   H  N N 147 
FAD H9     H  N N 148 
FAD "H1'1" H  N N 149 
FAD "H1'2" H  N N 150 
FAD "H2'"  H  N N 151 
FAD "HO2'" H  N N 152 
FAD "H3'"  H  N N 153 
FAD "HO3'" H  N N 154 
FAD "H4'"  H  N N 155 
FAD "HO4'" H  N N 156 
FAD "H5'1" H  N N 157 
FAD "H5'2" H  N N 158 
FAD HOP2   H  N N 159 
GLN N      N  N N 160 
GLN CA     C  N S 161 
GLN C      C  N N 162 
GLN O      O  N N 163 
GLN CB     C  N N 164 
GLN CG     C  N N 165 
GLN CD     C  N N 166 
GLN OE1    O  N N 167 
GLN NE2    N  N N 168 
GLN OXT    O  N N 169 
GLN H      H  N N 170 
GLN H2     H  N N 171 
GLN HA     H  N N 172 
GLN HB2    H  N N 173 
GLN HB3    H  N N 174 
GLN HG2    H  N N 175 
GLN HG3    H  N N 176 
GLN HE21   H  N N 177 
GLN HE22   H  N N 178 
GLN HXT    H  N N 179 
GLU N      N  N N 180 
GLU CA     C  N S 181 
GLU C      C  N N 182 
GLU O      O  N N 183 
GLU CB     C  N N 184 
GLU CG     C  N N 185 
GLU CD     C  N N 186 
GLU OE1    O  N N 187 
GLU OE2    O  N N 188 
GLU OXT    O  N N 189 
GLU H      H  N N 190 
GLU H2     H  N N 191 
GLU HA     H  N N 192 
GLU HB2    H  N N 193 
GLU HB3    H  N N 194 
GLU HG2    H  N N 195 
GLU HG3    H  N N 196 
GLU HE2    H  N N 197 
GLU HXT    H  N N 198 
GLY N      N  N N 199 
GLY CA     C  N N 200 
GLY C      C  N N 201 
GLY O      O  N N 202 
GLY OXT    O  N N 203 
GLY H      H  N N 204 
GLY H2     H  N N 205 
GLY HA2    H  N N 206 
GLY HA3    H  N N 207 
GLY HXT    H  N N 208 
HIS N      N  N N 209 
HIS CA     C  N S 210 
HIS C      C  N N 211 
HIS O      O  N N 212 
HIS CB     C  N N 213 
HIS CG     C  Y N 214 
HIS ND1    N  Y N 215 
HIS CD2    C  Y N 216 
HIS CE1    C  Y N 217 
HIS NE2    N  Y N 218 
HIS OXT    O  N N 219 
HIS H      H  N N 220 
HIS H2     H  N N 221 
HIS HA     H  N N 222 
HIS HB2    H  N N 223 
HIS HB3    H  N N 224 
HIS HD1    H  N N 225 
HIS HD2    H  N N 226 
HIS HE1    H  N N 227 
HIS HE2    H  N N 228 
HIS HXT    H  N N 229 
HOH O      O  N N 230 
HOH H1     H  N N 231 
HOH H2     H  N N 232 
ILE N      N  N N 233 
ILE CA     C  N S 234 
ILE C      C  N N 235 
ILE O      O  N N 236 
ILE CB     C  N S 237 
ILE CG1    C  N N 238 
ILE CG2    C  N N 239 
ILE CD1    C  N N 240 
ILE OXT    O  N N 241 
ILE H      H  N N 242 
ILE H2     H  N N 243 
ILE HA     H  N N 244 
ILE HB     H  N N 245 
ILE HG12   H  N N 246 
ILE HG13   H  N N 247 
ILE HG21   H  N N 248 
ILE HG22   H  N N 249 
ILE HG23   H  N N 250 
ILE HD11   H  N N 251 
ILE HD12   H  N N 252 
ILE HD13   H  N N 253 
ILE HXT    H  N N 254 
LEU N      N  N N 255 
LEU CA     C  N S 256 
LEU C      C  N N 257 
LEU O      O  N N 258 
LEU CB     C  N N 259 
LEU CG     C  N N 260 
LEU CD1    C  N N 261 
LEU CD2    C  N N 262 
LEU OXT    O  N N 263 
LEU H      H  N N 264 
LEU H2     H  N N 265 
LEU HA     H  N N 266 
LEU HB2    H  N N 267 
LEU HB3    H  N N 268 
LEU HG     H  N N 269 
LEU HD11   H  N N 270 
LEU HD12   H  N N 271 
LEU HD13   H  N N 272 
LEU HD21   H  N N 273 
LEU HD22   H  N N 274 
LEU HD23   H  N N 275 
LEU HXT    H  N N 276 
LYS N      N  N N 277 
LYS CA     C  N S 278 
LYS C      C  N N 279 
LYS O      O  N N 280 
LYS CB     C  N N 281 
LYS CG     C  N N 282 
LYS CD     C  N N 283 
LYS CE     C  N N 284 
LYS NZ     N  N N 285 
LYS OXT    O  N N 286 
LYS H      H  N N 287 
LYS H2     H  N N 288 
LYS HA     H  N N 289 
LYS HB2    H  N N 290 
LYS HB3    H  N N 291 
LYS HG2    H  N N 292 
LYS HG3    H  N N 293 
LYS HD2    H  N N 294 
LYS HD3    H  N N 295 
LYS HE2    H  N N 296 
LYS HE3    H  N N 297 
LYS HZ1    H  N N 298 
LYS HZ2    H  N N 299 
LYS HZ3    H  N N 300 
LYS HXT    H  N N 301 
MSE N      N  N N 302 
MSE CA     C  N S 303 
MSE C      C  N N 304 
MSE O      O  N N 305 
MSE OXT    O  N N 306 
MSE CB     C  N N 307 
MSE CG     C  N N 308 
MSE SE     SE N N 309 
MSE CE     C  N N 310 
MSE H      H  N N 311 
MSE H2     H  N N 312 
MSE HA     H  N N 313 
MSE HXT    H  N N 314 
MSE HB2    H  N N 315 
MSE HB3    H  N N 316 
MSE HG2    H  N N 317 
MSE HG3    H  N N 318 
MSE HE1    H  N N 319 
MSE HE2    H  N N 320 
MSE HE3    H  N N 321 
PHE N      N  N N 322 
PHE CA     C  N S 323 
PHE C      C  N N 324 
PHE O      O  N N 325 
PHE CB     C  N N 326 
PHE CG     C  Y N 327 
PHE CD1    C  Y N 328 
PHE CD2    C  Y N 329 
PHE CE1    C  Y N 330 
PHE CE2    C  Y N 331 
PHE CZ     C  Y N 332 
PHE OXT    O  N N 333 
PHE H      H  N N 334 
PHE H2     H  N N 335 
PHE HA     H  N N 336 
PHE HB2    H  N N 337 
PHE HB3    H  N N 338 
PHE HD1    H  N N 339 
PHE HD2    H  N N 340 
PHE HE1    H  N N 341 
PHE HE2    H  N N 342 
PHE HZ     H  N N 343 
PHE HXT    H  N N 344 
PRO N      N  N N 345 
PRO CA     C  N S 346 
PRO C      C  N N 347 
PRO O      O  N N 348 
PRO CB     C  N N 349 
PRO CG     C  N N 350 
PRO CD     C  N N 351 
PRO OXT    O  N N 352 
PRO H      H  N N 353 
PRO HA     H  N N 354 
PRO HB2    H  N N 355 
PRO HB3    H  N N 356 
PRO HG2    H  N N 357 
PRO HG3    H  N N 358 
PRO HD2    H  N N 359 
PRO HD3    H  N N 360 
PRO HXT    H  N N 361 
SER N      N  N N 362 
SER CA     C  N S 363 
SER C      C  N N 364 
SER O      O  N N 365 
SER CB     C  N N 366 
SER OG     O  N N 367 
SER OXT    O  N N 368 
SER H      H  N N 369 
SER H2     H  N N 370 
SER HA     H  N N 371 
SER HB2    H  N N 372 
SER HB3    H  N N 373 
SER HG     H  N N 374 
SER HXT    H  N N 375 
SO4 S      S  N N 376 
SO4 O1     O  N N 377 
SO4 O2     O  N N 378 
SO4 O3     O  N N 379 
SO4 O4     O  N N 380 
THR N      N  N N 381 
THR CA     C  N S 382 
THR C      C  N N 383 
THR O      O  N N 384 
THR CB     C  N R 385 
THR OG1    O  N N 386 
THR CG2    C  N N 387 
THR OXT    O  N N 388 
THR H      H  N N 389 
THR H2     H  N N 390 
THR HA     H  N N 391 
THR HB     H  N N 392 
THR HG1    H  N N 393 
THR HG21   H  N N 394 
THR HG22   H  N N 395 
THR HG23   H  N N 396 
THR HXT    H  N N 397 
TRP N      N  N N 398 
TRP CA     C  N S 399 
TRP C      C  N N 400 
TRP O      O  N N 401 
TRP CB     C  N N 402 
TRP CG     C  Y N 403 
TRP CD1    C  Y N 404 
TRP CD2    C  Y N 405 
TRP NE1    N  Y N 406 
TRP CE2    C  Y N 407 
TRP CE3    C  Y N 408 
TRP CZ2    C  Y N 409 
TRP CZ3    C  Y N 410 
TRP CH2    C  Y N 411 
TRP OXT    O  N N 412 
TRP H      H  N N 413 
TRP H2     H  N N 414 
TRP HA     H  N N 415 
TRP HB2    H  N N 416 
TRP HB3    H  N N 417 
TRP HD1    H  N N 418 
TRP HE1    H  N N 419 
TRP HE3    H  N N 420 
TRP HZ2    H  N N 421 
TRP HZ3    H  N N 422 
TRP HH2    H  N N 423 
TRP HXT    H  N N 424 
TYR N      N  N N 425 
TYR CA     C  N S 426 
TYR C      C  N N 427 
TYR O      O  N N 428 
TYR CB     C  N N 429 
TYR CG     C  Y N 430 
TYR CD1    C  Y N 431 
TYR CD2    C  Y N 432 
TYR CE1    C  Y N 433 
TYR CE2    C  Y N 434 
TYR CZ     C  Y N 435 
TYR OH     O  N N 436 
TYR OXT    O  N N 437 
TYR H      H  N N 438 
TYR H2     H  N N 439 
TYR HA     H  N N 440 
TYR HB2    H  N N 441 
TYR HB3    H  N N 442 
TYR HD1    H  N N 443 
TYR HD2    H  N N 444 
TYR HE1    H  N N 445 
TYR HE2    H  N N 446 
TYR HH     H  N N 447 
TYR HXT    H  N N 448 
VAL N      N  N N 449 
VAL CA     C  N S 450 
VAL C      C  N N 451 
VAL O      O  N N 452 
VAL CB     C  N N 453 
VAL CG1    C  N N 454 
VAL CG2    C  N N 455 
VAL OXT    O  N N 456 
VAL H      H  N N 457 
VAL H2     H  N N 458 
VAL HA     H  N N 459 
VAL HB     H  N N 460 
VAL HG11   H  N N 461 
VAL HG12   H  N N 462 
VAL HG13   H  N N 463 
VAL HG21   H  N N 464 
VAL HG22   H  N N 465 
VAL HG23   H  N N 466 
VAL HXT    H  N N 467 
# 
loop_
_chem_comp_bond.comp_id 
_chem_comp_bond.atom_id_1 
_chem_comp_bond.atom_id_2 
_chem_comp_bond.value_order 
_chem_comp_bond.pdbx_aromatic_flag 
_chem_comp_bond.pdbx_stereo_config 
_chem_comp_bond.pdbx_ordinal 
ALA N     CA     sing N N 1   
ALA N     H      sing N N 2   
ALA N     H2     sing N N 3   
ALA CA    C      sing N N 4   
ALA CA    CB     sing N N 5   
ALA CA    HA     sing N N 6   
ALA C     O      doub N N 7   
ALA C     OXT    sing N N 8   
ALA CB    HB1    sing N N 9   
ALA CB    HB2    sing N N 10  
ALA CB    HB3    sing N N 11  
ALA OXT   HXT    sing N N 12  
ARG N     CA     sing N N 13  
ARG N     H      sing N N 14  
ARG N     H2     sing N N 15  
ARG CA    C      sing N N 16  
ARG CA    CB     sing N N 17  
ARG CA    HA     sing N N 18  
ARG C     O      doub N N 19  
ARG C     OXT    sing N N 20  
ARG CB    CG     sing N N 21  
ARG CB    HB2    sing N N 22  
ARG CB    HB3    sing N N 23  
ARG CG    CD     sing N N 24  
ARG CG    HG2    sing N N 25  
ARG CG    HG3    sing N N 26  
ARG CD    NE     sing N N 27  
ARG CD    HD2    sing N N 28  
ARG CD    HD3    sing N N 29  
ARG NE    CZ     sing N N 30  
ARG NE    HE     sing N N 31  
ARG CZ    NH1    sing N N 32  
ARG CZ    NH2    doub N N 33  
ARG NH1   HH11   sing N N 34  
ARG NH1   HH12   sing N N 35  
ARG NH2   HH21   sing N N 36  
ARG NH2   HH22   sing N N 37  
ARG OXT   HXT    sing N N 38  
ASN N     CA     sing N N 39  
ASN N     H      sing N N 40  
ASN N     H2     sing N N 41  
ASN CA    C      sing N N 42  
ASN CA    CB     sing N N 43  
ASN CA    HA     sing N N 44  
ASN C     O      doub N N 45  
ASN C     OXT    sing N N 46  
ASN CB    CG     sing N N 47  
ASN CB    HB2    sing N N 48  
ASN CB    HB3    sing N N 49  
ASN CG    OD1    doub N N 50  
ASN CG    ND2    sing N N 51  
ASN ND2   HD21   sing N N 52  
ASN ND2   HD22   sing N N 53  
ASN OXT   HXT    sing N N 54  
ASP N     CA     sing N N 55  
ASP N     H      sing N N 56  
ASP N     H2     sing N N 57  
ASP CA    C      sing N N 58  
ASP CA    CB     sing N N 59  
ASP CA    HA     sing N N 60  
ASP C     O      doub N N 61  
ASP C     OXT    sing N N 62  
ASP CB    CG     sing N N 63  
ASP CB    HB2    sing N N 64  
ASP CB    HB3    sing N N 65  
ASP CG    OD1    doub N N 66  
ASP CG    OD2    sing N N 67  
ASP OD2   HD2    sing N N 68  
ASP OXT   HXT    sing N N 69  
FAD PA    O1A    doub N N 70  
FAD PA    O2A    sing N N 71  
FAD PA    O5B    sing N N 72  
FAD PA    O3P    sing N N 73  
FAD O2A   HOA2   sing N N 74  
FAD O5B   C5B    sing N N 75  
FAD C5B   C4B    sing N N 76  
FAD C5B   H51A   sing N N 77  
FAD C5B   H52A   sing N N 78  
FAD C4B   O4B    sing N N 79  
FAD C4B   C3B    sing N N 80  
FAD C4B   H4B    sing N N 81  
FAD O4B   C1B    sing N N 82  
FAD C3B   O3B    sing N N 83  
FAD C3B   C2B    sing N N 84  
FAD C3B   H3B    sing N N 85  
FAD O3B   HO3A   sing N N 86  
FAD C2B   O2B    sing N N 87  
FAD C2B   C1B    sing N N 88  
FAD C2B   H2B    sing N N 89  
FAD O2B   HO2A   sing N N 90  
FAD C1B   N9A    sing N N 91  
FAD C1B   H1B    sing N N 92  
FAD N9A   C8A    sing Y N 93  
FAD N9A   C4A    sing Y N 94  
FAD C8A   N7A    doub Y N 95  
FAD C8A   H8A    sing N N 96  
FAD N7A   C5A    sing Y N 97  
FAD C5A   C6A    sing Y N 98  
FAD C5A   C4A    doub Y N 99  
FAD C6A   N6A    sing N N 100 
FAD C6A   N1A    doub Y N 101 
FAD N6A   H61A   sing N N 102 
FAD N6A   H62A   sing N N 103 
FAD N1A   C2A    sing Y N 104 
FAD C2A   N3A    doub Y N 105 
FAD C2A   H2A    sing N N 106 
FAD N3A   C4A    sing Y N 107 
FAD N1    C2     sing N N 108 
FAD N1    C10    doub N N 109 
FAD C2    O2     doub N N 110 
FAD C2    N3     sing N N 111 
FAD N3    C4     sing N N 112 
FAD N3    HN3    sing N N 113 
FAD C4    O4     doub N N 114 
FAD C4    C4X    sing N N 115 
FAD C4X   N5     doub N N 116 
FAD C4X   C10    sing N N 117 
FAD N5    C5X    sing N N 118 
FAD C5X   C6     doub Y N 119 
FAD C5X   C9A    sing Y N 120 
FAD C6    C7     sing Y N 121 
FAD C6    H6     sing N N 122 
FAD C7    C7M    sing N N 123 
FAD C7    C8     doub Y N 124 
FAD C7M   HM71   sing N N 125 
FAD C7M   HM72   sing N N 126 
FAD C7M   HM73   sing N N 127 
FAD C8    C8M    sing N N 128 
FAD C8    C9     sing Y N 129 
FAD C8M   HM81   sing N N 130 
FAD C8M   HM82   sing N N 131 
FAD C8M   HM83   sing N N 132 
FAD C9    C9A    doub Y N 133 
FAD C9    H9     sing N N 134 
FAD C9A   N10    sing N N 135 
FAD N10   C10    sing N N 136 
FAD N10   "C1'"  sing N N 137 
FAD "C1'" "C2'"  sing N N 138 
FAD "C1'" "H1'1" sing N N 139 
FAD "C1'" "H1'2" sing N N 140 
FAD "C2'" "O2'"  sing N N 141 
FAD "C2'" "C3'"  sing N N 142 
FAD "C2'" "H2'"  sing N N 143 
FAD "O2'" "HO2'" sing N N 144 
FAD "C3'" "O3'"  sing N N 145 
FAD "C3'" "C4'"  sing N N 146 
FAD "C3'" "H3'"  sing N N 147 
FAD "O3'" "HO3'" sing N N 148 
FAD "C4'" "O4'"  sing N N 149 
FAD "C4'" "C5'"  sing N N 150 
FAD "C4'" "H4'"  sing N N 151 
FAD "O4'" "HO4'" sing N N 152 
FAD "C5'" "O5'"  sing N N 153 
FAD "C5'" "H5'1" sing N N 154 
FAD "C5'" "H5'2" sing N N 155 
FAD "O5'" P      sing N N 156 
FAD P     O1P    doub N N 157 
FAD P     O2P    sing N N 158 
FAD P     O3P    sing N N 159 
FAD O2P   HOP2   sing N N 160 
GLN N     CA     sing N N 161 
GLN N     H      sing N N 162 
GLN N     H2     sing N N 163 
GLN CA    C      sing N N 164 
GLN CA    CB     sing N N 165 
GLN CA    HA     sing N N 166 
GLN C     O      doub N N 167 
GLN C     OXT    sing N N 168 
GLN CB    CG     sing N N 169 
GLN CB    HB2    sing N N 170 
GLN CB    HB3    sing N N 171 
GLN CG    CD     sing N N 172 
GLN CG    HG2    sing N N 173 
GLN CG    HG3    sing N N 174 
GLN CD    OE1    doub N N 175 
GLN CD    NE2    sing N N 176 
GLN NE2   HE21   sing N N 177 
GLN NE2   HE22   sing N N 178 
GLN OXT   HXT    sing N N 179 
GLU N     CA     sing N N 180 
GLU N     H      sing N N 181 
GLU N     H2     sing N N 182 
GLU CA    C      sing N N 183 
GLU CA    CB     sing N N 184 
GLU CA    HA     sing N N 185 
GLU C     O      doub N N 186 
GLU C     OXT    sing N N 187 
GLU CB    CG     sing N N 188 
GLU CB    HB2    sing N N 189 
GLU CB    HB3    sing N N 190 
GLU CG    CD     sing N N 191 
GLU CG    HG2    sing N N 192 
GLU CG    HG3    sing N N 193 
GLU CD    OE1    doub N N 194 
GLU CD    OE2    sing N N 195 
GLU OE2   HE2    sing N N 196 
GLU OXT   HXT    sing N N 197 
GLY N     CA     sing N N 198 
GLY N     H      sing N N 199 
GLY N     H2     sing N N 200 
GLY CA    C      sing N N 201 
GLY CA    HA2    sing N N 202 
GLY CA    HA3    sing N N 203 
GLY C     O      doub N N 204 
GLY C     OXT    sing N N 205 
GLY OXT   HXT    sing N N 206 
HIS N     CA     sing N N 207 
HIS N     H      sing N N 208 
HIS N     H2     sing N N 209 
HIS CA    C      sing N N 210 
HIS CA    CB     sing N N 211 
HIS CA    HA     sing N N 212 
HIS C     O      doub N N 213 
HIS C     OXT    sing N N 214 
HIS CB    CG     sing N N 215 
HIS CB    HB2    sing N N 216 
HIS CB    HB3    sing N N 217 
HIS CG    ND1    sing Y N 218 
HIS CG    CD2    doub Y N 219 
HIS ND1   CE1    doub Y N 220 
HIS ND1   HD1    sing N N 221 
HIS CD2   NE2    sing Y N 222 
HIS CD2   HD2    sing N N 223 
HIS CE1   NE2    sing Y N 224 
HIS CE1   HE1    sing N N 225 
HIS NE2   HE2    sing N N 226 
HIS OXT   HXT    sing N N 227 
HOH O     H1     sing N N 228 
HOH O     H2     sing N N 229 
ILE N     CA     sing N N 230 
ILE N     H      sing N N 231 
ILE N     H2     sing N N 232 
ILE CA    C      sing N N 233 
ILE CA    CB     sing N N 234 
ILE CA    HA     sing N N 235 
ILE C     O      doub N N 236 
ILE C     OXT    sing N N 237 
ILE CB    CG1    sing N N 238 
ILE CB    CG2    sing N N 239 
ILE CB    HB     sing N N 240 
ILE CG1   CD1    sing N N 241 
ILE CG1   HG12   sing N N 242 
ILE CG1   HG13   sing N N 243 
ILE CG2   HG21   sing N N 244 
ILE CG2   HG22   sing N N 245 
ILE CG2   HG23   sing N N 246 
ILE CD1   HD11   sing N N 247 
ILE CD1   HD12   sing N N 248 
ILE CD1   HD13   sing N N 249 
ILE OXT   HXT    sing N N 250 
LEU N     CA     sing N N 251 
LEU N     H      sing N N 252 
LEU N     H2     sing N N 253 
LEU CA    C      sing N N 254 
LEU CA    CB     sing N N 255 
LEU CA    HA     sing N N 256 
LEU C     O      doub N N 257 
LEU C     OXT    sing N N 258 
LEU CB    CG     sing N N 259 
LEU CB    HB2    sing N N 260 
LEU CB    HB3    sing N N 261 
LEU CG    CD1    sing N N 262 
LEU CG    CD2    sing N N 263 
LEU CG    HG     sing N N 264 
LEU CD1   HD11   sing N N 265 
LEU CD1   HD12   sing N N 266 
LEU CD1   HD13   sing N N 267 
LEU CD2   HD21   sing N N 268 
LEU CD2   HD22   sing N N 269 
LEU CD2   HD23   sing N N 270 
LEU OXT   HXT    sing N N 271 
LYS N     CA     sing N N 272 
LYS N     H      sing N N 273 
LYS N     H2     sing N N 274 
LYS CA    C      sing N N 275 
LYS CA    CB     sing N N 276 
LYS CA    HA     sing N N 277 
LYS C     O      doub N N 278 
LYS C     OXT    sing N N 279 
LYS CB    CG     sing N N 280 
LYS CB    HB2    sing N N 281 
LYS CB    HB3    sing N N 282 
LYS CG    CD     sing N N 283 
LYS CG    HG2    sing N N 284 
LYS CG    HG3    sing N N 285 
LYS CD    CE     sing N N 286 
LYS CD    HD2    sing N N 287 
LYS CD    HD3    sing N N 288 
LYS CE    NZ     sing N N 289 
LYS CE    HE2    sing N N 290 
LYS CE    HE3    sing N N 291 
LYS NZ    HZ1    sing N N 292 
LYS NZ    HZ2    sing N N 293 
LYS NZ    HZ3    sing N N 294 
LYS OXT   HXT    sing N N 295 
MSE N     CA     sing N N 296 
MSE N     H      sing N N 297 
MSE N     H2     sing N N 298 
MSE CA    C      sing N N 299 
MSE CA    CB     sing N N 300 
MSE CA    HA     sing N N 301 
MSE C     O      doub N N 302 
MSE C     OXT    sing N N 303 
MSE OXT   HXT    sing N N 304 
MSE CB    CG     sing N N 305 
MSE CB    HB2    sing N N 306 
MSE CB    HB3    sing N N 307 
MSE CG    SE     sing N N 308 
MSE CG    HG2    sing N N 309 
MSE CG    HG3    sing N N 310 
MSE SE    CE     sing N N 311 
MSE CE    HE1    sing N N 312 
MSE CE    HE2    sing N N 313 
MSE CE    HE3    sing N N 314 
PHE N     CA     sing N N 315 
PHE N     H      sing N N 316 
PHE N     H2     sing N N 317 
PHE CA    C      sing N N 318 
PHE CA    CB     sing N N 319 
PHE CA    HA     sing N N 320 
PHE C     O      doub N N 321 
PHE C     OXT    sing N N 322 
PHE CB    CG     sing N N 323 
PHE CB    HB2    sing N N 324 
PHE CB    HB3    sing N N 325 
PHE CG    CD1    doub Y N 326 
PHE CG    CD2    sing Y N 327 
PHE CD1   CE1    sing Y N 328 
PHE CD1   HD1    sing N N 329 
PHE CD2   CE2    doub Y N 330 
PHE CD2   HD2    sing N N 331 
PHE CE1   CZ     doub Y N 332 
PHE CE1   HE1    sing N N 333 
PHE CE2   CZ     sing Y N 334 
PHE CE2   HE2    sing N N 335 
PHE CZ    HZ     sing N N 336 
PHE OXT   HXT    sing N N 337 
PRO N     CA     sing N N 338 
PRO N     CD     sing N N 339 
PRO N     H      sing N N 340 
PRO CA    C      sing N N 341 
PRO CA    CB     sing N N 342 
PRO CA    HA     sing N N 343 
PRO C     O      doub N N 344 
PRO C     OXT    sing N N 345 
PRO CB    CG     sing N N 346 
PRO CB    HB2    sing N N 347 
PRO CB    HB3    sing N N 348 
PRO CG    CD     sing N N 349 
PRO CG    HG2    sing N N 350 
PRO CG    HG3    sing N N 351 
PRO CD    HD2    sing N N 352 
PRO CD    HD3    sing N N 353 
PRO OXT   HXT    sing N N 354 
SER N     CA     sing N N 355 
SER N     H      sing N N 356 
SER N     H2     sing N N 357 
SER CA    C      sing N N 358 
SER CA    CB     sing N N 359 
SER CA    HA     sing N N 360 
SER C     O      doub N N 361 
SER C     OXT    sing N N 362 
SER CB    OG     sing N N 363 
SER CB    HB2    sing N N 364 
SER CB    HB3    sing N N 365 
SER OG    HG     sing N N 366 
SER OXT   HXT    sing N N 367 
SO4 S     O1     doub N N 368 
SO4 S     O2     doub N N 369 
SO4 S     O3     sing N N 370 
SO4 S     O4     sing N N 371 
THR N     CA     sing N N 372 
THR N     H      sing N N 373 
THR N     H2     sing N N 374 
THR CA    C      sing N N 375 
THR CA    CB     sing N N 376 
THR CA    HA     sing N N 377 
THR C     O      doub N N 378 
THR C     OXT    sing N N 379 
THR CB    OG1    sing N N 380 
THR CB    CG2    sing N N 381 
THR CB    HB     sing N N 382 
THR OG1   HG1    sing N N 383 
THR CG2   HG21   sing N N 384 
THR CG2   HG22   sing N N 385 
THR CG2   HG23   sing N N 386 
THR OXT   HXT    sing N N 387 
TRP N     CA     sing N N 388 
TRP N     H      sing N N 389 
TRP N     H2     sing N N 390 
TRP CA    C      sing N N 391 
TRP CA    CB     sing N N 392 
TRP CA    HA     sing N N 393 
TRP C     O      doub N N 394 
TRP C     OXT    sing N N 395 
TRP CB    CG     sing N N 396 
TRP CB    HB2    sing N N 397 
TRP CB    HB3    sing N N 398 
TRP CG    CD1    doub Y N 399 
TRP CG    CD2    sing Y N 400 
TRP CD1   NE1    sing Y N 401 
TRP CD1   HD1    sing N N 402 
TRP CD2   CE2    doub Y N 403 
TRP CD2   CE3    sing Y N 404 
TRP NE1   CE2    sing Y N 405 
TRP NE1   HE1    sing N N 406 
TRP CE2   CZ2    sing Y N 407 
TRP CE3   CZ3    doub Y N 408 
TRP CE3   HE3    sing N N 409 
TRP CZ2   CH2    doub Y N 410 
TRP CZ2   HZ2    sing N N 411 
TRP CZ3   CH2    sing Y N 412 
TRP CZ3   HZ3    sing N N 413 
TRP CH2   HH2    sing N N 414 
TRP OXT   HXT    sing N N 415 
TYR N     CA     sing N N 416 
TYR N     H      sing N N 417 
TYR N     H2     sing N N 418 
TYR CA    C      sing N N 419 
TYR CA    CB     sing N N 420 
TYR CA    HA     sing N N 421 
TYR C     O      doub N N 422 
TYR C     OXT    sing N N 423 
TYR CB    CG     sing N N 424 
TYR CB    HB2    sing N N 425 
TYR CB    HB3    sing N N 426 
TYR CG    CD1    doub Y N 427 
TYR CG    CD2    sing Y N 428 
TYR CD1   CE1    sing Y N 429 
TYR CD1   HD1    sing N N 430 
TYR CD2   CE2    doub Y N 431 
TYR CD2   HD2    sing N N 432 
TYR CE1   CZ     doub Y N 433 
TYR CE1   HE1    sing N N 434 
TYR CE2   CZ     sing Y N 435 
TYR CE2   HE2    sing N N 436 
TYR CZ    OH     sing N N 437 
TYR OH    HH     sing N N 438 
TYR OXT   HXT    sing N N 439 
VAL N     CA     sing N N 440 
VAL N     H      sing N N 441 
VAL N     H2     sing N N 442 
VAL CA    C      sing N N 443 
VAL CA    CB     sing N N 444 
VAL CA    HA     sing N N 445 
VAL C     O      doub N N 446 
VAL C     OXT    sing N N 447 
VAL CB    CG1    sing N N 448 
VAL CB    CG2    sing N N 449 
VAL CB    HB     sing N N 450 
VAL CG1   HG11   sing N N 451 
VAL CG1   HG12   sing N N 452 
VAL CG1   HG13   sing N N 453 
VAL CG2   HG21   sing N N 454 
VAL CG2   HG22   sing N N 455 
VAL CG2   HG23   sing N N 456 
VAL OXT   HXT    sing N N 457 
# 
_atom_sites.entry_id                    3EC6 
_atom_sites.fract_transf_matrix[1][1]   -0.00969912 
_atom_sites.fract_transf_matrix[1][2]   0.00955105 
_atom_sites.fract_transf_matrix[1][3]   -0.01324609 
_atom_sites.fract_transf_matrix[2][1]   0.01587743 
_atom_sites.fract_transf_matrix[2][2]   0.01264332 
_atom_sites.fract_transf_matrix[2][3]   -0.00250942 
_atom_sites.fract_transf_matrix[3][1]   -0.00004444 
_atom_sites.fract_transf_matrix[3][2]   -0.00466164 
_atom_sites.fract_transf_matrix[3][3]   -0.02376813 
_atom_sites.fract_transf_vector[1]      0.180541 
_atom_sites.fract_transf_vector[2]      0.758442 
_atom_sites.fract_transf_vector[3]      0.499180 
# 
loop_
_atom_type.symbol 
C  
N  
O  
P  
S  
SE 
# 
loop_
_atom_site.group_PDB 
_atom_site.id 
_atom_site.type_symbol 
_atom_site.label_atom_id 
_atom_site.label_alt_id 
_atom_site.label_comp_id 
_atom_site.label_asym_id 
_atom_site.label_entity_id 
_atom_site.label_seq_id 
_atom_site.pdbx_PDB_ins_code 
_atom_site.Cartn_x 
_atom_site.Cartn_y 
_atom_site.Cartn_z 
_atom_site.occupancy 
_atom_site.B_iso_or_equiv 
_atom_site.pdbx_formal_charge 
_atom_site.auth_seq_id 
_atom_site.auth_comp_id 
_atom_site.auth_asym_id 
_atom_site.auth_atom_id 
_atom_site.pdbx_PDB_model_num 
HETATM 1    N  N     . MSE A 1 2   ? -8.529  -6.435  -24.286 1.00 29.33  ? 1   MSE A N     1 
HETATM 2    C  CA    . MSE A 1 2   ? -7.461  -6.940  -23.370 1.00 28.80  ? 1   MSE A CA    1 
HETATM 3    C  C     . MSE A 1 2   ? -7.711  -6.646  -21.884 1.00 28.00  ? 1   MSE A C     1 
HETATM 4    O  O     . MSE A 1 2   ? -8.306  -5.619  -21.560 1.00 29.50  ? 1   MSE A O     1 
HETATM 5    C  CB    . MSE A 1 2   ? -6.107  -6.400  -23.804 1.00 29.21  ? 1   MSE A CB    1 
HETATM 6    C  CG    . MSE A 1 2   ? -4.939  -7.207  -23.284 1.00 29.50  ? 1   MSE A CG    1 
HETATM 7    SE SE    . MSE A 1 2   ? -4.056  -6.110  -21.998 0.45 29.92  ? 1   MSE A SE    1 
HETATM 8    C  CE    . MSE A 1 2   ? -2.223  -6.367  -22.572 1.00 33.38  ? 1   MSE A CE    1 
ATOM   9    N  N     . HIS A 1 3   ? -7.226  -7.522  -20.983 1.00 24.59  ? 2   HIS A N     1 
ATOM   10   C  CA    . HIS A 1 3   ? -7.796  -7.598  -19.654 1.00 22.03  ? 2   HIS A CA    1 
ATOM   11   C  C     . HIS A 1 3   ? -6.859  -7.280  -18.502 1.00 18.37  ? 2   HIS A C     1 
ATOM   12   O  O     . HIS A 1 3   ? -7.243  -7.485  -17.378 1.00 17.37  ? 2   HIS A O     1 
ATOM   13   C  CB    . HIS A 1 3   ? -8.431  -8.955  -19.427 1.00 22.92  ? 2   HIS A CB    1 
ATOM   14   C  CG    . HIS A 1 3   ? -9.509  -9.250  -20.406 1.00 26.39  ? 2   HIS A CG    1 
ATOM   15   N  ND1   . HIS A 1 3   ? -9.623  -10.461 -21.054 1.00 31.79  ? 2   HIS A ND1   1 
ATOM   16   C  CD2   . HIS A 1 3   ? -10.508 -8.467  -20.884 1.00 29.96  ? 2   HIS A CD2   1 
ATOM   17   C  CE1   . HIS A 1 3   ? -10.654 -10.417 -21.882 1.00 30.65  ? 2   HIS A CE1   1 
ATOM   18   N  NE2   . HIS A 1 3   ? -11.207 -9.218  -21.799 1.00 31.58  ? 2   HIS A NE2   1 
ATOM   19   N  N     . LEU A 1 4   ? -5.674  -6.771  -18.808 1.00 17.30  ? 3   LEU A N     1 
ATOM   20   C  CA    . LEU A 1 4   ? -4.670  -6.504  -17.764 1.00 16.15  ? 3   LEU A CA    1 
ATOM   21   C  C     . LEU A 1 4   ? -5.137  -5.531  -16.707 1.00 15.50  ? 3   LEU A C     1 
ATOM   22   O  O     . LEU A 1 4   ? -4.996  -5.811  -15.523 1.00 13.96  ? 3   LEU A O     1 
ATOM   23   C  CB    . LEU A 1 4   ? -3.341  -6.036  -18.367 1.00 16.56  ? 3   LEU A CB    1 
ATOM   24   C  CG    . LEU A 1 4   ? -2.201  -5.754  -17.379 1.00 17.30  ? 3   LEU A CG    1 
ATOM   25   C  CD1   . LEU A 1 4   ? -1.792  -7.027  -16.656 1.00 17.98  ? 3   LEU A CD1   1 
ATOM   26   C  CD2   . LEU A 1 4   ? -1.016  -5.216  -18.088 1.00 17.76  ? 3   LEU A CD2   1 
ATOM   27   N  N     . LYS A 1 5   ? -5.659  -4.357  -17.094 1.00 14.16  ? 4   LYS A N     1 
ATOM   28   C  CA    . LYS A 1 5   ? -6.164  -3.428  -16.081 1.00 14.45  ? 4   LYS A CA    1 
ATOM   29   C  C     . LYS A 1 5   ? -7.236  -4.070  -15.260 1.00 13.66  ? 4   LYS A C     1 
ATOM   30   O  O     . LYS A 1 5   ? -7.301  -3.868  -14.080 1.00 13.45  ? 4   LYS A O     1 
ATOM   31   C  CB    . LYS A 1 5   ? -6.708  -2.113  -16.645 1.00 14.18  ? 4   LYS A CB    1 
ATOM   32   C  CG    . LYS A 1 5   ? -5.672  -1.130  -17.101 1.00 14.83  ? 4   LYS A CG    1 
ATOM   33   C  CD    . LYS A 1 5   ? -6.357  0.151   -17.500 1.00 19.48  ? 4   LYS A CD    1 
ATOM   34   C  CE    . LYS A 1 5   ? -5.459  0.960   -18.367 1.00 24.49  ? 4   LYS A CE    1 
ATOM   35   N  NZ    . LYS A 1 5   ? -4.574  1.784   -17.551 1.00 29.53  ? 4   LYS A NZ    1 
ATOM   36   N  N     . GLU A 1 6   ? -8.106  -4.852  -15.901 1.00 15.43  ? 5   GLU A N     1 
ATOM   37   C  CA    . GLU A 1 6   ? -9.140  -5.519  -15.137 1.00 15.44  ? 5   GLU A CA    1 
ATOM   38   C  C     . GLU A 1 6   ? -8.575  -6.609  -14.208 1.00 15.20  ? 5   GLU A C     1 
ATOM   39   O  O     . GLU A 1 6   ? -9.012  -6.714  -13.068 1.00 15.98  ? 5   GLU A O     1 
ATOM   40   C  CB    . GLU A 1 6   ? -10.182 -6.129  -16.078 1.00 16.49  ? 5   GLU A CB    1 
ATOM   41   C  CG    . GLU A 1 6   ? -11.219 -6.923  -15.354 1.00 20.84  ? 5   GLU A CG    1 
ATOM   42   C  CD    . GLU A 1 6   ? -12.423 -7.246  -16.248 1.00 24.31  ? 5   GLU A CD    1 
ATOM   43   O  OE1   . GLU A 1 6   ? -12.311 -7.138  -17.496 1.00 24.38  ? 5   GLU A OE1   1 
ATOM   44   O  OE2   . GLU A 1 6   ? -13.479 -7.603  -15.682 1.00 28.57  ? 5   GLU A OE2   1 
ATOM   45   N  N     . LYS A 1 7   ? -7.622  -7.392  -14.708 1.00 15.86  ? 6   LYS A N     1 
ATOM   46   C  CA    . LYS A 1 7   ? -6.938  -8.429  -13.899 1.00 15.50  ? 6   LYS A CA    1 
ATOM   47   C  C     . LYS A 1 7   ? -6.310  -7.784  -12.676 1.00 14.71  ? 6   LYS A C     1 
ATOM   48   O  O     . LYS A 1 7   ? -6.417  -8.309  -11.564 1.00 13.71  ? 6   LYS A O     1 
ATOM   49   C  CB    . LYS A 1 7   ? -5.843  -9.155  -14.704 1.00 15.27  ? 6   LYS A CB    1 
ATOM   50   C  CG    . LYS A 1 7   ? -6.257  -10.282 -15.749 1.00 19.46  ? 6   LYS A CG    1 
ATOM   51   C  CD    . LYS A 1 7   ? -5.022  -10.652 -16.647 1.00 22.25  ? 6   LYS A CD    1 
ATOM   52   C  CE    . LYS A 1 7   ? -5.180  -11.986 -17.374 1.00 27.33  ? 6   LYS A CE    1 
ATOM   53   N  NZ    . LYS A 1 7   ? -4.121  -12.152 -18.396 1.00 29.86  ? 6   LYS A NZ    1 
ATOM   54   N  N     . ILE A 1 8   ? -5.656  -6.627  -12.870 1.00 12.70  ? 7   ILE A N     1 
ATOM   55   C  CA    . ILE A 1 8   ? -5.028  -5.901  -11.749 1.00 12.51  ? 7   ILE A CA    1 
ATOM   56   C  C     . ILE A 1 8   ? -6.037  -5.342  -10.769 1.00 11.94  ? 7   ILE A C     1 
ATOM   57   O  O     . ILE A 1 8   ? -5.900  -5.484  -9.573  1.00 13.30  ? 7   ILE A O     1 
ATOM   58   C  CB    . ILE A 1 8   ? -4.033  -4.779  -12.271 1.00 11.34  ? 7   ILE A CB    1 
ATOM   59   C  CG1   . ILE A 1 8   ? -2.853  -5.467  -12.969 1.00 12.63  ? 7   ILE A CG1   1 
ATOM   60   C  CG2   . ILE A 1 8   ? -3.577  -3.902  -11.100 1.00 11.51  ? 7   ILE A CG2   1 
ATOM   61   C  CD1   . ILE A 1 8   ? -2.023  -4.536  -13.817 1.00 11.91  ? 7   ILE A CD1   1 
ATOM   62   N  N     . THR A 1 9   ? -7.094  -4.715  -11.285 1.00 12.98  ? 8   THR A N     1 
ATOM   63   C  CA    . THR A 1 9   ? -8.136  -4.164  -10.434 1.00 15.01  ? 8   THR A CA    1 
ATOM   64   C  C     . THR A 1 9   ? -8.843  -5.236  -9.559  1.00 14.42  ? 8   THR A C     1 
ATOM   65   O  O     . THR A 1 9   ? -9.130  -4.954  -8.371  1.00 16.08  ? 8   THR A O     1 
ATOM   66   C  CB    . THR A 1 9   ? -9.174  -3.407  -11.284 1.00 15.65  ? 8   THR A CB    1 
ATOM   67   O  OG1   . THR A 1 9   ? -8.513  -2.343  -11.991 1.00 15.94  ? 8   THR A OG1   1 
ATOM   68   C  CG2   . THR A 1 9   ? -10.207 -2.805  -10.386 1.00 16.06  ? 8   THR A CG2   1 
ATOM   69   N  N     . THR A 1 10  ? -9.026  -6.403  -10.168 1.00 18.21  ? 9   THR A N     1 
ATOM   70   C  CA    . THR A 1 10  ? -9.584  -7.626  -9.544  1.00 20.05  ? 9   THR A CA    1 
ATOM   71   C  C     . THR A 1 10  ? -8.756  -7.939  -8.285  1.00 20.34  ? 9   THR A C     1 
ATOM   72   O  O     . THR A 1 10  ? -9.307  -8.129  -7.173  1.00 20.87  ? 9   THR A O     1 
ATOM   73   C  CB    . THR A 1 10  ? -9.581  -8.807  -10.546 1.00 21.22  ? 9   THR A CB    1 
ATOM   74   O  OG1   . THR A 1 10  ? -10.452 -8.533  -11.666 1.00 23.74  ? 9   THR A OG1   1 
ATOM   75   C  CG2   . THR A 1 10  ? -10.004 -10.099 -9.890  1.00 22.60  ? 9   THR A CG2   1 
ATOM   76   N  N     . ILE A 1 11  ? -7.424  -7.922  -8.455  1.00 19.25  ? 10  ILE A N     1 
ATOM   77   C  CA    . ILE A 1 11  ? -6.529  -8.199  -7.334  1.00 19.15  ? 10  ILE A CA    1 
ATOM   78   C  C     . ILE A 1 11  ? -6.641  -7.117  -6.307  1.00 19.28  ? 10  ILE A C     1 
ATOM   79   O  O     . ILE A 1 11  ? -6.813  -7.390  -5.115  1.00 20.59  ? 10  ILE A O     1 
ATOM   80   C  CB    . ILE A 1 11  ? -5.048  -8.429  -7.785  1.00 19.16  ? 10  ILE A CB    1 
ATOM   81   C  CG1   . ILE A 1 11  ? -4.920  -9.680  -8.673  1.00 20.55  ? 10  ILE A CG1   1 
ATOM   82   C  CG2   . ILE A 1 11  ? -4.128  -8.555  -6.572  1.00 19.05  ? 10  ILE A CG2   1 
ATOM   83   C  CD1   . ILE A 1 11  ? -5.262  -10.984 -7.962  1.00 26.60  ? 10  ILE A CD1   1 
ATOM   84   N  N     . ILE A 1 12  ? -6.517  -5.860  -6.735  1.00 18.72  ? 11  ILE A N     1 
ATOM   85   C  CA    . ILE A 1 12  ? -6.632  -4.740  -5.841  1.00 19.77  ? 11  ILE A CA    1 
ATOM   86   C  C     . ILE A 1 12  ? -8.055  -4.712  -5.152  1.00 21.60  ? 11  ILE A C     1 
ATOM   87   O  O     . ILE A 1 12  ? -8.145  -4.265  -4.036  1.00 23.68  ? 11  ILE A O     1 
ATOM   88   C  CB    . ILE A 1 12  ? -6.233  -3.407  -6.564  1.00 20.23  ? 11  ILE A CB    1 
ATOM   89   C  CG1   . ILE A 1 12  ? -4.738  -3.417  -6.931  1.00 17.49  ? 11  ILE A CG1   1 
ATOM   90   C  CG2   . ILE A 1 12  ? -6.492  -2.147  -5.704  1.00 19.63  ? 11  ILE A CG2   1 
ATOM   91   C  CD1   . ILE A 1 12  ? -4.463  -2.380  -8.043  1.00 19.43  ? 11  ILE A CD1   1 
ATOM   92   N  N     . GLN A 1 13  ? -9.099  -5.242  -5.798  1.00 22.76  ? 12  GLN A N     1 
ATOM   93   C  CA    . GLN A 1 13  ? -10.474 -5.186  -5.233  1.00 23.05  ? 12  GLN A CA    1 
ATOM   94   C  C     . GLN A 1 13  ? -10.763 -6.386  -4.328  1.00 23.08  ? 12  GLN A C     1 
ATOM   95   O  O     . GLN A 1 13  ? -11.851 -6.455  -3.713  1.00 20.59  ? 12  GLN A O     1 
ATOM   96   C  CB    . GLN A 1 13  ? -11.546 -5.067  -6.338  1.00 23.80  ? 12  GLN A CB    1 
ATOM   97   C  CG    . GLN A 1 13  ? -11.815 -6.383  -7.108  1.00 28.30  ? 12  GLN A CG    1 
ATOM   98   C  CD    . GLN A 1 13  ? -12.762 -6.239  -8.332  1.00 31.78  ? 12  GLN A CD    1 
ATOM   99   O  OE1   . GLN A 1 13  ? -13.257 -7.249  -8.886  1.00 29.81  ? 12  GLN A OE1   1 
ATOM   100  N  NE2   . GLN A 1 13  ? -13.007 -4.982  -8.757  1.00 32.39  ? 12  GLN A NE2   1 
ATOM   101  N  N     . GLY A 1 14  ? -9.806  -7.327  -4.260  1.00 22.07  ? 13  GLY A N     1 
ATOM   102  C  CA    . GLY A 1 14  ? -9.975  -8.545  -3.447  1.00 21.96  ? 13  GLY A CA    1 
ATOM   103  C  C     . GLY A 1 14  ? -9.481  -8.390  -2.013  1.00 22.86  ? 13  GLY A C     1 
ATOM   104  O  O     . GLY A 1 14  ? -9.635  -7.307  -1.384  1.00 21.64  ? 13  GLY A O     1 
ATOM   105  N  N     . GLN A 1 15  ? -8.903  -9.452  -1.456  1.00 22.78  ? 14  GLN A N     1 
ATOM   106  C  CA    . GLN A 1 15  ? -8.439  -9.317  -0.058  1.00 23.01  ? 14  GLN A CA    1 
ATOM   107  C  C     . GLN A 1 15  ? -7.408  -8.206  0.138   1.00 20.66  ? 14  GLN A C     1 
ATOM   108  O  O     . GLN A 1 15  ? -6.620  -7.890  -0.729  1.00 21.99  ? 14  GLN A O     1 
ATOM   109  C  CB    . GLN A 1 15  ? -7.998  -10.645 0.599   1.00 24.65  ? 14  GLN A CB    1 
ATOM   110  C  CG    . GLN A 1 15  ? -8.266  -10.689 2.153   1.00 28.33  ? 14  GLN A CG    1 
ATOM   111  C  CD    . GLN A 1 15  ? -7.041  -10.275 3.034   1.00 32.32  ? 14  GLN A CD    1 
ATOM   112  O  OE1   . GLN A 1 15  ? -7.185  -9.579  4.058   1.00 35.58  ? 14  GLN A OE1   1 
ATOM   113  N  NE2   . GLN A 1 15  ? -5.853  -10.712 2.633   1.00 29.55  ? 14  GLN A NE2   1 
ATOM   114  N  N     A ARG A 1 16  ? -7.431  -7.628  1.330   0.60 19.91  ? 15  ARG A N     1 
ATOM   115  N  N     B ARG A 1 16  ? -7.409  -7.589  1.305   0.40 19.38  ? 15  ARG A N     1 
ATOM   116  C  CA    A ARG A 1 16  ? -6.715  -6.397  1.589   0.60 16.85  ? 15  ARG A CA    1 
ATOM   117  C  CA    B ARG A 1 16  ? -6.611  -6.390  1.426   0.40 16.17  ? 15  ARG A CA    1 
ATOM   118  C  C     A ARG A 1 16  ? -5.261  -6.579  2.086   0.60 15.38  ? 15  ARG A C     1 
ATOM   119  C  C     B ARG A 1 16  ? -5.221  -6.570  2.067   0.40 15.10  ? 15  ARG A C     1 
ATOM   120  O  O     A ARG A 1 16  ? -4.480  -5.659  1.973   0.60 13.20  ? 15  ARG A O     1 
ATOM   121  O  O     B ARG A 1 16  ? -4.436  -5.643  2.016   0.40 13.50  ? 15  ARG A O     1 
ATOM   122  C  CB    A ARG A 1 16  ? -7.516  -5.543  2.595   0.60 18.13  ? 15  ARG A CB    1 
ATOM   123  C  CB    B ARG A 1 16  ? -7.413  -5.281  2.110   0.40 17.02  ? 15  ARG A CB    1 
ATOM   124  C  CG    A ARG A 1 16  ? -8.493  -4.551  1.938   0.60 17.95  ? 15  ARG A CG    1 
ATOM   125  C  CG    B ARG A 1 16  ? -8.030  -5.710  3.420   0.40 14.96  ? 15  ARG A CG    1 
ATOM   126  C  CD    A ARG A 1 16  ? -9.168  -3.656  2.955   0.60 21.94  ? 15  ARG A CD    1 
ATOM   127  C  CD    B ARG A 1 16  ? -8.273  -7.170  3.402   0.40 20.09  ? 15  ARG A CD    1 
ATOM   128  N  NE    A ARG A 1 16  ? -10.390 -3.133  2.354   0.60 24.66  ? 15  ARG A NE    1 
ATOM   129  N  NE    B ARG A 1 16  ? -9.675  -7.545  3.235   0.40 20.54  ? 15  ARG A NE    1 
ATOM   130  C  CZ    A ARG A 1 16  ? -11.609 -3.592  2.639   0.60 28.36  ? 15  ARG A CZ    1 
ATOM   131  C  CZ    B ARG A 1 16  ? -10.225 -8.566  3.876   0.40 22.59  ? 15  ARG A CZ    1 
ATOM   132  N  NH1   A ARG A 1 16  ? -11.762 -4.525  3.586   0.60 29.62  ? 15  ARG A NH1   1 
ATOM   133  N  NH1   B ARG A 1 16  ? -11.503 -8.869  3.699   0.40 22.71  ? 15  ARG A NH1   1 
ATOM   134  N  NH2   A ARG A 1 16  ? -12.691 -3.081  2.015   0.60 29.23  ? 15  ARG A NH2   1 
ATOM   135  N  NH2   B ARG A 1 16  ? -9.488  -9.273  4.726   0.40 24.65  ? 15  ARG A NH2   1 
ATOM   136  N  N     . THR A 1 17  ? -4.902  -7.727  2.659   1.00 13.86  ? 16  THR A N     1 
ATOM   137  C  CA    . THR A 1 17  ? -3.569  -7.852  3.309   1.00 13.50  ? 16  THR A CA    1 
ATOM   138  C  C     . THR A 1 17  ? -2.488  -8.156  2.296   1.00 12.13  ? 16  THR A C     1 
ATOM   139  O  O     . THR A 1 17  ? -2.613  -9.104  1.539   1.00 14.46  ? 16  THR A O     1 
ATOM   140  C  CB    . THR A 1 17  ? -3.498  -8.884  4.473   1.00 14.49  ? 16  THR A CB    1 
ATOM   141  O  OG1   . THR A 1 17  ? -4.498  -8.557  5.459   1.00 16.01  ? 16  THR A OG1   1 
ATOM   142  C  CG2   . THR A 1 17  ? -2.119  -8.843  5.095   1.00 16.68  ? 16  THR A CG2   1 
ATOM   143  N  N     . GLY A 1 18  ? -1.448  -7.336  2.274   1.00 10.89  ? 17  GLY A N     1 
ATOM   144  C  CA    . GLY A 1 18  ? -0.305  -7.531  1.396   1.00 9.93   ? 17  GLY A CA    1 
ATOM   145  C  C     . GLY A 1 18  ? 0.970   -7.270  2.174   1.00 8.61   ? 17  GLY A C     1 
ATOM   146  O  O     . GLY A 1 18  ? 0.950   -7.153  3.417   1.00 8.10   ? 17  GLY A O     1 
ATOM   147  N  N     . VAL A 1 19  ? 2.072   -7.090  1.446   1.00 8.48   ? 18  VAL A N     1 
ATOM   148  C  CA    . VAL A 1 19  ? 3.368   -6.812  2.062   1.00 7.00   ? 18  VAL A CA    1 
ATOM   149  C  C     . VAL A 1 19  ? 3.888   -5.493  1.536   1.00 7.57   ? 18  VAL A C     1 
ATOM   150  O  O     . VAL A 1 19  ? 3.923   -5.314  0.317   1.00 8.62   ? 18  VAL A O     1 
ATOM   151  C  CB    . VAL A 1 19  ? 4.381   -7.905  1.686   1.00 10.09  ? 18  VAL A CB    1 
ATOM   152  C  CG1   . VAL A 1 19  ? 5.707   -7.611  2.312   1.00 11.02  ? 18  VAL A CG1   1 
ATOM   153  C  CG2   . VAL A 1 19  ? 3.840   -9.313  2.167   1.00 10.53  ? 18  VAL A CG2   1 
ATOM   154  N  N     . LEU A 1 20  ? 4.259   -4.582  2.439   1.00 6.29   ? 19  LEU A N     1 
ATOM   155  C  CA    . LEU A 1 20  ? 4.885   -3.317  2.049   1.00 6.54   ? 19  LEU A CA    1 
ATOM   156  C  C     . LEU A 1 20  ? 6.358   -3.400  2.397   1.00 7.46   ? 19  LEU A C     1 
ATOM   157  O  O     . LEU A 1 20  ? 6.707   -3.577  3.589   1.00 7.71   ? 19  LEU A O     1 
ATOM   158  C  CB    . LEU A 1 20  ? 4.243   -2.187  2.874   1.00 5.68   ? 19  LEU A CB    1 
ATOM   159  C  CG    . LEU A 1 20  ? 4.858   -0.784  2.688   1.00 7.86   ? 19  LEU A CG    1 
ATOM   160  C  CD1   . LEU A 1 20  ? 4.760   -0.304  1.211   1.00 9.34   ? 19  LEU A CD1   1 
ATOM   161  C  CD2   . LEU A 1 20  ? 4.177   0.274   3.616   1.00 9.76   ? 19  LEU A CD2   1 
ATOM   162  N  N     . SER A 1 21  ? 7.209   -3.271  1.387   1.00 6.97   ? 20  SER A N     1 
ATOM   163  C  CA    . SER A 1 21  ? 8.668   -3.310  1.645   1.00 5.97   ? 20  SER A CA    1 
ATOM   164  C  C     . SER A 1 21  ? 9.261   -1.924  1.402   1.00 6.69   ? 20  SER A C     1 
ATOM   165  O  O     . SER A 1 21  ? 8.887   -1.191  0.482   1.00 6.60   ? 20  SER A O     1 
ATOM   166  C  CB    . SER A 1 21  ? 9.308   -4.278  0.661   1.00 6.62   ? 20  SER A CB    1 
ATOM   167  O  OG    . SER A 1 21  ? 8.670   -5.552  0.825   1.00 9.83   ? 20  SER A OG    1 
ATOM   168  N  N     . THR A 1 22  ? 10.214  -1.569  2.253   1.00 6.47   ? 21  THR A N     1 
ATOM   169  C  CA    . THR A 1 22  ? 10.921  -0.295  2.223   1.00 7.26   ? 21  THR A CA    1 
ATOM   170  C  C     . THR A 1 22  ? 12.395  -0.576  2.436   1.00 8.00   ? 21  THR A C     1 
ATOM   171  O  O     . THR A 1 22  ? 12.807  -1.744  2.653   1.00 8.67   ? 21  THR A O     1 
ATOM   172  C  CB    . THR A 1 22  ? 10.449  0.615   3.401   1.00 7.14   ? 21  THR A CB    1 
ATOM   173  O  OG1   . THR A 1 22  ? 10.489  -0.164  4.626   1.00 10.32  ? 21  THR A OG1   1 
ATOM   174  C  CG2   . THR A 1 22  ? 9.009   1.119   3.166   1.00 9.68   ? 21  THR A CG2   1 
ATOM   175  N  N     . VAL A 1 23  ? 13.222  0.472   2.270   1.00 8.52   ? 22  VAL A N     1 
ATOM   176  C  CA    . VAL A 1 23  ? 14.648  0.399   2.613   1.00 10.70  ? 22  VAL A CA    1 
ATOM   177  C  C     . VAL A 1 23  ? 14.879  1.158   3.908   1.00 13.72  ? 22  VAL A C     1 
ATOM   178  O  O     . VAL A 1 23  ? 14.389  2.288   4.045   1.00 15.27  ? 22  VAL A O     1 
ATOM   179  C  CB    . VAL A 1 23  ? 15.514  1.022   1.516   1.00 12.15  ? 22  VAL A CB    1 
ATOM   180  C  CG1   . VAL A 1 23  ? 17.017  0.941   1.913   1.00 13.54  ? 22  VAL A CG1   1 
ATOM   181  C  CG2   . VAL A 1 23  ? 15.261  0.349   0.208   1.00 13.85  ? 22  VAL A CG2   1 
ATOM   182  N  N     . ARG A 1 24  ? 15.589  0.532   4.851   1.00 12.91  ? 23  ARG A N     1 
ATOM   183  C  CA    . ARG A 1 24  ? 15.739  1.005   6.253   1.00 15.39  ? 23  ARG A CA    1 
ATOM   184  C  C     . ARG A 1 24  ? 17.215  0.916   6.513   1.00 16.95  ? 23  ARG A C     1 
ATOM   185  O  O     . ARG A 1 24  ? 17.763  -0.177  6.724   1.00 16.39  ? 23  ARG A O     1 
ATOM   186  C  CB    . ARG A 1 24  ? 14.977  0.109   7.251   1.00 15.31  ? 23  ARG A CB    1 
ATOM   187  C  CG    . ARG A 1 24  ? 15.163  0.513   8.740   1.00 16.63  ? 23  ARG A CG    1 
ATOM   188  C  CD    . ARG A 1 24  ? 14.162  -0.125  9.690   1.00 18.01  ? 23  ARG A CD    1 
ATOM   189  N  NE    . ARG A 1 24  ? 12.818  0.168   9.266   1.00 16.26  ? 23  ARG A NE    1 
ATOM   190  C  CZ    . ARG A 1 24  ? 11.705  -0.408  9.733   1.00 16.87  ? 23  ARG A CZ    1 
ATOM   191  N  NH1   . ARG A 1 24  ? 11.748  -1.302  10.722  1.00 21.35  ? 23  ARG A NH1   1 
ATOM   192  N  NH2   . ARG A 1 24  ? 10.548  -0.040  9.212   1.00 20.54  ? 23  ARG A NH2   1 
ATOM   193  N  N     . ASN A 1 25  ? 17.874  2.059   6.466   1.00 19.28  ? 24  ASN A N     1 
ATOM   194  C  CA    . ASN A 1 25  ? 19.310  2.081   6.730   1.00 19.78  ? 24  ASN A CA    1 
ATOM   195  C  C     . ASN A 1 25  ? 20.090  1.156   5.794   1.00 19.61  ? 24  ASN A C     1 
ATOM   196  O  O     . ASN A 1 25  ? 20.946  0.364   6.240   1.00 19.01  ? 24  ASN A O     1 
ATOM   197  C  CB    . ASN A 1 25  ? 19.554  1.669   8.182   1.00 21.04  ? 24  ASN A CB    1 
ATOM   198  C  CG    . ASN A 1 25  ? 19.103  2.709   9.148   1.00 25.15  ? 24  ASN A CG    1 
ATOM   199  O  OD1   . ASN A 1 25  ? 19.273  3.911   8.908   1.00 28.38  ? 24  ASN A OD1   1 
ATOM   200  N  ND2   . ASN A 1 25  ? 18.495  2.266   10.249  1.00 27.20  ? 24  ASN A ND2   1 
ATOM   201  N  N     . ASP A 1 26  ? 19.749  1.205   4.503   1.00 18.95  ? 25  ASP A N     1 
ATOM   202  C  CA    . ASP A 1 26  ? 20.469  0.439   3.492   1.00 17.86  ? 25  ASP A CA    1 
ATOM   203  C  C     . ASP A 1 26  ? 20.227  -1.100  3.637   1.00 15.83  ? 25  ASP A C     1 
ATOM   204  O  O     . ASP A 1 26  ? 21.020  -1.933  3.206   1.00 17.87  ? 25  ASP A O     1 
ATOM   205  C  CB    . ASP A 1 26  ? 21.942  0.799   3.611   1.00 19.83  ? 25  ASP A CB    1 
ATOM   206  C  CG    . ASP A 1 26  ? 22.709  0.620   2.324   1.00 24.48  ? 25  ASP A CG    1 
ATOM   207  O  OD1   . ASP A 1 26  ? 22.078  0.455   1.257   1.00 31.47  ? 25  ASP A OD1   1 
ATOM   208  O  OD2   . ASP A 1 26  ? 23.966  0.650   2.379   1.00 30.95  ? 25  ASP A OD2   1 
ATOM   209  N  N     . LYS A 1 27  ? 19.115  -1.460  4.265   1.00 12.51  ? 26  LYS A N     1 
ATOM   210  C  CA    . LYS A 1 27  ? 18.705  -2.864  4.374   1.00 9.98   ? 26  LYS A CA    1 
ATOM   211  C  C     . LYS A 1 27  ? 17.208  -2.939  4.069   1.00 8.53   ? 26  LYS A C     1 
ATOM   212  O  O     . LYS A 1 27  ? 16.486  -1.957  4.280   1.00 9.93   ? 26  LYS A O     1 
ATOM   213  C  CB    . LYS A 1 27  ? 18.926  -3.363  5.797   1.00 10.90  ? 26  LYS A CB    1 
ATOM   214  C  CG    . LYS A 1 27  ? 20.381  -3.239  6.229   1.00 11.36  ? 26  LYS A CG    1 
ATOM   215  C  CD    . LYS A 1 27  ? 20.568  -3.839  7.604   1.00 18.29  ? 26  LYS A CD    1 
ATOM   216  C  CE    . LYS A 1 27  ? 19.580  -3.366  8.625   1.00 23.79  ? 26  LYS A CE    1 
ATOM   217  N  NZ    . LYS A 1 27  ? 20.058  -3.826  9.989   1.00 26.91  ? 26  LYS A NZ    1 
ATOM   218  N  N     . PRO A 1 28  ? 16.750  -4.073  3.527   1.00 7.21   ? 27  PRO A N     1 
ATOM   219  C  CA    . PRO A 1 28  ? 15.326  -4.183  3.227   1.00 7.16   ? 27  PRO A CA    1 
ATOM   220  C  C     . PRO A 1 28  ? 14.507  -4.474  4.498   1.00 7.39   ? 27  PRO A C     1 
ATOM   221  O  O     . PRO A 1 28  ? 14.973  -5.119  5.451   1.00 7.79   ? 27  PRO A O     1 
ATOM   222  C  CB    . PRO A 1 28  ? 15.251  -5.389  2.272   1.00 8.54   ? 27  PRO A CB    1 
ATOM   223  C  CG    . PRO A 1 28  ? 16.396  -6.305  2.793   1.00 6.12   ? 27  PRO A CG    1 
ATOM   224  C  CD    . PRO A 1 28  ? 17.491  -5.339  3.365   1.00 6.74   ? 27  PRO A CD    1 
ATOM   225  N  N     . HIS A 1 29  ? 13.282  -3.977  4.498   1.00 8.31   ? 28  HIS A N     1 
ATOM   226  C  CA    . HIS A 1 29  ? 12.334  -4.270  5.576   1.00 7.87   ? 28  HIS A CA    1 
ATOM   227  C  C     . HIS A 1 29  ? 10.973  -4.479  4.966   1.00 9.13   ? 28  HIS A C     1 
ATOM   228  O  O     . HIS A 1 29  ? 10.535  -3.678  4.131   1.00 10.77  ? 28  HIS A O     1 
ATOM   229  C  CB    . HIS A 1 29  ? 12.235  -3.119  6.551   1.00 9.31   ? 28  HIS A CB    1 
ATOM   230  C  CG    . HIS A 1 29  ? 11.265  -3.396  7.655   1.00 12.42  ? 28  HIS A CG    1 
ATOM   231  N  ND1   . HIS A 1 29  ? 9.917   -3.087  7.571   1.00 12.92  ? 28  HIS A ND1   1 
ATOM   232  C  CD2   . HIS A 1 29  ? 11.445  -3.995  8.862   1.00 15.40  ? 28  HIS A CD2   1 
ATOM   233  C  CE1   . HIS A 1 29  ? 9.320   -3.453  8.695   1.00 13.58  ? 28  HIS A CE1   1 
ATOM   234  N  NE2   . HIS A 1 29  ? 10.230  -4.002  9.495   1.00 14.74  ? 28  HIS A NE2   1 
ATOM   235  N  N     A SER A 1 30  ? 10.255  -5.474  5.452   0.70 8.45   ? 29  SER A N     1 
ATOM   236  N  N     B SER A 1 30  ? 10.291  -5.536  5.379   0.30 8.98   ? 29  SER A N     1 
ATOM   237  C  CA    A SER A 1 30  ? 8.927   -5.770  4.933   0.70 7.25   ? 29  SER A CA    1 
ATOM   238  C  CA    B SER A 1 30  ? 8.928   -5.772  4.921   0.30 8.32   ? 29  SER A CA    1 
ATOM   239  C  C     A SER A 1 30  ? 7.955   -5.943  6.085   0.70 7.06   ? 29  SER A C     1 
ATOM   240  C  C     B SER A 1 30  ? 7.985   -5.853  6.114   0.30 8.00   ? 29  SER A C     1 
ATOM   241  O  O     A SER A 1 30  ? 8.295   -6.505  7.102   0.70 7.16   ? 29  SER A O     1 
ATOM   242  O  O     B SER A 1 30  ? 8.401   -6.207  7.222   0.30 8.22   ? 29  SER A O     1 
ATOM   243  C  CB    A SER A 1 30  ? 8.931   -7.054  4.123   0.70 8.24   ? 29  SER A CB    1 
ATOM   244  C  CB    B SER A 1 30  ? 8.836   -7.042  4.069   0.30 8.80   ? 29  SER A CB    1 
ATOM   245  O  OG    A SER A 1 30  ? 9.650   -6.873  2.920   0.70 10.86  ? 29  SER A OG    1 
ATOM   246  O  OG    B SER A 1 30  ? 9.449   -8.150  4.702   0.30 9.96   ? 29  SER A OG    1 
ATOM   247  N  N     . ALA A 1 31  ? 6.717   -5.520  5.875   1.00 7.88   ? 30  ALA A N     1 
ATOM   248  C  CA    . ALA A 1 31  ? 5.682   -5.647  6.907   1.00 7.45   ? 30  ALA A CA    1 
ATOM   249  C  C     . ALA A 1 31  ? 4.373   -6.012  6.219   1.00 8.17   ? 30  ALA A C     1 
ATOM   250  O  O     . ALA A 1 31  ? 4.077   -5.536  5.109   1.00 9.09   ? 30  ALA A O     1 
ATOM   251  C  CB    . ALA A 1 31  ? 5.521   -4.326  7.674   1.00 8.74   ? 30  ALA A CB    1 
ATOM   252  N  N     . PHE A 1 32  ? 3.577   -6.842  6.874   1.00 7.01   ? 31  PHE A N     1 
ATOM   253  C  CA    . PHE A 1 32  ? 2.185   -7.036  6.445   1.00 7.08   ? 31  PHE A CA    1 
ATOM   254  C  C     . PHE A 1 32  ? 1.415   -5.750  6.711   1.00 6.37   ? 31  PHE A C     1 
ATOM   255  O  O     . PHE A 1 32  ? 1.548   -5.144  7.775   1.00 6.79   ? 31  PHE A O     1 
ATOM   256  C  CB    . PHE A 1 32  ? 1.537   -8.235  7.191   1.00 7.60   ? 31  PHE A CB    1 
ATOM   257  C  CG    . PHE A 1 32  ? 2.237   -9.537  6.916   1.00 10.19  ? 31  PHE A CG    1 
ATOM   258  C  CD1   . PHE A 1 32  ? 2.129   -10.119 5.663   1.00 11.02  ? 31  PHE A CD1   1 
ATOM   259  C  CD2   . PHE A 1 32  ? 3.034   -10.155 7.902   1.00 13.61  ? 31  PHE A CD2   1 
ATOM   260  C  CE1   . PHE A 1 32  ? 2.791   -11.306 5.373   1.00 11.41  ? 31  PHE A CE1   1 
ATOM   261  C  CE2   . PHE A 1 32  ? 3.687   -11.368 7.618   1.00 10.32  ? 31  PHE A CE2   1 
ATOM   262  C  CZ    . PHE A 1 32  ? 3.547   -11.931 6.365   1.00 13.40  ? 31  PHE A CZ    1 
HETATM 263  N  N     . MSE A 1 33  ? 0.562   -5.369  5.770   1.00 6.93   ? 32  MSE A N     1 
HETATM 264  C  CA    . MSE A 1 33  ? -0.251  -4.139  5.875   1.00 6.10   ? 32  MSE A CA    1 
HETATM 265  C  C     . MSE A 1 33  ? -1.562  -4.391  5.107   1.00 7.85   ? 32  MSE A C     1 
HETATM 266  O  O     . MSE A 1 33  ? -1.579  -5.170  4.116   1.00 8.74   ? 32  MSE A O     1 
HETATM 267  C  CB    . MSE A 1 33  ? 0.439   -2.872  5.309   1.00 6.94   ? 32  MSE A CB    1 
HETATM 268  C  CG    . MSE A 1 33  ? 1.834   -2.644  5.884   1.00 4.72   ? 32  MSE A CG    1 
HETATM 269  SE SE    . MSE A 1 33  ? 1.801   -2.093  7.715   0.90 6.71   ? 32  MSE A SE    1 
HETATM 270  C  CE    . MSE A 1 33  ? 2.047   -0.219  7.534   1.00 15.24  ? 32  MSE A CE    1 
HETATM 271  N  N     . MSE A 1 34  ? -2.661  -3.790  5.574   1.00 8.23   ? 33  MSE A N     1 
HETATM 272  C  CA    . MSE A 1 34  ? -3.907  -3.755  4.807   1.00 8.24   ? 33  MSE A CA    1 
HETATM 273  C  C     . MSE A 1 34  ? -3.827  -2.668  3.744   1.00 9.36   ? 33  MSE A C     1 
HETATM 274  O  O     . MSE A 1 34  ? -3.444  -1.538  4.022   1.00 10.00  ? 33  MSE A O     1 
HETATM 275  C  CB    . MSE A 1 34  ? -5.071  -3.448  5.740   1.00 9.33   ? 33  MSE A CB    1 
HETATM 276  C  CG    . MSE A 1 34  ? -5.144  -4.494  6.761   1.00 13.77  ? 33  MSE A CG    1 
HETATM 277  SE SE    . MSE A 1 34  ? -6.654  -4.275  7.938   0.80 19.75  ? 33  MSE A SE    1 
HETATM 278  C  CE    . MSE A 1 34  ? -7.699  -3.152  6.833   1.00 14.65  ? 33  MSE A CE    1 
ATOM   279  N  N     . PHE A 1 35  ? -4.241  -2.994  2.528   1.00 7.97   ? 34  PHE A N     1 
ATOM   280  C  CA    . PHE A 1 35  ? -4.180  -2.016  1.442   1.00 7.34   ? 34  PHE A CA    1 
ATOM   281  C  C     . PHE A 1 35  ? -5.536  -1.535  0.978   1.00 8.33   ? 34  PHE A C     1 
ATOM   282  O  O     . PHE A 1 35  ? -6.421  -2.360  0.643   1.00 10.57  ? 34  PHE A O     1 
ATOM   283  C  CB    . PHE A 1 35  ? -3.412  -2.618  0.224   1.00 7.48   ? 34  PHE A CB    1 
ATOM   284  C  CG    . PHE A 1 35  ? -1.946  -2.717  0.443   1.00 7.74   ? 34  PHE A CG    1 
ATOM   285  C  CD1   . PHE A 1 35  ? -1.088  -1.712  -0.007  1.00 9.80   ? 34  PHE A CD1   1 
ATOM   286  C  CD2   . PHE A 1 35  ? -1.420  -3.823  1.163   1.00 7.24   ? 34  PHE A CD2   1 
ATOM   287  C  CE1   . PHE A 1 35  ? 0.328   -1.813  0.235   1.00 9.13   ? 34  PHE A CE1   1 
ATOM   288  C  CE2   . PHE A 1 35  ? -0.017  -3.880  1.421   1.00 8.08   ? 34  PHE A CE2   1 
ATOM   289  C  CZ    . PHE A 1 35  ? 0.840   -2.897  0.955   1.00 9.29   ? 34  PHE A CZ    1 
ATOM   290  N  N     . PHE A 1 36  ? -5.670  -0.211  0.862   1.00 7.74   ? 35  PHE A N     1 
ATOM   291  C  CA    . PHE A 1 36  ? -6.836  0.419   0.208   1.00 9.39   ? 35  PHE A CA    1 
ATOM   292  C  C     . PHE A 1 36  ? -6.403  1.054   -1.091  1.00 10.24  ? 35  PHE A C     1 
ATOM   293  O  O     . PHE A 1 36  ? -5.239  1.001   -1.450  1.00 8.92   ? 35  PHE A O     1 
ATOM   294  C  CB    . PHE A 1 36  ? -7.399  1.514   1.140   1.00 9.29   ? 35  PHE A CB    1 
ATOM   295  C  CG    . PHE A 1 36  ? -7.618  1.025   2.519   1.00 11.00  ? 35  PHE A CG    1 
ATOM   296  C  CD1   . PHE A 1 36  ? -8.769  0.348   2.843   1.00 14.53  ? 35  PHE A CD1   1 
ATOM   297  C  CD2   . PHE A 1 36  ? -6.614  1.159   3.480   1.00 12.83  ? 35  PHE A CD2   1 
ATOM   298  C  CE1   . PHE A 1 36  ? -8.957  -0.171  4.151   1.00 15.97  ? 35  PHE A CE1   1 
ATOM   299  C  CE2   . PHE A 1 36  ? -6.796  0.660   4.799   1.00 17.66  ? 35  PHE A CE2   1 
ATOM   300  C  CZ    . PHE A 1 36  ? -7.958  0.005   5.121   1.00 17.63  ? 35  PHE A CZ    1 
ATOM   301  N  N     . HIS A 1 37  ? -7.337  1.631   -1.851  1.00 11.02  ? 36  HIS A N     1 
ATOM   302  C  CA    . HIS A 1 37  ? -6.886  2.176   -3.132  1.00 12.17  ? 36  HIS A CA    1 
ATOM   303  C  C     . HIS A 1 37  ? -7.882  3.198   -3.679  1.00 13.44  ? 36  HIS A C     1 
ATOM   304  O  O     . HIS A 1 37  ? -9.076  3.212   -3.256  1.00 13.90  ? 36  HIS A O     1 
ATOM   305  C  CB    . HIS A 1 37  ? -6.707  1.039   -4.154  1.00 11.77  ? 36  HIS A CB    1 
ATOM   306  C  CG    . HIS A 1 37  ? -7.990  0.608   -4.739  1.00 13.90  ? 36  HIS A CG    1 
ATOM   307  N  ND1   . HIS A 1 37  ? -8.874  -0.190  -4.052  1.00 15.67  ? 36  HIS A ND1   1 
ATOM   308  C  CD2   . HIS A 1 37  ? -8.582  0.922   -5.922  1.00 15.55  ? 36  HIS A CD2   1 
ATOM   309  C  CE1   . HIS A 1 37  ? -9.962  -0.356  -4.787  1.00 13.16  ? 36  HIS A CE1   1 
ATOM   310  N  NE2   . HIS A 1 37  ? -9.801  0.284   -5.932  1.00 18.68  ? 36  HIS A NE2   1 
ATOM   311  N  N     . GLU A 1 38  ? -7.359  4.063   -4.542  1.00 13.79  ? 37  GLU A N     1 
ATOM   312  C  CA    . GLU A 1 38  ? -8.166  4.890   -5.426  1.00 14.86  ? 37  GLU A CA    1 
ATOM   313  C  C     . GLU A 1 38  ? -7.608  4.681   -6.807  1.00 14.70  ? 37  GLU A C     1 
ATOM   314  O  O     . GLU A 1 38  ? -6.490  5.090   -7.099  1.00 14.79  ? 37  GLU A O     1 
ATOM   315  C  CB    . GLU A 1 38  ? -8.063  6.314   -5.009  1.00 15.08  ? 37  GLU A CB    1 
ATOM   316  C  CG    . GLU A 1 38  ? -9.103  6.574   -3.945  1.00 19.35  ? 37  GLU A CG    1 
ATOM   317  C  CD    . GLU A 1 38  ? -9.400  8.034   -3.817  1.00 25.42  ? 37  GLU A CD    1 
ATOM   318  O  OE1   . GLU A 1 38  ? -8.554  8.855   -4.265  1.00 29.40  ? 37  GLU A OE1   1 
ATOM   319  O  OE2   . GLU A 1 38  ? -10.472 8.366   -3.261  1.00 26.59  ? 37  GLU A OE2   1 
ATOM   320  N  N     . ASP A 1 39  ? -8.403  4.018   -7.636  1.00 16.16  ? 38  ASP A N     1 
ATOM   321  C  CA    . ASP A 1 39  ? -7.899  3.519   -8.910  1.00 16.96  ? 38  ASP A CA    1 
ATOM   322  C  C     . ASP A 1 39  ? -6.622  2.694   -8.647  1.00 14.29  ? 38  ASP A C     1 
ATOM   323  O  O     . ASP A 1 39  ? -6.659  1.732   -7.870  1.00 14.72  ? 38  ASP A O     1 
ATOM   324  C  CB    . ASP A 1 39  ? -7.686  4.667   -9.878  1.00 17.53  ? 38  ASP A CB    1 
ATOM   325  C  CG    . ASP A 1 39  ? -9.013  5.278   -10.329 1.00 24.07  ? 38  ASP A CG    1 
ATOM   326  O  OD1   . ASP A 1 39  ? -9.957  4.503   -10.640 1.00 28.56  ? 38  ASP A OD1   1 
ATOM   327  O  OD2   . ASP A 1 39  ? -9.088  6.518   -10.353 1.00 29.56  ? 38  ASP A OD2   1 
ATOM   328  N  N     . PHE A 1 40  ? -5.514  3.025   -9.306  1.00 12.99  ? 39  PHE A N     1 
ATOM   329  C  CA    . PHE A 1 40  ? -4.317  2.179   -9.118  1.00 11.66  ? 39  PHE A CA    1 
ATOM   330  C  C     . PHE A 1 40  ? -3.382  2.703   -8.047  1.00 11.09  ? 39  PHE A C     1 
ATOM   331  O  O     . PHE A 1 40  ? -2.347  2.106   -7.775  1.00 11.80  ? 39  PHE A O     1 
ATOM   332  C  CB    . PHE A 1 40  ? -3.538  2.011   -10.446 1.00 11.74  ? 39  PHE A CB    1 
ATOM   333  C  CG    . PHE A 1 40  ? -4.323  1.261   -11.497 1.00 9.91   ? 39  PHE A CG    1 
ATOM   334  C  CD1   . PHE A 1 40  ? -4.609  -0.091  -11.335 1.00 13.89  ? 39  PHE A CD1   1 
ATOM   335  C  CD2   . PHE A 1 40  ? -4.816  1.940   -12.619 1.00 13.39  ? 39  PHE A CD2   1 
ATOM   336  C  CE1   . PHE A 1 40  ? -5.358  -0.772  -12.264 1.00 14.88  ? 39  PHE A CE1   1 
ATOM   337  C  CE2   . PHE A 1 40  ? -5.572  1.247   -13.585 1.00 16.13  ? 39  PHE A CE2   1 
ATOM   338  C  CZ    . PHE A 1 40  ? -5.831  -0.110  -13.398 1.00 17.91  ? 39  PHE A CZ    1 
ATOM   339  N  N     . VAL A 1 41  ? -3.788  3.780   -7.382  1.00 11.75  ? 40  VAL A N     1 
ATOM   340  C  CA    . VAL A 1 41  ? -3.005  4.341   -6.280  1.00 10.27  ? 40  VAL A CA    1 
ATOM   341  C  C     . VAL A 1 41  ? -3.346  3.622   -4.996  1.00 10.32  ? 40  VAL A C     1 
ATOM   342  O  O     . VAL A 1 41  ? -4.523  3.508   -4.635  1.00 9.99   ? 40  VAL A O     1 
ATOM   343  C  CB    . VAL A 1 41  ? -3.262  5.882   -6.130  1.00 10.42  ? 40  VAL A CB    1 
ATOM   344  C  CG1   . VAL A 1 41  ? -2.527  6.418   -4.908  1.00 11.40  ? 40  VAL A CG1   1 
ATOM   345  C  CG2   . VAL A 1 41  ? -2.796  6.613   -7.437  1.00 10.97  ? 40  VAL A CG2   1 
ATOM   346  N  N     . LEU A 1 42  ? -2.331  3.105   -4.297  1.00 9.81   ? 41  LEU A N     1 
ATOM   347  C  CA    . LEU A 1 42  ? -2.606  2.281   -3.103  1.00 8.93   ? 41  LEU A CA    1 
ATOM   348  C  C     . LEU A 1 42  ? -2.391  3.161   -1.874  1.00 9.03   ? 41  LEU A C     1 
ATOM   349  O  O     . LEU A 1 42  ? -1.639  4.126   -1.886  1.00 8.75   ? 41  LEU A O     1 
ATOM   350  C  CB    . LEU A 1 42  ? -1.663  1.045   -2.998  1.00 8.87   ? 41  LEU A CB    1 
ATOM   351  C  CG    . LEU A 1 42  ? -1.808  0.111   -4.198  1.00 10.99  ? 41  LEU A CG    1 
ATOM   352  C  CD1   . LEU A 1 42  ? -0.815  -1.035  -4.033  1.00 12.85  ? 41  LEU A CD1   1 
ATOM   353  C  CD2   . LEU A 1 42  ? -3.208  -0.452  -4.314  1.00 14.22  ? 41  LEU A CD2   1 
ATOM   354  N  N     . TYR A 1 43  ? -3.099  2.820   -0.797  1.00 9.09   ? 42  TYR A N     1 
ATOM   355  C  CA    . TYR A 1 43  ? -2.950  3.573   0.472   1.00 9.18   ? 42  TYR A CA    1 
ATOM   356  C  C     . TYR A 1 43  ? -2.915  2.576   1.628   1.00 9.54   ? 42  TYR A C     1 
ATOM   357  O  O     . TYR A 1 43  ? -3.622  1.566   1.592   1.00 9.74   ? 42  TYR A O     1 
ATOM   358  C  CB    . TYR A 1 43  ? -4.158  4.487   0.729   1.00 10.70  ? 42  TYR A CB    1 
ATOM   359  C  CG    . TYR A 1 43  ? -4.316  5.649   -0.264  1.00 10.17  ? 42  TYR A CG    1 
ATOM   360  C  CD1   . TYR A 1 43  ? -3.691  6.888   -0.005  1.00 12.49  ? 42  TYR A CD1   1 
ATOM   361  C  CD2   . TYR A 1 43  ? -5.026  5.485   -1.458  1.00 13.62  ? 42  TYR A CD2   1 
ATOM   362  C  CE1   . TYR A 1 43  ? -3.803  7.984   -0.919  1.00 12.65  ? 42  TYR A CE1   1 
ATOM   363  C  CE2   . TYR A 1 43  ? -5.116  6.537   -2.377  1.00 14.19  ? 42  TYR A CE2   1 
ATOM   364  C  CZ    . TYR A 1 43  ? -4.516  7.769   -2.104  1.00 12.49  ? 42  TYR A CZ    1 
ATOM   365  O  OH    . TYR A 1 43  ? -4.592  8.831   -2.993  1.00 13.70  ? 42  TYR A OH    1 
ATOM   366  N  N     . VAL A 1 44  ? -2.099  2.859   2.628   1.00 7.61   ? 43  VAL A N     1 
ATOM   367  C  CA    . VAL A 1 44  ? -2.060  2.023   3.844   1.00 8.49   ? 43  VAL A CA    1 
ATOM   368  C  C     . VAL A 1 44  ? -2.246  2.983   5.030   1.00 7.81   ? 43  VAL A C     1 
ATOM   369  O  O     . VAL A 1 44  ? -1.643  4.060   5.068   1.00 9.33   ? 43  VAL A O     1 
ATOM   370  C  CB    . VAL A 1 44  ? -0.701  1.336   3.981   1.00 8.35   ? 43  VAL A CB    1 
ATOM   371  C  CG1   . VAL A 1 44  ? -0.580  0.609   5.316   1.00 9.84   ? 43  VAL A CG1   1 
ATOM   372  C  CG2   . VAL A 1 44  ? -0.523  0.334   2.819   1.00 10.49  ? 43  VAL A CG2   1 
ATOM   373  N  N     . ALA A 1 45  ? -3.090  2.588   5.974   1.00 6.89   ? 44  ALA A N     1 
ATOM   374  C  CA    . ALA A 1 45  ? -3.327  3.357   7.189   1.00 7.37   ? 44  ALA A CA    1 
ATOM   375  C  C     . ALA A 1 45  ? -2.340  2.904   8.229   1.00 8.57   ? 44  ALA A C     1 
ATOM   376  O  O     . ALA A 1 45  ? -2.168  1.681   8.457   1.00 10.09  ? 44  ALA A O     1 
ATOM   377  C  CB    . ALA A 1 45  ? -4.776  3.126   7.646   1.00 7.37   ? 44  ALA A CB    1 
ATOM   378  N  N     . THR A 1 46  ? -1.669  3.857   8.887   1.00 7.64   ? 45  THR A N     1 
ATOM   379  C  CA    . THR A 1 46  ? -0.697  3.487   9.906   1.00 8.30   ? 45  THR A CA    1 
ATOM   380  C  C     . THR A 1 46  ? -0.545  4.603   10.935  1.00 9.25   ? 45  THR A C     1 
ATOM   381  O  O     . THR A 1 46  ? -1.147  5.695   10.776  1.00 9.44   ? 45  THR A O     1 
ATOM   382  C  CB    . THR A 1 46  ? 0.663   3.001   9.297   1.00 9.33   ? 45  THR A CB    1 
ATOM   383  O  OG1   . THR A 1 46  ? 1.393   2.304   10.304  1.00 11.62  ? 45  THR A OG1   1 
ATOM   384  C  CG2   . THR A 1 46  ? 1.477   4.168   8.754   1.00 11.11  ? 45  THR A CG2   1 
ATOM   385  N  N     . ASP A 1 47  ? 0.297   4.350   11.929  1.00 9.29   ? 46  ASP A N     1 
ATOM   386  C  CA    . ASP A 1 47  ? 0.586   5.346   12.957  1.00 10.24  ? 46  ASP A CA    1 
ATOM   387  C  C     . ASP A 1 47  ? 1.734   6.214   12.441  1.00 9.72   ? 46  ASP A C     1 
ATOM   388  O  O     . ASP A 1 47  ? 2.723   5.708   11.830  1.00 9.27   ? 46  ASP A O     1 
ATOM   389  C  CB    . ASP A 1 47  ? 1.023   4.595   14.223  1.00 10.51  ? 46  ASP A CB    1 
ATOM   390  C  CG    . ASP A 1 47  ? 1.549   5.527   15.312  1.00 13.78  ? 46  ASP A CG    1 
ATOM   391  O  OD1   . ASP A 1 47  ? 0.752   6.068   16.087  1.00 18.62  ? 46  ASP A OD1   1 
ATOM   392  O  OD2   . ASP A 1 47  ? 2.793   5.700   15.393  1.00 16.87  ? 46  ASP A OD2   1 
ATOM   393  N  N     . ARG A 1 48  ? 1.630   7.521   12.683  1.00 10.65  ? 47  ARG A N     1 
ATOM   394  C  CA    . ARG A 1 48  ? 2.650   8.439   12.137  1.00 11.48  ? 47  ARG A CA    1 
ATOM   395  C  C     . ARG A 1 48  ? 4.057   8.269   12.720  1.00 11.39  ? 47  ARG A C     1 
ATOM   396  O  O     . ARG A 1 48  ? 5.028   8.681   12.077  1.00 10.57  ? 47  ARG A O     1 
ATOM   397  C  CB    . ARG A 1 48  ? 2.222   9.891   12.229  1.00 14.76  ? 47  ARG A CB    1 
ATOM   398  C  CG    . ARG A 1 48  ? 2.302   10.450  13.574  1.00 18.07  ? 47  ARG A CG    1 
ATOM   399  C  CD    . ARG A 1 48  ? 2.270   12.005  13.455  1.00 18.62  ? 47  ARG A CD    1 
ATOM   400  N  NE    . ARG A 1 48  ? 0.934   12.473  13.083  1.00 19.56  ? 47  ARG A NE    1 
ATOM   401  C  CZ    . ARG A 1 48  ? 0.631   13.157  11.970  1.00 17.67  ? 47  ARG A CZ    1 
ATOM   402  N  NH1   . ARG A 1 48  ? 1.549   13.478  11.034  1.00 15.54  ? 47  ARG A NH1   1 
ATOM   403  N  NH2   . ARG A 1 48  ? -0.629  13.503  11.774  1.00 17.95  ? 47  ARG A NH2   1 
ATOM   404  N  N     . GLN A 1 49  ? 4.171   7.592   13.857  1.00 11.19  ? 48  GLN A N     1 
ATOM   405  C  CA    . GLN A 1 49  ? 5.486   7.304   14.411  1.00 13.60  ? 48  GLN A CA    1 
ATOM   406  C  C     . GLN A 1 49  ? 6.100   5.974   13.938  1.00 14.13  ? 48  GLN A C     1 
ATOM   407  O  O     . GLN A 1 49  ? 7.192   5.596   14.415  1.00 14.86  ? 48  GLN A O     1 
ATOM   408  C  CB    . GLN A 1 49  ? 5.446   7.367   15.944  1.00 14.01  ? 48  GLN A CB    1 
ATOM   409  C  CG    . GLN A 1 49  ? 4.979   8.697   16.521  1.00 17.31  ? 48  GLN A CG    1 
ATOM   410  C  CD    . GLN A 1 49  ? 5.749   9.897   15.960  1.00 20.39  ? 48  GLN A CD    1 
ATOM   411  O  OE1   . GLN A 1 49  ? 5.166   10.958  15.760  1.00 22.77  ? 48  GLN A OE1   1 
ATOM   412  N  NE2   . GLN A 1 49  ? 7.048   9.730   15.718  1.00 20.19  ? 48  GLN A NE2   1 
ATOM   413  N  N     A SER A 1 50  ? 5.422   5.297   13.022  0.50 14.09  ? 49  SER A N     1 
ATOM   414  N  N     B SER A 1 50  ? 5.405   5.290   13.017  0.50 13.37  ? 49  SER A N     1 
ATOM   415  C  CA    A SER A 1 50  ? 5.889   4.041   12.446  0.50 15.73  ? 49  SER A CA    1 
ATOM   416  C  CA    B SER A 1 50  ? 5.845   4.031   12.363  0.50 14.32  ? 49  SER A CA    1 
ATOM   417  C  C     A SER A 1 50  ? 7.265   4.164   11.819  0.50 14.43  ? 49  SER A C     1 
ATOM   418  C  C     B SER A 1 50  ? 7.254   4.155   11.791  0.50 13.62  ? 49  SER A C     1 
ATOM   419  O  O     A SER A 1 50  ? 7.586   5.171   11.197  0.50 13.89  ? 49  SER A O     1 
ATOM   420  O  O     B SER A 1 50  ? 7.587   5.164   11.181  0.50 13.17  ? 49  SER A O     1 
ATOM   421  C  CB    A SER A 1 50  ? 4.896   3.582   11.379  0.50 15.37  ? 49  SER A CB    1 
ATOM   422  C  CB    B SER A 1 50  ? 4.871   3.633   11.212  0.50 13.34  ? 49  SER A CB    1 
ATOM   423  O  OG    A SER A 1 50  ? 3.797   3.016   12.019  0.50 23.04  ? 49  SER A OG    1 
ATOM   424  O  OG    B SER A 1 50  ? 5.544   2.855   10.198  0.50 16.12  ? 49  SER A OG    1 
ATOM   425  N  N     . LYS A 1 51  ? 8.080   3.126   12.000  1.00 14.40  ? 50  LYS A N     1 
ATOM   426  C  CA    . LYS A 1 51  ? 9.374   3.089   11.341  1.00 14.62  ? 50  LYS A CA    1 
ATOM   427  C  C     . LYS A 1 51  ? 9.213   3.067   9.824   1.00 14.71  ? 50  LYS A C     1 
ATOM   428  O  O     . LYS A 1 51  ? 10.064  3.564   9.137   1.00 13.07  ? 50  LYS A O     1 
ATOM   429  C  CB    . LYS A 1 51  ? 10.246  1.932   11.841  1.00 14.45  ? 50  LYS A CB    1 
ATOM   430  C  CG    . LYS A 1 51  ? 10.801  2.135   13.244  1.00 19.46  ? 50  LYS A CG    1 
ATOM   431  C  CD    . LYS A 1 51  ? 11.417  0.783   13.706  1.00 23.51  ? 50  LYS A CD    1 
ATOM   432  C  CE    . LYS A 1 51  ? 11.522  0.660   15.225  1.00 29.13  ? 50  LYS A CE    1 
ATOM   433  N  NZ    . LYS A 1 51  ? 12.493  1.643   15.769  1.00 32.53  ? 50  LYS A NZ    1 
ATOM   434  N  N     . LYS A 1 52  ? 8.104   2.525   9.315   1.00 14.53  ? 51  LYS A N     1 
ATOM   435  C  CA    . LYS A 1 52  ? 7.892   2.556   7.857   1.00 15.55  ? 51  LYS A CA    1 
ATOM   436  C  C     . LYS A 1 52  ? 7.796   3.993   7.385   1.00 14.32  ? 51  LYS A C     1 
ATOM   437  O  O     . LYS A 1 52  ? 8.243   4.323   6.306   1.00 14.65  ? 51  LYS A O     1 
ATOM   438  C  CB    . LYS A 1 52  ? 6.612   1.825   7.454   1.00 14.90  ? 51  LYS A CB    1 
ATOM   439  C  CG    . LYS A 1 52  ? 6.560   0.375   7.862   1.00 18.91  ? 51  LYS A CG    1 
ATOM   440  C  CD    . LYS A 1 52  ? 7.710   -0.438  7.237   1.00 21.70  ? 51  LYS A CD    1 
ATOM   441  C  CE    . LYS A 1 52  ? 7.289   -1.277  6.107   1.00 17.49  ? 51  LYS A CE    1 
ATOM   442  N  NZ    . LYS A 1 52  ? 8.462   -1.961  5.505   1.00 12.56  ? 51  LYS A NZ    1 
ATOM   443  N  N     . ILE A 1 53  ? 7.231   4.859   8.219   1.00 14.87  ? 52  ILE A N     1 
ATOM   444  C  CA    . ILE A 1 53  ? 7.187   6.265   7.868   1.00 14.80  ? 52  ILE A CA    1 
ATOM   445  C  C     . ILE A 1 53  ? 8.579   6.863   7.858   1.00 14.04  ? 52  ILE A C     1 
ATOM   446  O  O     . ILE A 1 53  ? 8.912   7.600   6.949   1.00 13.91  ? 52  ILE A O     1 
ATOM   447  C  CB    . ILE A 1 53  ? 6.234   7.065   8.806   1.00 14.56  ? 52  ILE A CB    1 
ATOM   448  C  CG1   . ILE A 1 53  ? 4.788   6.506   8.819   1.00 17.62  ? 52  ILE A CG1   1 
ATOM   449  C  CG2   . ILE A 1 53  ? 6.284   8.561   8.480   1.00 15.19  ? 52  ILE A CG2   1 
ATOM   450  C  CD1   . ILE A 1 53  ? 4.050   6.520   7.524   1.00 18.42  ? 52  ILE A CD1   1 
ATOM   451  N  N     . THR A 1 54  ? 9.419   6.558   8.869   1.00 13.57  ? 53  THR A N     1 
ATOM   452  C  CA    . THR A 1 54  ? 10.801  7.008   8.846   1.00 13.12  ? 53  THR A CA    1 
ATOM   453  C  C     . THR A 1 54  ? 11.588  6.471   7.646   1.00 12.22  ? 53  THR A C     1 
ATOM   454  O  O     . THR A 1 54  ? 12.406  7.199   7.074   1.00 15.22  ? 53  THR A O     1 
ATOM   455  C  CB    . THR A 1 54  ? 11.506  6.591   10.155  1.00 13.20  ? 53  THR A CB    1 
ATOM   456  O  OG1   . THR A 1 54  ? 10.731  7.136   11.228  1.00 12.97  ? 53  THR A OG1   1 
ATOM   457  C  CG2   . THR A 1 54  ? 12.948  7.150   10.240  1.00 14.85  ? 53  THR A CG2   1 
ATOM   458  N  N     . ASP A 1 55  ? 11.319  5.206   7.290   1.00 14.03  ? 54  ASP A N     1 
ATOM   459  C  CA    . ASP A 1 55  ? 11.975  4.573   6.126   1.00 14.91  ? 54  ASP A CA    1 
ATOM   460  C  C     . ASP A 1 55  ? 11.675  5.441   4.922   1.00 16.02  ? 54  ASP A C     1 
ATOM   461  O  O     . ASP A 1 55  ? 12.610  5.857   4.210   1.00 14.75  ? 54  ASP A O     1 
ATOM   462  C  CB    . ASP A 1 55  ? 11.459  3.170   5.815   1.00 14.00  ? 54  ASP A CB    1 
ATOM   463  C  CG    . ASP A 1 55  ? 11.820  2.154   6.844   1.00 14.32  ? 54  ASP A CG    1 
ATOM   464  O  OD1   . ASP A 1 55  ? 12.730  2.405   7.691   1.00 14.39  ? 54  ASP A OD1   1 
ATOM   465  O  OD2   . ASP A 1 55  ? 11.200  1.086   6.800   1.00 17.05  ? 54  ASP A OD2   1 
ATOM   466  N  N     . ILE A 1 56  ? 10.368  5.686   4.723   1.00 16.84  ? 55  ILE A N     1 
ATOM   467  C  CA    . ILE A 1 56  ? 9.865   6.393   3.514   1.00 19.70  ? 55  ILE A CA    1 
ATOM   468  C  C     . ILE A 1 56  ? 10.477  7.786   3.531   1.00 20.02  ? 55  ILE A C     1 
ATOM   469  O  O     . ILE A 1 56  ? 10.916  8.268   2.510   1.00 21.01  ? 55  ILE A O     1 
ATOM   470  C  CB    . ILE A 1 56  ? 8.310   6.339   3.365   1.00 19.09  ? 55  ILE A CB    1 
ATOM   471  C  CG1   . ILE A 1 56  ? 7.872   4.894   3.036   1.00 17.48  ? 55  ILE A CG1   1 
ATOM   472  C  CG2   . ILE A 1 56  ? 7.730   7.347   2.316   1.00 22.35  ? 55  ILE A CG2   1 
ATOM   473  C  CD1   . ILE A 1 56  ? 6.384   4.625   3.162   1.00 22.57  ? 55  ILE A CD1   1 
ATOM   474  N  N     A GLU A 1 57  ? 10.491  8.428   4.701   0.50 20.59  ? 56  GLU A N     1 
ATOM   475  N  N     B GLU A 1 57  ? 10.502  8.424   4.701   0.50 20.82  ? 56  GLU A N     1 
ATOM   476  C  CA    A GLU A 1 57  ? 11.211  9.707   4.893   0.50 20.71  ? 56  GLU A CA    1 
ATOM   477  C  CA    B GLU A 1 57  ? 11.213  9.707   4.866   0.50 21.09  ? 56  GLU A CA    1 
ATOM   478  C  C     A GLU A 1 57  ? 12.637  9.695   4.362   0.50 21.03  ? 56  GLU A C     1 
ATOM   479  C  C     B GLU A 1 57  ? 12.637  9.691   4.339   0.50 21.27  ? 56  GLU A C     1 
ATOM   480  O  O     A GLU A 1 57  ? 13.148  10.718  3.876   0.50 21.80  ? 56  GLU A O     1 
ATOM   481  O  O     B GLU A 1 57  ? 13.150  10.706  3.836   0.50 21.96  ? 56  GLU A O     1 
ATOM   482  C  CB    A GLU A 1 57  ? 11.231  10.127  6.385   0.50 20.49  ? 56  GLU A CB    1 
ATOM   483  C  CB    B GLU A 1 57  ? 11.233  10.172  6.341   0.50 21.16  ? 56  GLU A CB    1 
ATOM   484  C  CG    A GLU A 1 57  ? 9.918   10.638  6.948   0.50 19.62  ? 56  GLU A CG    1 
ATOM   485  C  CG    B GLU A 1 57  ? 12.037  11.450  6.508   0.50 21.31  ? 56  GLU A CG    1 
ATOM   486  C  CD    A GLU A 1 57  ? 9.927   10.778  8.481   0.50 18.34  ? 56  GLU A CD    1 
ATOM   487  C  CD    B GLU A 1 57  ? 12.767  11.596  7.843   0.50 23.12  ? 56  GLU A CD    1 
ATOM   488  O  OE1   A GLU A 1 57  ? 11.007  10.774  9.094   0.50 20.33  ? 56  GLU A OE1   1 
ATOM   489  O  OE1   B GLU A 1 57  ? 12.377  11.001  8.865   0.50 23.48  ? 56  GLU A OE1   1 
ATOM   490  O  OE2   A GLU A 1 57  ? 8.848   10.936  9.066   0.50 19.26  ? 56  GLU A OE2   1 
ATOM   491  O  OE2   B GLU A 1 57  ? 13.750  12.351  7.862   0.50 26.47  ? 56  GLU A OE2   1 
ATOM   492  N  N     . ASN A 1 58  ? 13.314  8.554   4.463   1.00 21.05  ? 57  ASN A N     1 
ATOM   493  C  CA    . ASN A 1 58  ? 14.716  8.442   4.009   1.00 20.76  ? 57  ASN A CA    1 
ATOM   494  C  C     . ASN A 1 58  ? 14.954  7.925   2.534   1.00 18.15  ? 57  ASN A C     1 
ATOM   495  O  O     . ASN A 1 58  ? 15.922  8.246   1.851   1.00 19.49  ? 57  ASN A O     1 
ATOM   496  C  CB    . ASN A 1 58  ? 15.494  7.630   5.068   1.00 21.27  ? 57  ASN A CB    1 
ATOM   497  C  CG    . ASN A 1 58  ? 15.685  8.425   6.384   1.00 25.08  ? 57  ASN A CG    1 
ATOM   498  O  OD1   . ASN A 1 58  ? 16.403  9.459   6.407   1.00 31.47  ? 57  ASN A OD1   1 
ATOM   499  N  ND2   . ASN A 1 58  ? 15.042  7.978   7.465   1.00 27.76  ? 57  ASN A ND2   1 
ATOM   500  N  N     . ASN A 1 59  ? 13.987  7.190   2.026   1.00 15.15  ? 58  ASN A N     1 
ATOM   501  C  CA    . ASN A 1 59  ? 14.076  6.686   0.679   1.00 11.23  ? 58  ASN A CA    1 
ATOM   502  C  C     . ASN A 1 59  ? 12.642  6.416   0.305   1.00 10.19  ? 58  ASN A C     1 
ATOM   503  O  O     . ASN A 1 59  ? 11.994  5.572   0.894   1.00 11.01  ? 58  ASN A O     1 
ATOM   504  C  CB    . ASN A 1 59  ? 14.899  5.362   0.642   1.00 11.97  ? 58  ASN A CB    1 
ATOM   505  C  CG    . ASN A 1 59  ? 15.037  4.781   -0.754  1.00 11.09  ? 58  ASN A CG    1 
ATOM   506  O  OD1   . ASN A 1 59  ? 14.158  4.939   -1.615  1.00 9.72   ? 58  ASN A OD1   1 
ATOM   507  N  ND2   . ASN A 1 59  ? 16.087  4.006   -0.974  1.00 11.18  ? 58  ASN A ND2   1 
ATOM   508  N  N     . PRO A 1 60  ? 12.118  7.130   -0.719  1.00 9.62   ? 59  PRO A N     1 
ATOM   509  C  CA    . PRO A 1 60  ? 10.687  6.996   -0.978  1.00 8.91   ? 59  PRO A CA    1 
ATOM   510  C  C     . PRO A 1 60  ? 10.267  5.757   -1.810  1.00 7.52   ? 59  PRO A C     1 
ATOM   511  O  O     . PRO A 1 60  ? 9.064   5.544   -2.022  1.00 8.01   ? 59  PRO A O     1 
ATOM   512  C  CB    . PRO A 1 60  ? 10.360  8.265   -1.808  1.00 9.55   ? 59  PRO A CB    1 
ATOM   513  C  CG    . PRO A 1 60  ? 11.578  8.561   -2.560  1.00 9.53   ? 59  PRO A CG    1 
ATOM   514  C  CD    . PRO A 1 60  ? 12.765  8.139   -1.591  1.00 10.68  ? 59  PRO A CD    1 
ATOM   515  N  N     . ASN A 1 61  ? 11.247  4.986   -2.280  1.00 8.09   ? 60  ASN A N     1 
ATOM   516  C  CA    . ASN A 1 61  ? 10.943  3.833   -3.163  1.00 7.05   ? 60  ASN A CA    1 
ATOM   517  C  C     . ASN A 1 61  ? 10.416  2.682   -2.344  1.00 7.41   ? 60  ASN A C     1 
ATOM   518  O  O     . ASN A 1 61  ? 11.033  2.303   -1.345  1.00 7.61   ? 60  ASN A O     1 
ATOM   519  C  CB    . ASN A 1 61  ? 12.206  3.364   -3.863  1.00 7.86   ? 60  ASN A CB    1 
ATOM   520  C  CG    . ASN A 1 61  ? 12.736  4.395   -4.819  1.00 7.37   ? 60  ASN A CG    1 
ATOM   521  O  OD1   . ASN A 1 61  ? 13.612  5.191   -4.458  1.00 10.49  ? 60  ASN A OD1   1 
ATOM   522  N  ND2   . ASN A 1 61  ? 12.199  4.413   -5.999  1.00 6.38   ? 60  ASN A ND2   1 
ATOM   523  N  N     . VAL A 1 62  ? 9.261   2.179   -2.754  1.00 6.75   ? 61  VAL A N     1 
ATOM   524  C  CA    . VAL A 1 62  ? 8.639   1.051   -2.018  1.00 5.40   ? 61  VAL A CA    1 
ATOM   525  C  C     . VAL A 1 62  ? 8.216   -0.018  -2.980  1.00 7.29   ? 61  VAL A C     1 
ATOM   526  O  O     . VAL A 1 62  ? 8.162   0.173   -4.186  1.00 6.04   ? 61  VAL A O     1 
ATOM   527  C  CB    . VAL A 1 62  ? 7.386   1.515   -1.208  1.00 6.80   ? 61  VAL A CB    1 
ATOM   528  C  CG1   . VAL A 1 62  ? 7.798   2.589   -0.198  1.00 7.53   ? 61  VAL A CG1   1 
ATOM   529  C  CG2   . VAL A 1 62  ? 6.248   2.001   -2.122  1.00 8.22   ? 61  VAL A CG2   1 
ATOM   530  N  N     . HIS A 1 63  ? 7.965   -1.193  -2.439  1.00 7.05   ? 62  HIS A N     1 
ATOM   531  C  CA    . HIS A 1 63  ? 7.576   -2.349  -3.248  1.00 7.93   ? 62  HIS A CA    1 
ATOM   532  C  C     . HIS A 1 63  ? 6.393   -2.990  -2.522  1.00 8.01   ? 62  HIS A C     1 
ATOM   533  O  O     . HIS A 1 63  ? 6.381   -3.063  -1.290  1.00 9.05   ? 62  HIS A O     1 
ATOM   534  C  CB    . HIS A 1 63  ? 8.762   -3.302  -3.325  1.00 8.46   ? 62  HIS A CB    1 
ATOM   535  C  CG    . HIS A 1 63  ? 8.520   -4.502  -4.174  1.00 9.88   ? 62  HIS A CG    1 
ATOM   536  N  ND1   . HIS A 1 63  ? 7.894   -5.632  -3.670  1.00 15.30  ? 62  HIS A ND1   1 
ATOM   537  C  CD2   . HIS A 1 63  ? 8.727   -4.728  -5.488  1.00 15.59  ? 62  HIS A CD2   1 
ATOM   538  C  CE1   . HIS A 1 63  ? 7.790   -6.529  -4.635  1.00 14.54  ? 62  HIS A CE1   1 
ATOM   539  N  NE2   . HIS A 1 63  ? 8.287   -6.012  -5.753  1.00 14.48  ? 62  HIS A NE2   1 
ATOM   540  N  N     . VAL A 1 64  ? 5.380   -3.410  -3.263  1.00 6.82   ? 63  VAL A N     1 
ATOM   541  C  CA    . VAL A 1 64  ? 4.176   -4.062  -2.708  1.00 5.95   ? 63  VAL A CA    1 
ATOM   542  C  C     . VAL A 1 64  ? 3.966   -5.404  -3.375  1.00 7.08   ? 63  VAL A C     1 
ATOM   543  O  O     . VAL A 1 64  ? 4.057   -5.503  -4.567  1.00 7.87   ? 63  VAL A O     1 
ATOM   544  C  CB    . VAL A 1 64  ? 2.935   -3.163  -2.929  1.00 6.48   ? 63  VAL A CB    1 
ATOM   545  C  CG1   . VAL A 1 64  ? 1.655   -3.885  -2.503  1.00 7.64   ? 63  VAL A CG1   1 
ATOM   546  C  CG2   . VAL A 1 64  ? 3.075   -1.857  -2.173  1.00 8.83   ? 63  VAL A CG2   1 
ATOM   547  N  N     . LEU A 1 65  ? 3.673   -6.421  -2.557  1.00 6.51   ? 64  LEU A N     1 
ATOM   548  C  CA    . LEU A 1 65  ? 3.162   -7.720  -3.009  1.00 7.08   ? 64  LEU A CA    1 
ATOM   549  C  C     . LEU A 1 65  ? 1.740   -7.800  -2.503  1.00 8.04   ? 64  LEU A C     1 
ATOM   550  O  O     . LEU A 1 65  ? 1.475   -7.587  -1.312  1.00 9.80   ? 64  LEU A O     1 
ATOM   551  C  CB    . LEU A 1 65  ? 3.954   -8.925  -2.451  1.00 9.18   ? 64  LEU A CB    1 
ATOM   552  C  CG    . LEU A 1 65  ? 5.398   -8.973  -2.852  1.00 10.54  ? 64  LEU A CG    1 
ATOM   553  C  CD1   . LEU A 1 65  ? 6.048   -10.111 -2.079  1.00 11.24  ? 64  LEU A CD1   1 
ATOM   554  C  CD2   . LEU A 1 65  ? 5.433   -9.340  -4.350  1.00 15.65  ? 64  LEU A CD2   1 
ATOM   555  N  N     . LEU A 1 66  ? 0.789   -8.069  -3.405  1.00 8.21   ? 65  LEU A N     1 
ATOM   556  C  CA    . LEU A 1 66  ? -0.643  -8.067  -2.985  1.00 10.31  ? 65  LEU A CA    1 
ATOM   557  C  C     . LEU A 1 66  ? -1.454  -9.058  -3.801  1.00 11.43  ? 65  LEU A C     1 
ATOM   558  O  O     . LEU A 1 66  ? -1.298  -9.146  -5.007  1.00 11.56  ? 65  LEU A O     1 
ATOM   559  C  CB    . LEU A 1 66  ? -1.246  -6.656  -3.165  1.00 9.61   ? 65  LEU A CB    1 
ATOM   560  C  CG    . LEU A 1 66  ? -2.709  -6.419  -2.780  1.00 12.71  ? 65  LEU A CG    1 
ATOM   561  C  CD1   . LEU A 1 66  ? -2.862  -6.512  -1.260  1.00 12.36  ? 65  LEU A CD1   1 
ATOM   562  C  CD2   . LEU A 1 66  ? -3.114  -5.025  -3.241  1.00 13.67  ? 65  LEU A CD2   1 
ATOM   563  N  N     . GLY A 1 67  ? -2.314  -9.812  -3.108  1.00 12.29  ? 66  GLY A N     1 
ATOM   564  C  CA    . GLY A 1 67  ? -3.319  -10.638 -3.810  1.00 14.53  ? 66  GLY A CA    1 
ATOM   565  C  C     . GLY A 1 67  ? -3.331  -12.096 -3.437  1.00 16.89  ? 66  GLY A C     1 
ATOM   566  O  O     . GLY A 1 67  ? -4.310  -12.819 -3.710  1.00 16.66  ? 66  GLY A O     1 
ATOM   567  N  N     . ARG A 1 68  ? -2.236  -12.567 -2.865  1.00 18.93  ? 67  ARG A N     1 
ATOM   568  C  CA    . ARG A 1 68  ? -2.152  -13.995 -2.568  1.00 20.99  ? 67  ARG A CA    1 
ATOM   569  C  C     . ARG A 1 68  ? -2.696  -14.315 -1.176  1.00 23.29  ? 67  ARG A C     1 
ATOM   570  O  O     . ARG A 1 68  ? -2.679  -13.452 -0.282  1.00 24.00  ? 67  ARG A O     1 
ATOM   571  C  CB    . ARG A 1 68  ? -0.695  -14.489 -2.798  1.00 23.10  ? 67  ARG A CB    1 
ATOM   572  C  CG    . ARG A 1 68  ? 0.011   -14.933 -1.546  1.00 26.36  ? 67  ARG A CG    1 
ATOM   573  C  CD    . ARG A 1 68  ? 1.287   -15.722 -1.894  1.00 30.19  ? 67  ARG A CD    1 
ATOM   574  N  NE    . ARG A 1 68  ? 1.228   -17.033 -1.272  1.00 31.08  ? 67  ARG A NE    1 
ATOM   575  C  CZ    . ARG A 1 68  ? 0.748   -18.102 -1.899  1.00 30.37  ? 67  ARG A CZ    1 
ATOM   576  N  NH1   . ARG A 1 68  ? 0.684   -19.274 -1.286  1.00 30.75  ? 67  ARG A NH1   1 
ATOM   577  N  NH2   . ARG A 1 68  ? 0.348   -17.983 -3.151  1.00 31.15  ? 67  ARG A NH2   1 
ATOM   578  N  N     . LYS A 1 72  ? -2.886  -21.794 -1.673  1.00 36.46  ? 71  LYS A N     1 
ATOM   579  C  CA    . LYS A 1 72  ? -2.327  -22.461 -2.854  1.00 36.14  ? 71  LYS A CA    1 
ATOM   580  C  C     . LYS A 1 72  ? -1.196  -21.649 -3.503  1.00 35.85  ? 71  LYS A C     1 
ATOM   581  O  O     . LYS A 1 72  ? -1.274  -20.427 -3.587  1.00 36.02  ? 71  LYS A O     1 
ATOM   582  C  CB    . LYS A 1 72  ? -3.422  -22.748 -3.880  1.00 36.34  ? 71  LYS A CB    1 
ATOM   583  C  CG    . LYS A 1 72  ? -4.635  -23.502 -3.303  1.00 38.38  ? 71  LYS A CG    1 
ATOM   584  C  CD    . LYS A 1 72  ? -5.522  -24.081 -4.417  1.00 40.86  ? 71  LYS A CD    1 
ATOM   585  C  CE    . LYS A 1 72  ? -6.622  -24.982 -3.845  1.00 42.20  ? 71  LYS A CE    1 
ATOM   586  N  NZ    . LYS A 1 72  ? -7.238  -25.874 -4.888  1.00 44.46  ? 71  LYS A NZ    1 
ATOM   587  N  N     . LEU A 1 73  ? -0.167  -22.347 -3.986  1.00 35.22  ? 72  LEU A N     1 
ATOM   588  C  CA    . LEU A 1 73  ? 1.009   -21.696 -4.586  1.00 34.97  ? 72  LEU A CA    1 
ATOM   589  C  C     . LEU A 1 73  ? 0.695   -20.960 -5.889  1.00 34.44  ? 72  LEU A C     1 
ATOM   590  O  O     . LEU A 1 73  ? 1.407   -20.014 -6.259  1.00 34.79  ? 72  LEU A O     1 
ATOM   591  C  CB    . LEU A 1 73  ? 2.171   -22.694 -4.801  1.00 35.46  ? 72  LEU A CB    1 
ATOM   592  C  CG    . LEU A 1 73  ? 2.704   -23.520 -3.623  1.00 36.29  ? 72  LEU A CG    1 
ATOM   593  C  CD1   . LEU A 1 73  ? 3.762   -24.516 -4.094  1.00 37.99  ? 72  LEU A CD1   1 
ATOM   594  C  CD2   . LEU A 1 73  ? 3.264   -22.630 -2.523  1.00 36.91  ? 72  LEU A CD2   1 
ATOM   595  N  N     . ASP A 1 74  ? -0.374  -21.366 -6.576  1.00 33.30  ? 73  ASP A N     1 
ATOM   596  C  CA    . ASP A 1 74  ? -0.663  -20.801 -7.899  1.00 32.28  ? 73  ASP A CA    1 
ATOM   597  C  C     . ASP A 1 74  ? -1.845  -19.805 -7.976  1.00 30.26  ? 73  ASP A C     1 
ATOM   598  O  O     . ASP A 1 74  ? -2.556  -19.721 -8.982  1.00 31.46  ? 73  ASP A O     1 
ATOM   599  C  CB    . ASP A 1 74  ? -0.752  -21.921 -8.945  1.00 33.04  ? 73  ASP A CB    1 
ATOM   600  C  CG    . ASP A 1 74  ? 0.555   -22.725 -9.060  1.00 36.00  ? 73  ASP A CG    1 
ATOM   601  O  OD1   . ASP A 1 74  ? 1.542   -22.207 -9.642  1.00 39.44  ? 73  ASP A OD1   1 
ATOM   602  O  OD2   . ASP A 1 74  ? 0.597   -23.882 -8.581  1.00 39.15  ? 73  ASP A OD2   1 
ATOM   603  N  N     . GLU A 1 75  ? -2.006  -19.008 -6.929  1.00 26.63  ? 74  GLU A N     1 
ATOM   604  C  CA    . GLU A 1 75  ? -2.940  -17.898 -6.910  1.00 23.24  ? 74  GLU A CA    1 
ATOM   605  C  C     . GLU A 1 75  ? -2.309  -16.729 -7.662  1.00 19.90  ? 74  GLU A C     1 
ATOM   606  O  O     . GLU A 1 75  ? -1.097  -16.562 -7.633  1.00 19.50  ? 74  GLU A O     1 
ATOM   607  C  CB    . GLU A 1 75  ? -3.140  -17.450 -5.462  1.00 23.73  ? 74  GLU A CB    1 
ATOM   608  C  CG    . GLU A 1 75  ? -3.703  -18.547 -4.540  1.00 27.24  ? 74  GLU A CG    1 
ATOM   609  C  CD    . GLU A 1 75  ? -3.443  -18.298 -3.046  1.00 31.36  ? 74  GLU A CD    1 
ATOM   610  O  OE1   . GLU A 1 75  ? -2.586  -17.464 -2.677  1.00 30.06  ? 74  GLU A OE1   1 
ATOM   611  O  OE2   . GLU A 1 75  ? -4.111  -18.963 -2.222  1.00 35.54  ? 74  GLU A OE2   1 
ATOM   612  N  N     A ASP A 1 76  ? -3.129  -15.916 -8.307  0.70 17.78  ? 75  ASP A N     1 
ATOM   613  N  N     B ASP A 1 76  ? -3.124  -15.915 -8.317  0.30 17.65  ? 75  ASP A N     1 
ATOM   614  C  CA    A ASP A 1 76  ? -2.617  -14.718 -8.987  0.70 15.98  ? 75  ASP A CA    1 
ATOM   615  C  CA    B ASP A 1 76  ? -2.588  -14.744 -9.012  0.30 15.31  ? 75  ASP A CA    1 
ATOM   616  C  C     A ASP A 1 76  ? -2.327  -13.609 -8.001  0.70 14.18  ? 75  ASP A C     1 
ATOM   617  C  C     B ASP A 1 76  ? -2.381  -13.577 -8.055  0.30 13.94  ? 75  ASP A C     1 
ATOM   618  O  O     A ASP A 1 76  ? -2.940  -13.525 -6.941  0.70 14.28  ? 75  ASP A O     1 
ATOM   619  O  O     B ASP A 1 76  ? -3.087  -13.443 -7.055  0.30 13.93  ? 75  ASP A O     1 
ATOM   620  C  CB    A ASP A 1 76  ? -3.630  -14.208 -10.005 0.70 16.96  ? 75  ASP A CB    1 
ATOM   621  C  CB    B ASP A 1 76  ? -3.480  -14.337 -10.182 0.30 15.56  ? 75  ASP A CB    1 
ATOM   622  C  CG    A ASP A 1 76  ? -4.096  -15.289 -10.946 0.70 20.63  ? 75  ASP A CG    1 
ATOM   623  C  CG    B ASP A 1 76  ? -4.846  -13.858 -9.742  0.30 15.37  ? 75  ASP A CG    1 
ATOM   624  O  OD1   A ASP A 1 76  ? -3.249  -16.071 -11.411 0.70 22.95  ? 75  ASP A OD1   1 
ATOM   625  O  OD1   B ASP A 1 76  ? -5.267  -14.160 -8.599  0.30 16.59  ? 75  ASP A OD1   1 
ATOM   626  O  OD2   A ASP A 1 76  ? -5.318  -15.356 -11.206 0.70 26.71  ? 75  ASP A OD2   1 
ATOM   627  O  OD2   B ASP A 1 76  ? -5.501  -13.170 -10.554 0.30 15.72  ? 75  ASP A OD2   1 
ATOM   628  N  N     . TYR A 1 77  ? -1.402  -12.735 -8.363  1.00 12.09  ? 76  TYR A N     1 
ATOM   629  C  CA    . TYR A 1 77  ? -1.120  -11.587 -7.531  1.00 10.33  ? 76  TYR A CA    1 
ATOM   630  C  C     . TYR A 1 77  ? -0.399  -10.519 -8.305  1.00 9.10   ? 76  TYR A C     1 
ATOM   631  O  O     . TYR A 1 77  ? -0.023  -10.726 -9.476  1.00 8.10   ? 76  TYR A O     1 
ATOM   632  C  CB    . TYR A 1 77  ? -0.313  -11.972 -6.293  1.00 10.47  ? 76  TYR A CB    1 
ATOM   633  C  CG    . TYR A 1 77  ? 1.060   -12.542 -6.569  1.00 8.25   ? 76  TYR A CG    1 
ATOM   634  C  CD1   . TYR A 1 77  ? 2.201   -11.764 -6.402  1.00 9.96   ? 76  TYR A CD1   1 
ATOM   635  C  CD2   . TYR A 1 77  ? 1.209   -13.901 -6.922  1.00 13.58  ? 76  TYR A CD2   1 
ATOM   636  C  CE1   . TYR A 1 77  ? 3.481   -12.309 -6.659  1.00 10.86  ? 76  TYR A CE1   1 
ATOM   637  C  CE2   . TYR A 1 77  ? 2.460   -14.462 -7.166  1.00 12.42  ? 76  TYR A CE2   1 
ATOM   638  C  CZ    . TYR A 1 77  ? 3.590   -13.649 -6.990  1.00 12.83  ? 76  TYR A CZ    1 
ATOM   639  O  OH    . TYR A 1 77  ? 4.841   -14.194 -7.212  1.00 14.05  ? 76  TYR A OH    1 
ATOM   640  N  N     . ILE A 1 78  ? -0.161  -9.396  -7.633  1.00 8.34   ? 77  ILE A N     1 
ATOM   641  C  CA    . ILE A 1 78  ? 0.552   -8.286  -8.298  1.00 7.47   ? 77  ILE A CA    1 
ATOM   642  C  C     . ILE A 1 78  ? 1.782   -7.858  -7.498  1.00 7.56   ? 77  ILE A C     1 
ATOM   643  O  O     . ILE A 1 78  ? 1.878   -8.082  -6.274  1.00 7.56   ? 77  ILE A O     1 
ATOM   644  C  CB    . ILE A 1 78  ? -0.337  -7.041  -8.553  1.00 8.45   ? 77  ILE A CB    1 
ATOM   645  C  CG1   . ILE A 1 78  ? -0.823  -6.435  -7.230  1.00 9.36   ? 77  ILE A CG1   1 
ATOM   646  C  CG2   . ILE A 1 78  ? -1.520  -7.357  -9.530  1.00 9.15   ? 77  ILE A CG2   1 
ATOM   647  C  CD1   . ILE A 1 78  ? -1.572  -5.101  -7.474  1.00 11.11  ? 77  ILE A CD1   1 
ATOM   648  N  N     . GLU A 1 79  ? 2.714   -7.239  -8.197  1.00 8.26   ? 78  GLU A N     1 
ATOM   649  C  CA    . GLU A 1 79  ? 3.847   -6.592  -7.545  1.00 7.85   ? 78  GLU A CA    1 
ATOM   650  C  C     . GLU A 1 79  ? 3.791   -5.156  -8.004  1.00 10.25  ? 78  GLU A C     1 
ATOM   651  O  O     . GLU A 1 79  ? 3.544   -4.890  -9.188  1.00 11.75  ? 78  GLU A O     1 
ATOM   652  C  CB    . GLU A 1 79  ? 5.173   -7.094  -8.115  1.00 12.42  ? 78  GLU A CB    1 
ATOM   653  C  CG    . GLU A 1 79  ? 5.582   -8.415  -7.764  1.00 15.14  ? 78  GLU A CG    1 
ATOM   654  C  CD    . GLU A 1 79  ? 7.046   -8.597  -8.245  1.00 22.48  ? 78  GLU A CD    1 
ATOM   655  O  OE1   . GLU A 1 79  ? 7.893   -7.674  -8.064  1.00 22.84  ? 78  GLU A OE1   1 
ATOM   656  O  OE2   . GLU A 1 79  ? 7.323   -9.672  -8.801  1.00 25.39  ? 78  GLU A OE2   1 
ATOM   657  N  N     . VAL A 1 80  ? 3.989   -4.234  -7.090  1.00 8.18   ? 79  VAL A N     1 
ATOM   658  C  CA    . VAL A 1 80  ? 3.909   -2.802  -7.426  1.00 9.59   ? 79  VAL A CA    1 
ATOM   659  C  C     . VAL A 1 80  ? 5.211   -2.148  -7.004  1.00 10.61  ? 79  VAL A C     1 
ATOM   660  O  O     . VAL A 1 80  ? 5.666   -2.371  -5.891  1.00 12.28  ? 79  VAL A O     1 
ATOM   661  C  CB    . VAL A 1 80  ? 2.736   -2.127  -6.687  1.00 8.47   ? 79  VAL A CB    1 
ATOM   662  C  CG1   . VAL A 1 80  ? 2.703   -0.632  -6.982  1.00 12.23  ? 79  VAL A CG1   1 
ATOM   663  C  CG2   . VAL A 1 80  ? 1.376   -2.875  -6.948  1.00 11.50  ? 79  VAL A CG2   1 
ATOM   664  N  N     . GLU A 1 81  ? 5.817   -1.389  -7.919  1.00 9.86   ? 80  GLU A N     1 
ATOM   665  C  CA    . GLU A 1 81  ? 6.974   -0.518  -7.618  1.00 9.99   ? 80  GLU A CA    1 
ATOM   666  C  C     . GLU A 1 81  ? 6.544   0.928   -7.766  1.00 9.39   ? 80  GLU A C     1 
ATOM   667  O  O     . GLU A 1 81  ? 5.891   1.294   -8.741  1.00 9.08   ? 80  GLU A O     1 
ATOM   668  C  CB    . GLU A 1 81  ? 8.123   -0.729  -8.608  1.00 11.73  ? 80  GLU A CB    1 
ATOM   669  C  CG    . GLU A 1 81  ? 8.650   -2.162  -8.688  1.00 16.19  ? 80  GLU A CG    1 
ATOM   670  C  CD    . GLU A 1 81  ? 9.559   -2.373  -9.885  1.00 22.53  ? 80  GLU A CD    1 
ATOM   671  O  OE1   . GLU A 1 81  ? 9.944   -1.399  -10.573 1.00 25.57  ? 80  GLU A OE1   1 
ATOM   672  O  OE2   . GLU A 1 81  ? 9.893   -3.530  -10.163 1.00 28.03  ? 80  GLU A OE2   1 
ATOM   673  N  N     . GLY A 1 82  ? 6.862   1.754   -6.784  1.00 7.82   ? 81  GLY A N     1 
ATOM   674  C  CA    . GLY A 1 82  ? 6.530   3.181   -6.922  1.00 8.17   ? 81  GLY A CA    1 
ATOM   675  C  C     . GLY A 1 82  ? 7.109   3.966   -5.762  1.00 8.49   ? 81  GLY A C     1 
ATOM   676  O  O     . GLY A 1 82  ? 7.807   3.398   -4.932  1.00 10.31  ? 81  GLY A O     1 
ATOM   677  N  N     A LEU A 1 83  ? 6.857   5.268   -5.753  0.50 8.25   ? 82  LEU A N     1 
ATOM   678  N  N     B LEU A 1 83  ? 6.837   5.264   -5.752  0.50 7.91   ? 82  LEU A N     1 
ATOM   679  C  CA    A LEU A 1 83  ? 7.284   6.162   -4.667  0.50 8.75   ? 82  LEU A CA    1 
ATOM   680  C  CA    B LEU A 1 83  ? 7.228   6.162   -4.659  0.50 8.06   ? 82  LEU A CA    1 
ATOM   681  C  C     A LEU A 1 83  ? 6.134   6.454   -3.721  0.50 9.13   ? 82  LEU A C     1 
ATOM   682  C  C     B LEU A 1 83  ? 6.091   6.373   -3.696  0.50 8.78   ? 82  LEU A C     1 
ATOM   683  O  O     A LEU A 1 83  ? 4.990   6.629   -4.137  0.50 9.69   ? 82  LEU A O     1 
ATOM   684  O  O     B LEU A 1 83  ? 4.921   6.440   -4.070  0.50 9.12   ? 82  LEU A O     1 
ATOM   685  C  CB    A LEU A 1 83  ? 7.858   7.465   -5.236  0.50 9.40   ? 82  LEU A CB    1 
ATOM   686  C  CB    B LEU A 1 83  ? 7.664   7.518   -5.203  0.50 8.49   ? 82  LEU A CB    1 
ATOM   687  C  CG    A LEU A 1 83  ? 9.317   7.436   -5.702  0.50 10.30  ? 82  LEU A CG    1 
ATOM   688  C  CG    B LEU A 1 83  ? 8.894   7.552   -6.099  0.50 7.57   ? 82  LEU A CG    1 
ATOM   689  C  CD1   A LEU A 1 83  ? 9.523   6.525   -6.919  0.50 12.01  ? 82  LEU A CD1   1 
ATOM   690  C  CD1   B LEU A 1 83  ? 9.271   8.988   -6.315  0.50 7.29   ? 82  LEU A CD1   1 
ATOM   691  C  CD2   A LEU A 1 83  ? 9.799   8.844   -6.014  0.50 10.85  ? 82  LEU A CD2   1 
ATOM   692  C  CD2   B LEU A 1 83  ? 10.083  6.812   -5.513  0.50 6.77   ? 82  LEU A CD2   1 
ATOM   693  N  N     . ALA A 1 84  ? 6.454   6.469   -2.432  1.00 8.60   ? 83  ALA A N     1 
ATOM   694  C  CA    . ALA A 1 84  ? 5.505   6.708   -1.390  1.00 9.32   ? 83  ALA A CA    1 
ATOM   695  C  C     . ALA A 1 84  ? 5.641   8.121   -0.824  1.00 9.05   ? 83  ALA A C     1 
ATOM   696  O  O     . ALA A 1 84  ? 6.715   8.758   -0.862  1.00 11.12  ? 83  ALA A O     1 
ATOM   697  C  CB    . ALA A 1 84  ? 5.762   5.673   -0.281  1.00 8.85   ? 83  ALA A CB    1 
ATOM   698  N  N     . SER A 1 85  ? 4.502   8.613   -0.353  1.00 10.79  ? 84  SER A N     1 
ATOM   699  C  CA    . SER A 1 85  ? 4.462   9.860   0.412   1.00 11.36  ? 84  SER A CA    1 
ATOM   700  C  C     . SER A 1 85  ? 3.419   9.704   1.524   1.00 11.23  ? 84  SER A C     1 
ATOM   701  O  O     . SER A 1 85  ? 2.683   8.719   1.573   1.00 12.22  ? 84  SER A O     1 
ATOM   702  C  CB    . SER A 1 85  ? 4.145   11.026  -0.526  1.00 12.93  ? 84  SER A CB    1 
ATOM   703  O  OG    . SER A 1 85  ? 2.887   10.834  -1.134  1.00 15.24  ? 84  SER A OG    1 
ATOM   704  N  N     . ILE A 1 86  ? 3.343   10.695  2.407   1.00 11.16  ? 85  ILE A N     1 
ATOM   705  C  CA    . ILE A 1 86  ? 2.368   10.629  3.514   1.00 11.53  ? 85  ILE A CA    1 
ATOM   706  C  C     . ILE A 1 86  ? 1.194   11.514  3.171   1.00 12.66  ? 85  ILE A C     1 
ATOM   707  O  O     . ILE A 1 86  ? 1.360   12.647  2.663   1.00 13.42  ? 85  ILE A O     1 
ATOM   708  C  CB    . ILE A 1 86  ? 3.039   11.075  4.816   1.00 11.99  ? 85  ILE A CB    1 
ATOM   709  C  CG1   . ILE A 1 86  ? 4.239   10.176  5.100   1.00 14.18  ? 85  ILE A CG1   1 
ATOM   710  C  CG2   . ILE A 1 86  ? 2.033   10.921  6.022   1.00 14.64  ? 85  ILE A CG2   1 
ATOM   711  C  CD1   . ILE A 1 86  ? 4.000   8.722   4.896   1.00 17.83  ? 85  ILE A CD1   1 
ATOM   712  N  N     . GLU A 1 87  ? -0.008  11.009  3.427   1.00 10.48  ? 86  GLU A N     1 
ATOM   713  C  CA    . GLU A 1 87  ? -1.246  11.684  3.031   1.00 12.94  ? 86  GLU A CA    1 
ATOM   714  C  C     . GLU A 1 87  ? -2.060  11.841  4.316   1.00 11.64  ? 86  GLU A C     1 
ATOM   715  O  O     . GLU A 1 87  ? -2.286  10.867  5.059   1.00 11.80  ? 86  GLU A O     1 
ATOM   716  C  CB    . GLU A 1 87  ? -1.970  10.851  1.935   1.00 13.29  ? 86  GLU A CB    1 
ATOM   717  C  CG    . GLU A 1 87  ? -3.381  11.346  1.628   1.00 17.55  ? 86  GLU A CG    1 
ATOM   718  C  CD    . GLU A 1 87  ? -3.394  12.714  0.954   1.00 18.17  ? 86  GLU A CD    1 
ATOM   719  O  OE1   . GLU A 1 87  ? -3.316  12.733  -0.293  1.00 24.22  ? 86  GLU A OE1   1 
ATOM   720  O  OE2   . GLU A 1 87  ? -3.549  13.756  1.631   1.00 18.19  ? 86  GLU A OE2   1 
ATOM   721  N  N     . GLU A 1 88  ? -2.464  13.086  4.610   1.00 13.39  ? 87  GLU A N     1 
ATOM   722  C  CA    . GLU A 1 88  ? -3.246  13.328  5.819   1.00 13.83  ? 87  GLU A CA    1 
ATOM   723  C  C     . GLU A 1 88  ? -4.650  13.858  5.446   1.00 13.99  ? 87  GLU A C     1 
ATOM   724  O  O     . GLU A 1 88  ? -5.356  14.352  6.314   1.00 15.36  ? 87  GLU A O     1 
ATOM   725  C  CB    . GLU A 1 88  ? -2.547  14.330  6.757   1.00 14.30  ? 87  GLU A CB    1 
ATOM   726  C  CG    . GLU A 1 88  ? -1.157  13.878  7.143   1.00 17.22  ? 87  GLU A CG    1 
ATOM   727  C  CD    . GLU A 1 88  ? -0.690  14.389  8.485   1.00 21.61  ? 87  GLU A CD    1 
ATOM   728  O  OE1   . GLU A 1 88  ? -1.499  14.489  9.440   1.00 22.96  ? 87  GLU A OE1   1 
ATOM   729  O  OE2   . GLU A 1 88  ? 0.515   14.653  8.595   1.00 26.01  ? 87  GLU A OE2   1 
ATOM   730  N  N     . ASP A 1 89  ? -5.019  13.770  4.172   1.00 15.21  ? 88  ASP A N     1 
ATOM   731  C  CA    . ASP A 1 89  ? -6.346  14.222  3.704   1.00 16.53  ? 88  ASP A CA    1 
ATOM   732  C  C     . ASP A 1 89  ? -7.463  13.562  4.526   1.00 16.57  ? 88  ASP A C     1 
ATOM   733  O  O     . ASP A 1 89  ? -7.568  12.337  4.561   1.00 15.68  ? 88  ASP A O     1 
ATOM   734  C  CB    . ASP A 1 89  ? -6.481  13.855  2.238   1.00 17.35  ? 88  ASP A CB    1 
ATOM   735  C  CG    . ASP A 1 89  ? -7.805  14.270  1.674   1.00 21.06  ? 88  ASP A CG    1 
ATOM   736  O  OD1   . ASP A 1 89  ? -8.021  15.498  1.488   1.00 23.48  ? 88  ASP A OD1   1 
ATOM   737  O  OD2   . ASP A 1 89  ? -8.647  13.388  1.433   1.00 23.99  ? 88  ASP A OD2   1 
ATOM   738  N  N     A SER A 1 90  ? -8.290  14.377  5.188   0.50 16.26  ? 89  SER A N     1 
ATOM   739  N  N     B SER A 1 90  ? -8.281  14.384  5.186   0.50 16.03  ? 89  SER A N     1 
ATOM   740  C  CA    A SER A 1 90  ? -9.389  13.867  6.028   0.50 16.99  ? 89  SER A CA    1 
ATOM   741  C  CA    B SER A 1 90  ? -9.385  13.904  6.027   0.50 16.49  ? 89  SER A CA    1 
ATOM   742  C  C     A SER A 1 90  ? -10.395 13.034  5.254   0.50 15.96  ? 89  SER A C     1 
ATOM   743  C  C     B SER A 1 90  ? -10.391 13.054  5.262   0.50 15.70  ? 89  SER A C     1 
ATOM   744  O  O     A SER A 1 90  ? -10.909 12.049  5.783   0.50 15.13  ? 89  SER A O     1 
ATOM   745  O  O     B SER A 1 90  ? -10.906 12.079  5.810   0.50 14.92  ? 89  SER A O     1 
ATOM   746  C  CB    A SER A 1 90  ? -10.122 15.003  6.732   0.50 17.62  ? 89  SER A CB    1 
ATOM   747  C  CB    B SER A 1 90  ? -10.122 15.082  6.644   0.50 17.01  ? 89  SER A CB    1 
ATOM   748  O  OG    A SER A 1 90  ? -9.253  15.659  7.629   0.50 20.08  ? 89  SER A OG    1 
ATOM   749  O  OG    B SER A 1 90  ? -10.579 15.926  5.613   0.50 17.37  ? 89  SER A OG    1 
ATOM   750  N  N     . THR A 1 91  ? -10.655 13.409  4.003   1.00 15.54  ? 90  THR A N     1 
ATOM   751  C  CA    . THR A 1 91  ? -11.634 12.680  3.185   1.00 15.99  ? 90  THR A CA    1 
ATOM   752  C  C     . THR A 1 91  ? -11.148 11.249  2.933   1.00 15.44  ? 90  THR A C     1 
ATOM   753  O  O     . THR A 1 91  ? -11.909 10.310  3.146   1.00 12.93  ? 90  THR A O     1 
ATOM   754  C  CB    . THR A 1 91  ? -11.946 13.396  1.868   1.00 17.16  ? 90  THR A CB    1 
ATOM   755  O  OG1   . THR A 1 91  ? -12.509 14.673  2.185   1.00 18.94  ? 90  THR A OG1   1 
ATOM   756  C  CG2   . THR A 1 91  ? -12.986 12.598  1.004   1.00 19.52  ? 90  THR A CG2   1 
ATOM   757  N  N     . LEU A 1 92  ? -9.876  11.085  2.543   1.00 13.61  ? 91  LEU A N     1 
ATOM   758  C  CA    . LEU A 1 92  ? -9.366  9.728   2.334   1.00 12.17  ? 91  LEU A CA    1 
ATOM   759  C  C     . LEU A 1 92  ? -9.257  8.971   3.649   1.00 11.35  ? 91  LEU A C     1 
ATOM   760  O  O     . LEU A 1 92  ? -9.599  7.787   3.712   1.00 10.00  ? 91  LEU A O     1 
ATOM   761  C  CB    . LEU A 1 92  ? -8.011  9.703   1.602   1.00 12.42  ? 91  LEU A CB    1 
ATOM   762  C  CG    . LEU A 1 92  ? -8.089  10.176  0.176   1.00 14.38  ? 91  LEU A CG    1 
ATOM   763  C  CD1   . LEU A 1 92  ? -6.634  10.398  -0.386  1.00 15.86  ? 91  LEU A CD1   1 
ATOM   764  C  CD2   . LEU A 1 92  ? -8.882  9.206   -0.667  1.00 18.08  ? 91  LEU A CD2   1 
ATOM   765  N  N     . LYS A 1 93  ? -8.811  9.638   4.724   1.00 9.54   ? 92  LYS A N     1 
ATOM   766  C  CA    . LYS A 1 93  ? -8.691  8.946   6.012   1.00 9.81   ? 92  LYS A CA    1 
ATOM   767  C  C     . LYS A 1 93  ? -10.072 8.401   6.465   1.00 10.08  ? 92  LYS A C     1 
ATOM   768  O  O     . LYS A 1 93  ? -10.181 7.278   6.950   1.00 10.32  ? 92  LYS A O     1 
ATOM   769  C  CB    . LYS A 1 93  ? -8.110  9.889   7.090   1.00 11.25  ? 92  LYS A CB    1 
ATOM   770  C  CG    . LYS A 1 93  ? -6.582  9.970   6.923   1.00 11.53  ? 92  LYS A CG    1 
ATOM   771  C  CD    . LYS A 1 93  ? -5.958  11.089  7.692   1.00 18.14  ? 92  LYS A CD    1 
ATOM   772  C  CE    . LYS A 1 93  ? -6.454  11.120  9.023   1.00 18.33  ? 92  LYS A CE    1 
ATOM   773  N  NZ    . LYS A 1 93  ? -6.083  12.469  9.652   1.00 22.24  ? 92  LYS A NZ    1 
ATOM   774  N  N     A ASN A 1 94  ? -11.105 9.225   6.319   0.70 9.95   ? 93  ASN A N     1 
ATOM   775  N  N     B ASN A 1 94  ? -11.101 9.241   6.330   0.30 9.89   ? 93  ASN A N     1 
ATOM   776  C  CA    A ASN A 1 94  ? -12.442 8.808   6.727   0.70 10.16  ? 93  ASN A CA    1 
ATOM   777  C  CA    B ASN A 1 94  ? -12.470 8.853   6.669   0.30 9.96   ? 93  ASN A CA    1 
ATOM   778  C  C     A ASN A 1 94  ? -12.998 7.749   5.782   0.70 8.73   ? 93  ASN A C     1 
ATOM   779  C  C     B ASN A 1 94  ? -12.932 7.708   5.792   0.30 8.85   ? 93  ASN A C     1 
ATOM   780  O  O     A ASN A 1 94  ? -13.707 6.839   6.222   0.70 9.61   ? 93  ASN A O     1 
ATOM   781  O  O     B ASN A 1 94  ? -13.526 6.732   6.272   0.30 8.83   ? 93  ASN A O     1 
ATOM   782  C  CB    A ASN A 1 94  ? -13.379 10.023  6.806   0.70 9.92   ? 93  ASN A CB    1 
ATOM   783  C  CB    B ASN A 1 94  ? -13.437 10.026  6.480   0.30 10.04  ? 93  ASN A CB    1 
ATOM   784  C  CG    A ASN A 1 94  ? -13.006 10.979  7.932   0.70 10.73  ? 93  ASN A CG    1 
ATOM   785  C  CG    B ASN A 1 94  ? -14.872 9.651   6.821   0.30 12.07  ? 93  ASN A CG    1 
ATOM   786  O  OD1   A ASN A 1 94  ? -12.396 10.589  8.895   0.70 14.60  ? 93  ASN A OD1   1 
ATOM   787  O  OD1   B ASN A 1 94  ? -15.141 9.155   7.909   0.30 14.36  ? 93  ASN A OD1   1 
ATOM   788  N  ND2   A ASN A 1 94  ? -13.415 12.249  7.807   0.70 12.27  ? 93  ASN A ND2   1 
ATOM   789  N  ND2   B ASN A 1 94  ? -15.797 9.878   5.884   0.30 11.91  ? 93  ASN A ND2   1 
ATOM   790  N  N     . LYS A 1 95  ? -12.630 7.826   4.504   1.00 7.94   ? 94  LYS A N     1 
ATOM   791  C  CA    . LYS A 1 95  ? -13.094 6.855   3.505   1.00 8.37   ? 94  LYS A CA    1 
ATOM   792  C  C     . LYS A 1 95  ? -12.630 5.443   3.832   1.00 7.93   ? 94  LYS A C     1 
ATOM   793  O  O     . LYS A 1 95  ? -13.400 4.482   3.799   1.00 8.98   ? 94  LYS A O     1 
ATOM   794  C  CB    . LYS A 1 95  ? -12.637 7.287   2.096   1.00 9.90   ? 94  LYS A CB    1 
ATOM   795  C  CG    . LYS A 1 95  ? -13.054 6.349   0.982   1.00 11.04  ? 94  LYS A CG    1 
ATOM   796  C  CD    . LYS A 1 95  ? -12.646 6.964   -0.391  1.00 15.25  ? 94  LYS A CD    1 
ATOM   797  C  CE    . LYS A 1 95  ? -12.814 5.967   -1.504  1.00 22.45  ? 94  LYS A CE    1 
ATOM   798  N  NZ    . LYS A 1 95  ? -12.758 6.742   -2.813  1.00 24.97  ? 94  LYS A NZ    1 
ATOM   799  N  N     . PHE A 1 96  ? -11.369 5.320   4.216   1.00 7.23   ? 95  PHE A N     1 
ATOM   800  C  CA    . PHE A 1 96  ? -10.751 4.001   4.392   1.00 6.70   ? 95  PHE A CA    1 
ATOM   801  C  C     . PHE A 1 96  ? -10.896 3.500   5.818   1.00 6.45   ? 95  PHE A C     1 
ATOM   802  O  O     . PHE A 1 96  ? -10.587 2.345   6.062   1.00 8.20   ? 95  PHE A O     1 
ATOM   803  C  CB    . PHE A 1 96  ? -9.259  4.024   3.969   1.00 6.06   ? 95  PHE A CB    1 
ATOM   804  C  CG    . PHE A 1 96  ? -9.079  4.397   2.540   1.00 6.98   ? 95  PHE A CG    1 
ATOM   805  C  CD1   . PHE A 1 96  ? -9.904  3.846   1.573   1.00 8.11   ? 95  PHE A CD1   1 
ATOM   806  C  CD2   . PHE A 1 96  ? -8.043  5.265   2.169   1.00 12.81  ? 95  PHE A CD2   1 
ATOM   807  C  CE1   . PHE A 1 96  ? -9.732  4.169   0.210   1.00 10.33  ? 95  PHE A CE1   1 
ATOM   808  C  CE2   . PHE A 1 96  ? -7.863  5.610   0.810   1.00 13.04  ? 95  PHE A CE2   1 
ATOM   809  C  CZ    . PHE A 1 96  ? -8.711  5.088   -0.145  1.00 9.55   ? 95  PHE A CZ    1 
ATOM   810  N  N     . TRP A 1 97  ? -11.304 4.369   6.749   1.00 7.39   ? 96  TRP A N     1 
ATOM   811  C  CA    . TRP A 1 97  ? -11.380 3.958   8.161   1.00 8.13   ? 96  TRP A CA    1 
ATOM   812  C  C     . TRP A 1 97  ? -12.252 2.713   8.332   1.00 8.75   ? 96  TRP A C     1 
ATOM   813  O  O     . TRP A 1 97  ? -13.306 2.602   7.713   1.00 9.11   ? 96  TRP A O     1 
ATOM   814  C  CB    . TRP A 1 97  ? -11.890 5.077   9.075   1.00 8.23   ? 96  TRP A CB    1 
ATOM   815  C  CG    . TRP A 1 97  ? -12.019 4.516   10.462  1.00 10.60  ? 96  TRP A CG    1 
ATOM   816  C  CD1   . TRP A 1 97  ? -13.175 4.072   11.065  1.00 10.92  ? 96  TRP A CD1   1 
ATOM   817  C  CD2   . TRP A 1 97  ? -10.944 4.284   11.405  1.00 10.35  ? 96  TRP A CD2   1 
ATOM   818  N  NE1   . TRP A 1 97  ? -12.870 3.578   12.318  1.00 13.38  ? 96  TRP A NE1   1 
ATOM   819  C  CE2   . TRP A 1 97  ? -11.524 3.707   12.555  1.00 11.42  ? 96  TRP A CE2   1 
ATOM   820  C  CE3   . TRP A 1 97  ? -9.561  4.540   11.397  1.00 9.47   ? 96  TRP A CE3   1 
ATOM   821  C  CZ2   . TRP A 1 97  ? -10.761 3.343   13.676  1.00 12.63  ? 96  TRP A CZ2   1 
ATOM   822  C  CZ3   . TRP A 1 97  ? -8.804  4.194   12.533  1.00 10.01  ? 96  TRP A CZ3   1 
ATOM   823  C  CH2   . TRP A 1 97  ? -9.421  3.613   13.654  1.00 9.58   ? 96  TRP A CH2   1 
ATOM   824  N  N     . ASN A 1 98  ? -11.834 1.779   9.173   1.00 8.21   ? 97  ASN A N     1 
ATOM   825  C  CA    . ASN A 1 98  ? -12.684 0.622   9.502   1.00 8.34   ? 97  ASN A CA    1 
ATOM   826  C  C     . ASN A 1 98  ? -12.164 0.027   10.795  1.00 8.11   ? 97  ASN A C     1 
ATOM   827  O  O     . ASN A 1 98  ? -11.031 0.361   11.204  1.00 6.88   ? 97  ASN A O     1 
ATOM   828  C  CB    . ASN A 1 98  ? -12.706 -0.416  8.372   1.00 10.31  ? 97  ASN A CB    1 
ATOM   829  C  CG    . ASN A 1 98  ? -11.382 -1.075  8.179   1.00 10.34  ? 97  ASN A CG    1 
ATOM   830  O  OD1   . ASN A 1 98  ? -11.081 -2.098  8.811   1.00 12.61  ? 97  ASN A OD1   1 
ATOM   831  N  ND2   . ASN A 1 98  ? -10.517 -0.451  7.376   1.00 11.38  ? 97  ASN A ND2   1 
ATOM   832  N  N     . ASN A 1 99  ? -12.917 -0.866  11.405  1.00 8.04   ? 98  ASN A N     1 
ATOM   833  C  CA    . ASN A 1 99  ? -12.568 -1.273  12.787  1.00 7.99   ? 98  ASN A CA    1 
ATOM   834  C  C     . ASN A 1 99  ? -11.336 -2.194  12.871  1.00 6.86   ? 98  ASN A C     1 
ATOM   835  O  O     . ASN A 1 99  ? -10.754 -2.351  13.947  1.00 6.41   ? 98  ASN A O     1 
ATOM   836  C  CB    . ASN A 1 99  ? -13.779 -1.855  13.525  1.00 8.15   ? 98  ASN A CB    1 
ATOM   837  C  CG    . ASN A 1 99  ? -14.832 -0.768  13.847  1.00 8.98   ? 98  ASN A CG    1 
ATOM   838  O  OD1   . ASN A 1 99  ? -14.523 0.453   13.839  1.00 12.13  ? 98  ASN A OD1   1 
ATOM   839  N  ND2   . ASN A 1 99  ? -16.056 -1.200  14.149  1.00 7.98   ? 98  ASN A ND2   1 
ATOM   840  N  N     . SER A 1 100 ? -10.892 -2.784  11.744  1.00 7.15   ? 99  SER A N     1 
ATOM   841  C  CA    . SER A 1 100 ? -9.690  -3.580  11.836  1.00 9.25   ? 99  SER A CA    1 
ATOM   842  C  C     . SER A 1 100 ? -8.503  -2.714  12.226  1.00 7.82   ? 99  SER A C     1 
ATOM   843  O  O     . SER A 1 100 ? -7.558  -3.211  12.879  1.00 8.97   ? 99  SER A O     1 
ATOM   844  C  CB    . SER A 1 100 ? -9.385  -4.280  10.510  1.00 9.26   ? 99  SER A CB    1 
ATOM   845  O  OG    . SER A 1 100 ? -10.542 -5.042  10.135  1.00 16.35  ? 99  SER A OG    1 
ATOM   846  N  N     . LEU A 1 101 ? -8.586  -1.421  11.861  1.00 7.09   ? 100 LEU A N     1 
ATOM   847  C  CA    . LEU A 1 101 ? -7.476  -0.480  12.180  1.00 7.01   ? 100 LEU A CA    1 
ATOM   848  C  C     . LEU A 1 101 ? -7.350  -0.158  13.671  1.00 7.30   ? 100 LEU A C     1 
ATOM   849  O  O     . LEU A 1 101 ? -6.348  0.446   14.098  1.00 7.60   ? 100 LEU A O     1 
ATOM   850  C  CB    . LEU A 1 101 ? -7.563  0.784   11.334  1.00 7.78   ? 100 LEU A CB    1 
ATOM   851  C  CG    . LEU A 1 101 ? -7.617  0.556   9.819   1.00 6.35   ? 100 LEU A CG    1 
ATOM   852  C  CD1   . LEU A 1 101 ? -7.864  1.936   9.171   1.00 9.62   ? 100 LEU A CD1   1 
ATOM   853  C  CD2   . LEU A 1 101 ? -6.261  -0.008  9.389   1.00 12.04  ? 100 LEU A CD2   1 
ATOM   854  N  N     . LYS A 1 102 ? -8.322  -0.585  14.481  1.00 6.48   ? 101 LYS A N     1 
ATOM   855  C  CA    . LYS A 1 102 ? -8.331  -0.288  15.919  1.00 8.07   ? 101 LYS A CA    1 
ATOM   856  C  C     . LYS A 1 102 ? -7.179  -1.009  16.640  1.00 7.26   ? 101 LYS A C     1 
ATOM   857  O  O     . LYS A 1 102 ? -6.878  -0.700  17.775  1.00 7.63   ? 101 LYS A O     1 
ATOM   858  C  CB    . LYS A 1 102 ? -9.714  -0.604  16.559  1.00 7.57   ? 101 LYS A CB    1 
ATOM   859  C  CG    . LYS A 1 102 ? -10.723 0.445   16.196  1.00 12.44  ? 101 LYS A CG    1 
ATOM   860  C  CD    . LYS A 1 102 ? -12.093 0.197   16.854  1.00 15.92  ? 101 LYS A CD    1 
ATOM   861  C  CE    . LYS A 1 102 ? -12.169 0.582   18.365  1.00 19.69  ? 101 LYS A CE    1 
ATOM   862  N  NZ    . LYS A 1 102 ? -11.376 1.847   18.823  1.00 25.63  ? 101 LYS A NZ    1 
ATOM   863  N  N     . ARG A 1 103 ? -6.528  -1.942  15.944  1.00 7.62   ? 102 ARG A N     1 
ATOM   864  C  CA    . ARG A 1 103 ? -5.348  -2.573  16.499  1.00 8.50   ? 102 ARG A CA    1 
ATOM   865  C  C     . ARG A 1 103 ? -4.240  -1.569  16.629  1.00 7.64   ? 102 ARG A C     1 
ATOM   866  O  O     . ARG A 1 103 ? -3.364  -1.709  17.508  1.00 10.19  ? 102 ARG A O     1 
ATOM   867  C  CB    . ARG A 1 103 ? -4.858  -3.714  15.593  1.00 9.67   ? 102 ARG A CB    1 
ATOM   868  C  CG    . ARG A 1 103 ? -5.826  -4.880  15.547  1.00 12.14  ? 102 ARG A CG    1 
ATOM   869  C  CD    . ARG A 1 103 ? -5.412  -5.862  14.430  1.00 12.97  ? 102 ARG A CD    1 
ATOM   870  N  NE    . ARG A 1 103 ? -6.191  -7.105  14.482  1.00 17.44  ? 102 ARG A NE    1 
ATOM   871  C  CZ    . ARG A 1 103 ? -7.381  -7.282  13.937  1.00 20.33  ? 102 ARG A CZ    1 
ATOM   872  N  NH1   . ARG A 1 103 ? -8.024  -6.294  13.299  1.00 20.32  ? 102 ARG A NH1   1 
ATOM   873  N  NH2   . ARG A 1 103 ? -7.951  -8.479  14.033  1.00 21.68  ? 102 ARG A NH2   1 
ATOM   874  N  N     . TRP A 1 104 ? -4.225  -0.586  15.725  1.00 6.76   ? 103 TRP A N     1 
ATOM   875  C  CA    . TRP A 1 104 ? -3.058  0.320   15.642  1.00 7.26   ? 103 TRP A CA    1 
ATOM   876  C  C     . TRP A 1 104 ? -3.383  1.796   15.848  1.00 8.40   ? 103 TRP A C     1 
ATOM   877  O  O     . TRP A 1 104 ? -2.454  2.579   16.042  1.00 8.50   ? 103 TRP A O     1 
ATOM   878  C  CB    . TRP A 1 104 ? -2.361  0.158   14.271  1.00 8.81   ? 103 TRP A CB    1 
ATOM   879  C  CG    . TRP A 1 104 ? -2.050  -1.289  14.014  1.00 9.30   ? 103 TRP A CG    1 
ATOM   880  C  CD1   . TRP A 1 104 ? -1.068  -2.055  14.625  1.00 13.27  ? 103 TRP A CD1   1 
ATOM   881  C  CD2   . TRP A 1 104 ? -2.746  -2.151  13.128  1.00 11.23  ? 103 TRP A CD2   1 
ATOM   882  N  NE1   . TRP A 1 104 ? -1.121  -3.351  14.130  1.00 15.07  ? 103 TRP A NE1   1 
ATOM   883  C  CE2   . TRP A 1 104 ? -2.156  -3.446  13.240  1.00 12.70  ? 103 TRP A CE2   1 
ATOM   884  C  CE3   . TRP A 1 104 ? -3.828  -1.970  12.264  1.00 11.92  ? 103 TRP A CE3   1 
ATOM   885  C  CZ2   . TRP A 1 104 ? -2.625  -4.554  12.476  1.00 12.56  ? 103 TRP A CZ2   1 
ATOM   886  C  CZ3   . TRP A 1 104 ? -4.309  -3.083  11.505  1.00 13.34  ? 103 TRP A CZ3   1 
ATOM   887  C  CH2   . TRP A 1 104 ? -3.695  -4.350  11.635  1.00 11.18  ? 103 TRP A CH2   1 
ATOM   888  N  N     . LEU A 1 105 ? -4.685  2.161   15.784  1.00 7.08   ? 104 LEU A N     1 
ATOM   889  C  CA    . LEU A 1 105 ? -5.158  3.556   15.806  1.00 7.39   ? 104 LEU A CA    1 
ATOM   890  C  C     . LEU A 1 105 ? -6.464  3.621   16.569  1.00 8.21   ? 104 LEU A C     1 
ATOM   891  O  O     . LEU A 1 105 ? -7.179  2.616   16.622  1.00 6.63   ? 104 LEU A O     1 
ATOM   892  C  CB    . LEU A 1 105 ? -5.373  4.033   14.350  1.00 7.47   ? 104 LEU A CB    1 
ATOM   893  C  CG    . LEU A 1 105 ? -4.104  4.108   13.498  1.00 7.60   ? 104 LEU A CG    1 
ATOM   894  C  CD1   . LEU A 1 105 ? -4.619  4.261   12.035  1.00 9.40   ? 104 LEU A CD1   1 
ATOM   895  C  CD2   . LEU A 1 105 ? -3.237  5.297   13.982  1.00 10.68  ? 104 LEU A CD2   1 
ATOM   896  N  N     . LEU A 1 106 ? -6.746  4.764   17.212  1.00 7.71   ? 105 LEU A N     1 
ATOM   897  C  CA    . LEU A 1 106 ? -7.924  4.858   18.084  1.00 9.17   ? 105 LEU A CA    1 
ATOM   898  C  C     . LEU A 1 106 ? -9.275  4.995   17.363  1.00 9.86   ? 105 LEU A C     1 
ATOM   899  O  O     . LEU A 1 106 ? -10.286 4.443   17.850  1.00 12.86  ? 105 LEU A O     1 
ATOM   900  C  CB    . LEU A 1 106 ? -7.775  5.996   19.081  1.00 9.05   ? 105 LEU A CB    1 
ATOM   901  C  CG    . LEU A 1 106 ? -6.655  5.758   20.085  1.00 11.05  ? 105 LEU A CG    1 
ATOM   902  C  CD1   . LEU A 1 106 ? -6.271  7.056   20.770  1.00 12.85  ? 105 LEU A CD1   1 
ATOM   903  C  CD2   . LEU A 1 106 ? -6.984  4.660   21.153  1.00 13.21  ? 105 LEU A CD2   1 
ATOM   904  N  N     . ARG A 1 107 ? -9.301  5.786   16.298  1.00 8.63   ? 106 ARG A N     1 
ATOM   905  C  CA    . ARG A 1 107 ? -10.539 6.262   15.671  1.00 10.45  ? 106 ARG A CA    1 
ATOM   906  C  C     . ARG A 1 107 ? -10.109 7.122   14.473  1.00 11.80  ? 106 ARG A C     1 
ATOM   907  O  O     . ARG A 1 107 ? -8.943  7.491   14.385  1.00 9.34   ? 106 ARG A O     1 
ATOM   908  C  CB    . ARG A 1 107 ? -11.328 7.089   16.681  1.00 11.28  ? 106 ARG A CB    1 
ATOM   909  C  CG    . ARG A 1 107 ? -10.534 8.312   17.238  1.00 11.85  ? 106 ARG A CG    1 
ATOM   910  C  CD    . ARG A 1 107 ? -11.340 9.111   18.299  1.00 15.35  ? 106 ARG A CD    1 
ATOM   911  N  NE    . ARG A 1 107 ? -11.819 8.187   19.333  1.00 17.61  ? 106 ARG A NE    1 
ATOM   912  C  CZ    . ARG A 1 107 ? -11.124 7.890   20.417  1.00 20.03  ? 106 ARG A CZ    1 
ATOM   913  N  NH1   . ARG A 1 107 ? -9.952  8.487   20.629  1.00 19.48  ? 106 ARG A NH1   1 
ATOM   914  N  NH2   . ARG A 1 107 ? -11.592 7.010   21.287  1.00 21.45  ? 106 ARG A NH2   1 
ATOM   915  N  N     . PRO A 1 108 ? -11.021 7.417   13.532  1.00 11.93  ? 107 PRO A N     1 
ATOM   916  C  CA    . PRO A 1 108 ? -10.630 8.194   12.343  1.00 12.71  ? 107 PRO A CA    1 
ATOM   917  C  C     . PRO A 1 108 ? -10.076 9.555   12.642  1.00 12.42  ? 107 PRO A C     1 
ATOM   918  O  O     . PRO A 1 108 ? -9.222  10.046  11.879  1.00 12.36  ? 107 PRO A O     1 
ATOM   919  C  CB    . PRO A 1 108 ? -11.916 8.274   11.501  1.00 14.50  ? 107 PRO A CB    1 
ATOM   920  C  CG    . PRO A 1 108 ? -12.946 7.624   12.300  1.00 15.18  ? 107 PRO A CG    1 
ATOM   921  C  CD    . PRO A 1 108 ? -12.422 6.959   13.485  1.00 13.28  ? 107 PRO A CD    1 
ATOM   922  N  N     . GLU A 1 109 ? -10.462 10.134  13.791  1.00 12.88  ? 108 GLU A N     1 
ATOM   923  C  CA    . GLU A 1 109 ? -9.912  11.433  14.219  1.00 12.94  ? 108 GLU A CA    1 
ATOM   924  C  C     . GLU A 1 109 ? -8.592  11.355  14.987  1.00 12.26  ? 108 GLU A C     1 
ATOM   925  O  O     . GLU A 1 109 ? -8.055  12.403  15.418  1.00 12.92  ? 108 GLU A O     1 
ATOM   926  C  CB    . GLU A 1 109 ? -10.927 12.139  15.135  1.00 14.09  ? 108 GLU A CB    1 
ATOM   927  C  CG    . GLU A 1 109 ? -12.305 12.264  14.498  1.00 17.44  ? 108 GLU A CG    1 
ATOM   928  C  CD    . GLU A 1 109 ? -13.265 11.083  14.777  1.00 20.00  ? 108 GLU A CD    1 
ATOM   929  O  OE1   . GLU A 1 109 ? -12.895 9.977   15.258  1.00 16.49  ? 108 GLU A OE1   1 
ATOM   930  O  OE2   . GLU A 1 109 ? -14.476 11.269  14.504  1.00 23.81  ? 108 GLU A OE2   1 
ATOM   931  N  N     . ASP A 1 110 ? -8.065  10.143  15.194  1.00 10.11  ? 109 ASP A N     1 
ATOM   932  C  CA    . ASP A 1 110 ? -6.789  9.998   15.921  1.00 9.45   ? 109 ASP A CA    1 
ATOM   933  C  C     . ASP A 1 110 ? -5.712  10.837  15.199  1.00 10.28  ? 109 ASP A C     1 
ATOM   934  O  O     . ASP A 1 110 ? -5.417  10.588  14.017  1.00 8.75   ? 109 ASP A O     1 
ATOM   935  C  CB    . ASP A 1 110 ? -6.393  8.523   15.933  1.00 9.56   ? 109 ASP A CB    1 
ATOM   936  C  CG    . ASP A 1 110 ? -5.200  8.212   16.818  1.00 8.42   ? 109 ASP A CG    1 
ATOM   937  O  OD1   . ASP A 1 110 ? -4.417  9.145   17.151  1.00 10.24  ? 109 ASP A OD1   1 
ATOM   938  O  OD2   . ASP A 1 110 ? -5.008  7.003   17.131  1.00 8.01   ? 109 ASP A OD2   1 
ATOM   939  N  N     . PRO A 1 111 ? -5.090  11.807  15.894  1.00 9.55   ? 110 PRO A N     1 
ATOM   940  C  CA    . PRO A 1 111 ? -4.018  12.585  15.254  1.00 10.22  ? 110 PRO A CA    1 
ATOM   941  C  C     . PRO A 1 111 ? -2.830  11.745  14.766  1.00 10.74  ? 110 PRO A C     1 
ATOM   942  O  O     . PRO A 1 111 ? -2.104  12.198  13.871  1.00 12.04  ? 110 PRO A O     1 
ATOM   943  C  CB    . PRO A 1 111 ? -3.561  13.563  16.371  1.00 10.93  ? 110 PRO A CB    1 
ATOM   944  C  CG    . PRO A 1 111 ? -4.106  13.043  17.577  1.00 13.34  ? 110 PRO A CG    1 
ATOM   945  C  CD    . PRO A 1 111 ? -5.325  12.264  17.276  1.00 10.09  ? 110 PRO A CD    1 
ATOM   946  N  N     . ASN A 1 112 ? -2.650  10.535  15.317  1.00 8.62   ? 111 ASN A N     1 
ATOM   947  C  CA    . ASN A 1 112 ? -1.609  9.629   14.871  1.00 8.69   ? 111 ASN A CA    1 
ATOM   948  C  C     . ASN A 1 112 ? -1.914  8.890   13.557  1.00 7.23   ? 111 ASN A C     1 
ATOM   949  O  O     . ASN A 1 112 ? -1.019  8.277   13.002  1.00 8.12   ? 111 ASN A O     1 
ATOM   950  C  CB    . ASN A 1 112 ? -1.277  8.601   15.959  1.00 8.82   ? 111 ASN A CB    1 
ATOM   951  C  CG    . ASN A 1 112 ? -0.719  9.278   17.224  1.00 11.83  ? 111 ASN A CG    1 
ATOM   952  O  OD1   . ASN A 1 112 ? 0.112   10.201  17.101  1.00 15.08  ? 111 ASN A OD1   1 
ATOM   953  N  ND2   . ASN A 1 112 ? -1.122  8.826   18.398  1.00 12.87  ? 111 ASN A ND2   1 
ATOM   954  N  N     . TYR A 1 113 ? -3.165  8.967   13.079  1.00 6.67   ? 112 TYR A N     1 
ATOM   955  C  CA    . TYR A 1 113 ? -3.538  8.244   11.844  1.00 6.55   ? 112 TYR A CA    1 
ATOM   956  C  C     . TYR A 1 113 ? -3.048  9.035   10.627  1.00 7.50   ? 112 TYR A C     1 
ATOM   957  O  O     . TYR A 1 113 ? -3.422  10.185  10.402  1.00 8.35   ? 112 TYR A O     1 
ATOM   958  C  CB    . TYR A 1 113 ? -5.067  8.128   11.854  1.00 6.33   ? 112 TYR A CB    1 
ATOM   959  C  CG    . TYR A 1 113 ? -5.775  7.570   10.624  1.00 6.23   ? 112 TYR A CG    1 
ATOM   960  C  CD1   . TYR A 1 113 ? -5.082  6.824   9.646   1.00 7.32   ? 112 TYR A CD1   1 
ATOM   961  C  CD2   . TYR A 1 113 ? -7.176  7.763   10.489  1.00 9.57   ? 112 TYR A CD2   1 
ATOM   962  C  CE1   . TYR A 1 113 ? -5.732  6.334   8.564   1.00 5.76   ? 112 TYR A CE1   1 
ATOM   963  C  CE2   . TYR A 1 113 ? -7.874  7.246   9.386   1.00 6.98   ? 112 TYR A CE2   1 
ATOM   964  C  CZ    . TYR A 1 113 ? -7.111  6.532   8.431   1.00 5.52   ? 112 TYR A CZ    1 
ATOM   965  O  OH    . TYR A 1 113 ? -7.789  6.013   7.348   1.00 9.00   ? 112 TYR A OH    1 
ATOM   966  N  N     . VAL A 1 114 ? -2.212  8.393   9.840   1.00 6.51   ? 113 VAL A N     1 
ATOM   967  C  CA    . VAL A 1 114 ? -1.854  8.967   8.531   1.00 7.47   ? 113 VAL A CA    1 
ATOM   968  C  C     . VAL A 1 114 ? -1.993  7.852   7.528   1.00 5.76   ? 113 VAL A C     1 
ATOM   969  O  O     . VAL A 1 114 ? -2.075  6.654   7.881   1.00 7.78   ? 113 VAL A O     1 
ATOM   970  C  CB    . VAL A 1 114 ? -0.396  9.499   8.495   1.00 8.27   ? 113 VAL A CB    1 
ATOM   971  C  CG1   . VAL A 1 114 ? -0.246  10.652  9.491   1.00 10.23  ? 113 VAL A CG1   1 
ATOM   972  C  CG2   . VAL A 1 114 ? 0.628   8.377   8.814   1.00 9.94   ? 113 VAL A CG2   1 
ATOM   973  N  N     . LEU A 1 115 ? -2.000  8.243   6.265   1.00 5.27   ? 114 LEU A N     1 
ATOM   974  C  CA    . LEU A 1 115 ? -1.972  7.267   5.170   1.00 6.72   ? 114 LEU A CA    1 
ATOM   975  C  C     . LEU A 1 115 ? -0.608  7.302   4.473   1.00 7.31   ? 114 LEU A C     1 
ATOM   976  O  O     . LEU A 1 115 ? -0.044  8.368   4.230   1.00 8.99   ? 114 LEU A O     1 
ATOM   977  C  CB    . LEU A 1 115 ? -3.064  7.564   4.128   1.00 7.07   ? 114 LEU A CB    1 
ATOM   978  C  CG    . LEU A 1 115 ? -4.506  7.361   4.602   1.00 9.08   ? 114 LEU A CG    1 
ATOM   979  C  CD1   . LEU A 1 115 ? -5.443  8.035   3.583   1.00 9.75   ? 114 LEU A CD1   1 
ATOM   980  C  CD2   . LEU A 1 115 ? -4.831  5.889   4.785   1.00 9.53   ? 114 LEU A CD2   1 
ATOM   981  N  N     . ILE A 1 116 ? -0.101  6.111   4.136   1.00 7.66   ? 115 ILE A N     1 
ATOM   982  C  CA    . ILE A 1 116 ? 1.004   6.051   3.178   1.00 8.27   ? 115 ILE A CA    1 
ATOM   983  C  C     . ILE A 1 116 ? 0.374   5.898   1.782   1.00 8.28   ? 115 ILE A C     1 
ATOM   984  O  O     . ILE A 1 116 ? -0.419  4.997   1.550   1.00 9.22   ? 115 ILE A O     1 
ATOM   985  C  CB    . ILE A 1 116 ? 1.852   4.861   3.465   1.00 7.96   ? 115 ILE A CB    1 
ATOM   986  C  CG1   . ILE A 1 116 ? 2.479   4.977   4.843   1.00 10.79  ? 115 ILE A CG1   1 
ATOM   987  C  CG2   . ILE A 1 116 ? 2.912   4.754   2.368   1.00 9.95   ? 115 ILE A CG2   1 
ATOM   988  C  CD1   . ILE A 1 116 ? 3.260   3.690   5.255   1.00 13.90  ? 115 ILE A CD1   1 
ATOM   989  N  N     . LYS A 1 117 ? 0.699   6.835   0.881   1.00 8.24   ? 116 LYS A N     1 
ATOM   990  C  CA    . LYS A 1 117 ? 0.162   6.888   -0.463  1.00 9.23   ? 116 LYS A CA    1 
ATOM   991  C  C     . LYS A 1 117 ? 1.221   6.322   -1.383  1.00 9.03   ? 116 LYS A C     1 
ATOM   992  O  O     . LYS A 1 117 ? 2.368   6.753   -1.376  1.00 9.89   ? 116 LYS A O     1 
ATOM   993  C  CB    . LYS A 1 117 ? -0.118  8.352   -0.848  1.00 8.65   ? 116 LYS A CB    1 
ATOM   994  C  CG    . LYS A 1 117 ? -0.474  8.487   -2.318  1.00 11.93  ? 116 LYS A CG    1 
ATOM   995  C  CD    . LYS A 1 117 ? -0.912  9.916   -2.605  1.00 11.77  ? 116 LYS A CD    1 
ATOM   996  C  CE    . LYS A 1 117 ? -1.164  10.147  -4.080  1.00 20.16  ? 116 LYS A CE    1 
ATOM   997  N  NZ    . LYS A 1 117 ? -1.482  11.579  -4.336  1.00 23.32  ? 116 LYS A NZ    1 
ATOM   998  N  N     . ILE A 1 118 ? 0.880   5.334   -2.195  1.00 8.90   ? 117 ILE A N     1 
ATOM   999  C  CA    . ILE A 1 118 ? 1.894   4.702   -3.062  1.00 9.33   ? 117 ILE A CA    1 
ATOM   1000 C  C     . ILE A 1 118 ? 1.479   4.976   -4.501  1.00 10.20  ? 117 ILE A C     1 
ATOM   1001 O  O     . ILE A 1 118 ? 0.432   4.489   -4.981  1.00 10.48  ? 117 ILE A O     1 
ATOM   1002 C  CB    . ILE A 1 118 ? 1.957   3.180   -2.818  1.00 8.27   ? 117 ILE A CB    1 
ATOM   1003 C  CG1   . ILE A 1 118 ? 2.455   2.916   -1.429  1.00 12.07  ? 117 ILE A CG1   1 
ATOM   1004 C  CG2   . ILE A 1 118 ? 2.970   2.533   -3.811  1.00 9.38   ? 117 ILE A CG2   1 
ATOM   1005 C  CD1   . ILE A 1 118 ? 2.076   1.600   -0.911  1.00 15.81  ? 117 ILE A CD1   1 
ATOM   1006 N  N     A ASN A 1 119 ? 2.282   5.789   -5.179  0.50 10.38  ? 118 ASN A N     1 
ATOM   1007 N  N     B ASN A 1 119 ? 2.298   5.759   -5.183  0.50 10.31  ? 118 ASN A N     1 
ATOM   1008 C  CA    A ASN A 1 119 ? 2.025   6.159   -6.574  0.50 10.95  ? 118 ASN A CA    1 
ATOM   1009 C  CA    B ASN A 1 119 ? 2.009   6.184   -6.547  0.50 10.89  ? 118 ASN A CA    1 
ATOM   1010 C  C     A ASN A 1 119 ? 2.753   5.174   -7.450  0.50 11.15  ? 118 ASN A C     1 
ATOM   1011 C  C     B ASN A 1 119 ? 2.737   5.225   -7.479  0.50 11.09  ? 118 ASN A C     1 
ATOM   1012 O  O     A ASN A 1 119 ? 3.974   5.182   -7.470  0.50 10.65  ? 118 ASN A O     1 
ATOM   1013 O  O     B ASN A 1 119 ? 3.952   5.298   -7.560  0.50 10.73  ? 118 ASN A O     1 
ATOM   1014 C  CB    A ASN A 1 119 ? 2.526   7.564   -6.894  0.50 11.42  ? 118 ASN A CB    1 
ATOM   1015 C  CB    B ASN A 1 119 ? 2.529   7.603   -6.768  0.50 11.42  ? 118 ASN A CB    1 
ATOM   1016 C  CG    A ASN A 1 119 ? 1.554   8.615   -6.467  0.50 12.82  ? 118 ASN A CG    1 
ATOM   1017 C  CG    B ASN A 1 119 ? 2.149   8.151   -8.106  0.50 12.80  ? 118 ASN A CG    1 
ATOM   1018 O  OD1   A ASN A 1 119 ? 1.715   9.227   -5.426  0.50 18.68  ? 118 ASN A OD1   1 
ATOM   1019 O  OD1   B ASN A 1 119 ? 2.298   7.490   -9.120  0.50 16.25  ? 118 ASN A OD1   1 
ATOM   1020 N  ND2   A ASN A 1 119 ? 0.501   8.796   -7.253  0.50 17.34  ? 118 ASN A ND2   1 
ATOM   1021 N  ND2   B ASN A 1 119 ? 1.711   9.404   -8.125  0.50 16.64  ? 118 ASN A ND2   1 
ATOM   1022 N  N     . PRO A 1 120 ? 2.019   4.289   -8.128  1.00 11.47  ? 119 PRO A N     1 
ATOM   1023 C  CA    . PRO A 1 120 ? 2.727   3.218   -8.814  1.00 10.35  ? 119 PRO A CA    1 
ATOM   1024 C  C     . PRO A 1 120 ? 3.424   3.733   -10.091 1.00 8.96   ? 119 PRO A C     1 
ATOM   1025 O  O     . PRO A 1 120 ? 2.882   4.578   -10.815 1.00 11.09  ? 119 PRO A O     1 
ATOM   1026 C  CB    . PRO A 1 120 ? 1.608   2.242   -9.219  1.00 11.16  ? 119 PRO A CB    1 
ATOM   1027 C  CG    . PRO A 1 120 ? 0.407   3.224   -9.474  1.00 13.96  ? 119 PRO A CG    1 
ATOM   1028 C  CD    . PRO A 1 120 ? 0.557   4.214   -8.343  1.00 12.99  ? 119 PRO A CD    1 
ATOM   1029 N  N     . ASP A 1 121 ? 4.623   3.202   -10.320 1.00 6.93   ? 120 ASP A N     1 
ATOM   1030 C  CA    . ASP A 1 121 ? 5.254   3.400   -11.633 1.00 8.62   ? 120 ASP A CA    1 
ATOM   1031 C  C     . ASP A 1 121 ? 5.028   2.169   -12.452 1.00 7.47   ? 120 ASP A C     1 
ATOM   1032 O  O     . ASP A 1 121 ? 4.805   2.284   -13.680 1.00 8.36   ? 120 ASP A O     1 
ATOM   1033 C  CB    . ASP A 1 121 ? 6.766   3.664   -11.481 1.00 9.39   ? 120 ASP A CB    1 
ATOM   1034 C  CG    . ASP A 1 121 ? 7.035   5.058   -10.899 1.00 13.92  ? 120 ASP A CG    1 
ATOM   1035 O  OD1   . ASP A 1 121 ? 6.401   6.006   -11.339 1.00 11.24  ? 120 ASP A OD1   1 
ATOM   1036 O  OD2   . ASP A 1 121 ? 7.803   5.202   -9.892  1.00 22.05  ? 120 ASP A OD2   1 
ATOM   1037 N  N     . THR A 1 122 ? 5.174   0.982   -11.841 1.00 7.02   ? 121 THR A N     1 
ATOM   1038 C  CA    . THR A 1 122 ? 5.057   -0.267  -12.607 1.00 8.34   ? 121 THR A CA    1 
ATOM   1039 C  C     . THR A 1 122 ? 4.212   -1.240  -11.787 1.00 6.71   ? 121 THR A C     1 
ATOM   1040 O  O     . THR A 1 122 ? 4.418   -1.352  -10.574 1.00 8.23   ? 121 THR A O     1 
ATOM   1041 C  CB    . THR A 1 122 ? 6.429   -0.899  -12.897 1.00 10.56  ? 121 THR A CB    1 
ATOM   1042 O  OG1   . THR A 1 122 ? 7.274   0.119   -13.466 1.00 11.37  ? 121 THR A OG1   1 
ATOM   1043 C  CG2   . THR A 1 122 ? 6.322   -2.088  -13.877 1.00 12.61  ? 121 THR A CG2   1 
ATOM   1044 N  N     . ILE A 1 123 ? 3.224   -1.877  -12.438 1.00 6.73   ? 122 ILE A N     1 
ATOM   1045 C  CA    . ILE A 1 123 ? 2.502   -2.954  -11.759 1.00 7.09   ? 122 ILE A CA    1 
ATOM   1046 C  C     . ILE A 1 123 ? 2.704   -4.203  -12.586 1.00 7.51   ? 122 ILE A C     1 
ATOM   1047 O  O     . ILE A 1 123 ? 2.348   -4.227  -13.792 1.00 9.85   ? 122 ILE A O     1 
ATOM   1048 C  CB    . ILE A 1 123 ? 1.011   -2.653  -11.586 1.00 6.62   ? 122 ILE A CB    1 
ATOM   1049 C  CG1   . ILE A 1 123 ? 0.828   -1.365  -10.742 1.00 7.67   ? 122 ILE A CG1   1 
ATOM   1050 C  CG2   . ILE A 1 123 ? 0.308   -3.891  -10.927 1.00 10.02  ? 122 ILE A CG2   1 
ATOM   1051 C  CD1   . ILE A 1 123 ? -0.624  -1.013  -10.486 1.00 12.70  ? 122 ILE A CD1   1 
ATOM   1052 N  N     . TYR A 1 124 ? 3.257   -5.246  -11.970 1.00 7.34   ? 123 TYR A N     1 
ATOM   1053 C  CA    . TYR A 1 124 ? 3.423   -6.534  -12.632 1.00 9.26   ? 123 TYR A CA    1 
ATOM   1054 C  C     . TYR A 1 124 ? 2.276   -7.447  -12.220 1.00 9.59   ? 123 TYR A C     1 
ATOM   1055 O  O     . TYR A 1 124 ? 1.914   -7.502  -11.053 1.00 8.92   ? 123 TYR A O     1 
ATOM   1056 C  CB    . TYR A 1 124 ? 4.724   -7.220  -12.160 1.00 10.68  ? 123 TYR A CB    1 
ATOM   1057 C  CG    . TYR A 1 124 ? 5.942   -6.466  -12.530 1.00 13.21  ? 123 TYR A CG    1 
ATOM   1058 C  CD1   . TYR A 1 124 ? 6.470   -6.575  -13.820 1.00 16.41  ? 123 TYR A CD1   1 
ATOM   1059 C  CD2   . TYR A 1 124 ? 6.564   -5.628  -11.610 1.00 19.16  ? 123 TYR A CD2   1 
ATOM   1060 C  CE1   . TYR A 1 124 ? 7.602   -5.861  -14.196 1.00 21.23  ? 123 TYR A CE1   1 
ATOM   1061 C  CE2   . TYR A 1 124 ? 7.725   -4.893  -11.985 1.00 21.19  ? 123 TYR A CE2   1 
ATOM   1062 C  CZ    . TYR A 1 124 ? 8.214   -5.029  -13.286 1.00 23.43  ? 123 TYR A CZ    1 
ATOM   1063 O  OH    . TYR A 1 124 ? 9.336   -4.326  -13.687 1.00 29.12  ? 123 TYR A OH    1 
ATOM   1064 N  N     . TYR A 1 125 ? 1.718   -8.160  -13.185 1.00 8.66   ? 124 TYR A N     1 
ATOM   1065 C  CA    . TYR A 1 125 ? 0.644   -9.117  -12.882 1.00 9.95   ? 124 TYR A CA    1 
ATOM   1066 C  C     . TYR A 1 125 ? 1.206   -10.503 -13.030 1.00 9.44   ? 124 TYR A C     1 
ATOM   1067 O  O     . TYR A 1 125 ? 1.740   -10.856 -14.121 1.00 8.89   ? 124 TYR A O     1 
ATOM   1068 C  CB    . TYR A 1 125 ? -0.572  -8.901  -13.822 1.00 10.00  ? 124 TYR A CB    1 
ATOM   1069 C  CG    . TYR A 1 125 ? -1.658  -9.911  -13.570 1.00 11.53  ? 124 TYR A CG    1 
ATOM   1070 C  CD1   . TYR A 1 125 ? -2.551  -9.758  -12.519 1.00 15.14  ? 124 TYR A CD1   1 
ATOM   1071 C  CD2   . TYR A 1 125 ? -1.732  -11.060 -14.363 1.00 16.23  ? 124 TYR A CD2   1 
ATOM   1072 C  CE1   . TYR A 1 125 ? -3.529  -10.750 -12.259 1.00 17.23  ? 124 TYR A CE1   1 
ATOM   1073 C  CE2   . TYR A 1 125 ? -2.685  -12.024 -14.135 1.00 16.87  ? 124 TYR A CE2   1 
ATOM   1074 C  CZ    . TYR A 1 125 ? -3.569  -11.858 -13.085 1.00 16.49  ? 124 TYR A CZ    1 
ATOM   1075 O  OH    . TYR A 1 125 ? -4.487  -12.883 -12.938 1.00 23.17  ? 124 TYR A OH    1 
ATOM   1076 N  N     . ILE A 1 126 ? 1.114   -11.285 -11.936 1.00 10.23  ? 125 ILE A N     1 
ATOM   1077 C  CA    . ILE A 1 126 ? 1.766   -12.601 -11.875 1.00 13.64  ? 125 ILE A CA    1 
ATOM   1078 C  C     . ILE A 1 126 ? 0.687   -13.673 -11.829 1.00 15.37  ? 125 ILE A C     1 
ATOM   1079 O  O     . ILE A 1 126 ? -0.060  -13.793 -10.839 1.00 14.59  ? 125 ILE A O     1 
ATOM   1080 C  CB    . ILE A 1 126 ? 2.737   -12.638 -10.680 1.00 14.24  ? 125 ILE A CB    1 
ATOM   1081 C  CG1   . ILE A 1 126 ? 3.750   -11.493 -10.851 1.00 17.06  ? 125 ILE A CG1   1 
ATOM   1082 C  CG2   . ILE A 1 126 ? 3.400   -14.021 -10.518 1.00 16.17  ? 125 ILE A CG2   1 
ATOM   1083 C  CD1   . ILE A 1 126 ? 4.151   -10.899 -9.696  1.00 24.05  ? 125 ILE A CD1   1 
ATOM   1084 N  N     . ASP A 1 127 ? 0.602   -14.374 -12.959 1.00 18.97  ? 126 ASP A N     1 
ATOM   1085 C  CA    . ASP A 1 127 ? -0.291  -15.499 -13.306 1.00 24.13  ? 126 ASP A CA    1 
ATOM   1086 C  C     . ASP A 1 127 ? -1.481  -15.208 -14.196 1.00 25.40  ? 126 ASP A C     1 
ATOM   1087 O  O     . ASP A 1 127 ? -1.388  -15.408 -15.410 1.00 28.54  ? 126 ASP A O     1 
ATOM   1088 C  CB    . ASP A 1 127 ? -0.647  -16.422 -12.145 1.00 26.15  ? 126 ASP A CB    1 
ATOM   1089 C  CG    . ASP A 1 127 ? 0.497   -17.287 -11.781 1.00 29.93  ? 126 ASP A CG    1 
ATOM   1090 O  OD1   . ASP A 1 127 ? 0.574   -17.770 -10.615 1.00 36.41  ? 126 ASP A OD1   1 
ATOM   1091 O  OD2   . ASP A 1 127 ? 1.357   -17.436 -12.684 1.00 33.90  ? 126 ASP A OD2   1 
ATOM   1092 N  N     . PRO A 1 134 ? 5.891   -11.981 -16.449 1.00 28.86  ? 133 PRO A N     1 
ATOM   1093 C  CA    . PRO A 1 134 ? 4.671   -11.301 -16.011 1.00 27.09  ? 133 PRO A CA    1 
ATOM   1094 C  C     . PRO A 1 134 ? 4.326   -10.223 -16.998 1.00 25.28  ? 133 PRO A C     1 
ATOM   1095 O  O     . PRO A 1 134 ? 5.216   -9.703  -17.648 1.00 26.31  ? 133 PRO A O     1 
ATOM   1096 C  CB    . PRO A 1 134 ? 5.078   -10.637 -14.688 1.00 27.70  ? 133 PRO A CB    1 
ATOM   1097 C  CG    . PRO A 1 134 ? 6.295   -11.368 -14.237 1.00 29.66  ? 133 PRO A CG    1 
ATOM   1098 C  CD    . PRO A 1 134 ? 7.006   -11.772 -15.511 1.00 29.37  ? 133 PRO A CD    1 
ATOM   1099 N  N     . GLU A 1 135 ? 3.048   -9.895  -17.128 1.00 22.66  ? 134 GLU A N     1 
ATOM   1100 C  CA    . GLU A 1 135 ? 2.658   -8.750  -17.941 1.00 20.54  ? 134 GLU A CA    1 
ATOM   1101 C  C     . GLU A 1 135 ? 2.822   -7.577  -17.014 1.00 18.45  ? 134 GLU A C     1 
ATOM   1102 O  O     . GLU A 1 135 ? 2.800   -7.735  -15.799 1.00 16.94  ? 134 GLU A O     1 
ATOM   1103 C  CB    . GLU A 1 135 ? 1.198   -8.817  -18.335 1.00 21.78  ? 134 GLU A CB    1 
ATOM   1104 C  CG    . GLU A 1 135 ? 0.801   -10.081 -19.088 1.00 27.46  ? 134 GLU A CG    1 
ATOM   1105 C  CD    . GLU A 1 135 ? -0.670  -10.341 -18.939 1.00 32.75  ? 134 GLU A CD    1 
ATOM   1106 O  OE1   . GLU A 1 135 ? -1.447  -9.579  -19.565 1.00 36.49  ? 134 GLU A OE1   1 
ATOM   1107 O  OE2   . GLU A 1 135 ? -1.048  -11.285 -18.194 1.00 36.96  ? 134 GLU A OE2   1 
ATOM   1108 N  N     . PHE A 1 136 ? 2.981   -6.400  -17.566 1.00 15.93  ? 135 PHE A N     1 
ATOM   1109 C  CA    . PHE A 1 136 ? 3.057   -5.250  -16.664 1.00 16.07  ? 135 PHE A CA    1 
ATOM   1110 C  C     . PHE A 1 136 ? 2.345   -4.052  -17.270 1.00 14.88  ? 135 PHE A C     1 
ATOM   1111 O  O     . PHE A 1 136 ? 2.164   -3.958  -18.502 1.00 15.17  ? 135 PHE A O     1 
ATOM   1112 C  CB    . PHE A 1 136 ? 4.514   -4.937  -16.329 1.00 16.10  ? 135 PHE A CB    1 
ATOM   1113 C  CG    . PHE A 1 136 ? 5.362   -4.674  -17.540 1.00 20.63  ? 135 PHE A CG    1 
ATOM   1114 C  CD1   . PHE A 1 136 ? 5.539   -3.385  -18.025 1.00 23.88  ? 135 PHE A CD1   1 
ATOM   1115 C  CD2   . PHE A 1 136 ? 5.976   -5.739  -18.209 1.00 22.80  ? 135 PHE A CD2   1 
ATOM   1116 C  CE1   . PHE A 1 136 ? 6.325   -3.155  -19.158 1.00 27.82  ? 135 PHE A CE1   1 
ATOM   1117 C  CE2   . PHE A 1 136 ? 6.764   -5.523  -19.351 1.00 28.19  ? 135 PHE A CE2   1 
ATOM   1118 C  CZ    . PHE A 1 136 ? 6.936   -4.234  -19.830 1.00 27.24  ? 135 PHE A CZ    1 
ATOM   1119 N  N     . LEU A 1 137 ? 1.965   -3.139  -16.394 1.00 12.97  ? 136 LEU A N     1 
ATOM   1120 C  CA    . LEU A 1 137 ? 1.385   -1.850  -16.714 1.00 14.29  ? 136 LEU A CA    1 
ATOM   1121 C  C     . LEU A 1 137 ? 2.367   -0.769  -16.238 1.00 13.83  ? 136 LEU A C     1 
ATOM   1122 O  O     . LEU A 1 137 ? 2.832   -0.844  -15.093 1.00 12.81  ? 136 LEU A O     1 
ATOM   1123 C  CB    . LEU A 1 137 ? 0.078   -1.713  -15.923 1.00 15.34  ? 136 LEU A CB    1 
ATOM   1124 C  CG    . LEU A 1 137 ? -0.897  -0.574  -16.171 1.00 18.69  ? 136 LEU A CG    1 
ATOM   1125 C  CD1   . LEU A 1 137 ? -1.330  -0.509  -17.664 1.00 21.71  ? 136 LEU A CD1   1 
ATOM   1126 C  CD2   . LEU A 1 137 ? -2.132  -0.736  -15.295 1.00 20.79  ? 136 LEU A CD2   1 
ATOM   1127 N  N     A ARG A 1 138 ? 2.701   0.202   -17.098 0.50 13.31  ? 137 ARG A N     1 
ATOM   1128 N  N     B ARG A 1 138 ? 2.702   0.202   -17.101 0.50 13.40  ? 137 ARG A N     1 
ATOM   1129 C  CA    A ARG A 1 138 ? 3.441   1.387   -16.638 0.50 14.60  ? 137 ARG A CA    1 
ATOM   1130 C  CA    B ARG A 1 138 ? 3.435   1.400   -16.657 0.50 14.78  ? 137 ARG A CA    1 
ATOM   1131 C  C     A ARG A 1 138 ? 2.435   2.509   -16.448 0.50 14.47  ? 137 ARG A C     1 
ATOM   1132 C  C     B ARG A 1 138 ? 2.423   2.504   -16.441 0.50 14.59  ? 137 ARG A C     1 
ATOM   1133 O  O     A ARG A 1 138 ? 1.545   2.726   -17.292 0.50 15.11  ? 137 ARG A O     1 
ATOM   1134 O  O     B ARG A 1 138 ? 1.536   2.730   -17.283 0.50 15.30  ? 137 ARG A O     1 
ATOM   1135 C  CB    A ARG A 1 138 ? 4.587   1.776   -17.580 0.50 15.20  ? 137 ARG A CB    1 
ATOM   1136 C  CB    B ARG A 1 138 ? 4.487   1.865   -17.664 0.50 15.48  ? 137 ARG A CB    1 
ATOM   1137 C  CG    A ARG A 1 138 ? 5.342   0.558   -18.105 0.50 18.01  ? 137 ARG A CG    1 
ATOM   1138 C  CG    B ARG A 1 138 ? 5.327   0.755   -18.248 0.50 18.60  ? 137 ARG A CG    1 
ATOM   1139 C  CD    A ARG A 1 138 ? 6.847   0.790   -18.344 0.50 21.02  ? 137 ARG A CD    1 
ATOM   1140 C  CD    B ARG A 1 138 ? 5.970   1.207   -19.564 0.50 22.75  ? 137 ARG A CD    1 
ATOM   1141 N  NE    A ARG A 1 138 ? 7.130   1.958   -19.158 0.50 25.21  ? 137 ARG A NE    1 
ATOM   1142 N  NE    B ARG A 1 138 ? 5.124   2.188   -20.249 0.50 26.98  ? 137 ARG A NE    1 
ATOM   1143 C  CZ    A ARG A 1 138 ? 8.319   2.557   -19.208 0.50 26.76  ? 137 ARG A CZ    1 
ATOM   1144 C  CZ    B ARG A 1 138 ? 4.202   1.909   -21.172 0.50 26.41  ? 137 ARG A CZ    1 
ATOM   1145 N  NH1   A ARG A 1 138 ? 8.486   3.621   -19.986 0.50 25.60  ? 137 ARG A NH1   1 
ATOM   1146 N  NH1   B ARG A 1 138 ? 3.494   2.900   -21.698 0.50 26.19  ? 137 ARG A NH1   1 
ATOM   1147 N  NH2   A ARG A 1 138 ? 9.337   2.104   -18.466 0.50 27.41  ? 137 ARG A NH2   1 
ATOM   1148 N  NH2   B ARG A 1 138 ? 3.989   0.664   -21.574 0.50 26.87  ? 137 ARG A NH2   1 
ATOM   1149 N  N     . LEU A 1 139 ? 2.544   3.172   -15.310 1.00 14.27  ? 138 LEU A N     1 
ATOM   1150 C  CA    . LEU A 1 139 ? 1.627   4.215   -14.915 1.00 16.19  ? 138 LEU A CA    1 
ATOM   1151 C  C     . LEU A 1 139 ? 2.427   5.487   -14.656 1.00 18.22  ? 138 LEU A C     1 
ATOM   1152 O  O     . LEU A 1 139 ? 3.549   5.426   -14.147 1.00 20.48  ? 138 LEU A O     1 
ATOM   1153 C  CB    . LEU A 1 139 ? 0.839   3.817   -13.651 1.00 16.56  ? 138 LEU A CB    1 
ATOM   1154 C  CG    . LEU A 1 139 ? -0.049  2.575   -13.856 1.00 20.32  ? 138 LEU A CG    1 
ATOM   1155 C  CD1   . LEU A 1 139 ? -0.681  2.175   -12.583 1.00 20.36  ? 138 LEU A CD1   1 
ATOM   1156 C  CD2   . LEU A 1 139 ? -1.142  2.834   -14.898 1.00 22.57  ? 138 LEU A CD2   1 
ATOM   1157 O  OXT   . LEU A 1 139 ? 1.968   6.590   -14.950 1.00 32.61  ? 138 LEU A OXT   1 
HETATM 1158 P  PA    . FAD B 2 .   ? 13.391  -13.073 -11.543 1.00 26.96  ? 139 FAD A PA    1 
HETATM 1159 O  O1A   . FAD B 2 .   ? 14.909  -13.141 -11.622 1.00 26.85  ? 139 FAD A O1A   1 
HETATM 1160 O  O2A   . FAD B 2 .   ? 12.687  -14.139 -12.363 1.00 34.13  ? 139 FAD A O2A   1 
HETATM 1161 O  O5B   . FAD B 2 .   ? 12.810  -11.668 -12.157 1.00 25.97  ? 139 FAD A O5B   1 
HETATM 1162 C  C5B   . FAD B 2 .   ? 11.440  -11.412 -11.954 1.00 28.89  ? 139 FAD A C5B   1 
HETATM 1163 C  C4B   . FAD B 2 .   ? 11.432  -10.101 -11.195 1.00 32.16  ? 139 FAD A C4B   1 
HETATM 1164 O  O4B   . FAD B 2 .   ? 11.812  -9.052  -12.110 1.00 35.18  ? 139 FAD A O4B   1 
HETATM 1165 C  C3B   . FAD B 2 .   ? 10.033  -9.820  -10.655 1.00 33.26  ? 139 FAD A C3B   1 
HETATM 1166 O  O3B   . FAD B 2 .   ? 9.951   -10.123 -9.263  1.00 30.24  ? 139 FAD A O3B   1 
HETATM 1167 C  C2B   . FAD B 2 .   ? 9.809   -8.362  -11.058 1.00 35.36  ? 139 FAD A C2B   1 
HETATM 1168 O  O2B   . FAD B 2 .   ? 10.183  -7.492  -10.002 1.00 37.96  ? 139 FAD A O2B   1 
HETATM 1169 C  C1B   . FAD B 2 .   ? 10.745  -8.127  -12.245 1.00 37.48  ? 139 FAD A C1B   1 
HETATM 1170 N  N9A   . FAD B 2 .   ? 10.054  -8.372  -13.536 1.00 42.33  ? 139 FAD A N9A   1 
HETATM 1171 C  C8A   . FAD B 2 .   ? 8.982   -9.214  -13.737 1.00 44.46  ? 139 FAD A C8A   1 
HETATM 1172 N  N7A   . FAD B 2 .   ? 8.623   -9.163  -15.043 1.00 46.69  ? 139 FAD A N7A   1 
HETATM 1173 C  C5A   . FAD B 2 .   ? 9.451   -8.318  -15.686 1.00 44.69  ? 139 FAD A C5A   1 
HETATM 1174 C  C6A   . FAD B 2 .   ? 9.497   -7.927  -17.024 1.00 45.58  ? 139 FAD A C6A   1 
HETATM 1175 N  N6A   . FAD B 2 .   ? 8.441   -8.188  -17.810 1.00 46.13  ? 139 FAD A N6A   1 
HETATM 1176 N  N1A   . FAD B 2 .   ? 10.466  -7.013  -17.403 1.00 46.87  ? 139 FAD A N1A   1 
HETATM 1177 C  C2A   . FAD B 2 .   ? 11.369  -6.508  -16.470 1.00 47.16  ? 139 FAD A C2A   1 
HETATM 1178 N  N3A   . FAD B 2 .   ? 11.313  -6.909  -15.139 1.00 45.83  ? 139 FAD A N3A   1 
HETATM 1179 C  C4A   . FAD B 2 .   ? 10.362  -7.808  -14.757 1.00 43.99  ? 139 FAD A C4A   1 
HETATM 1180 N  N1    . FAD B 2 .   ? 10.804  -19.101 -6.852  1.00 11.23  ? 139 FAD A N1    1 
HETATM 1181 C  C2    . FAD B 2 .   ? 11.944  -19.803 -6.520  1.00 11.46  ? 139 FAD A C2    1 
HETATM 1182 O  O2    . FAD B 2 .   ? 12.891  -19.677 -7.303  1.00 12.36  ? 139 FAD A O2    1 
HETATM 1183 N  N3    . FAD B 2 .   ? 12.022  -20.544 -5.364  1.00 10.74  ? 139 FAD A N3    1 
HETATM 1184 C  C4    . FAD B 2 .   ? 10.934  -20.646 -4.523  1.00 10.94  ? 139 FAD A C4    1 
HETATM 1185 O  O4    . FAD B 2 .   ? 11.017  -21.334 -3.465  1.00 11.66  ? 139 FAD A O4    1 
HETATM 1186 C  C4X   . FAD B 2 .   ? 9.734   -19.995 -4.873  1.00 9.21   ? 139 FAD A C4X   1 
HETATM 1187 N  N5    . FAD B 2 .   ? 8.637   -20.109 -4.036  1.00 9.25   ? 139 FAD A N5    1 
HETATM 1188 C  C5X   . FAD B 2 .   ? 7.462   -19.464 -4.399  1.00 9.39   ? 139 FAD A C5X   1 
HETATM 1189 C  C6    . FAD B 2 .   ? 6.358   -19.621 -3.540  1.00 10.34  ? 139 FAD A C6    1 
HETATM 1190 C  C7    . FAD B 2 .   ? 5.188   -18.941 -3.891  1.00 11.03  ? 139 FAD A C7    1 
HETATM 1191 C  C7M   . FAD B 2 .   ? 3.990   -19.107 -2.985  1.00 12.62  ? 139 FAD A C7M   1 
HETATM 1192 C  C8    . FAD B 2 .   ? 5.120   -18.140 -5.052  1.00 12.23  ? 139 FAD A C8    1 
HETATM 1193 C  C8M   . FAD B 2 .   ? 3.866   -17.371 -5.441  1.00 14.67  ? 139 FAD A C8M   1 
HETATM 1194 C  C9    . FAD B 2 .   ? 6.245   -17.957 -5.866  1.00 9.94   ? 139 FAD A C9    1 
HETATM 1195 C  C9A   . FAD B 2 .   ? 7.432   -18.643 -5.542  1.00 9.04   ? 139 FAD A C9A   1 
HETATM 1196 N  N10   . FAD B 2 .   ? 8.552   -18.496 -6.351  1.00 9.82   ? 139 FAD A N10   1 
HETATM 1197 C  C10   . FAD B 2 .   ? 9.708   -19.203 -6.021  1.00 9.02   ? 139 FAD A C10   1 
HETATM 1198 C  "C1'" . FAD B 2 .   ? 8.633   -17.553 -7.506  1.00 10.22  ? 139 FAD A "C1'" 1 
HETATM 1199 C  "C2'" . FAD B 2 .   ? 9.274   -16.200 -7.157  1.00 9.39   ? 139 FAD A "C2'" 1 
HETATM 1200 O  "O2'" . FAD B 2 .   ? 8.534   -15.530 -6.133  1.00 9.86   ? 139 FAD A "O2'" 1 
HETATM 1201 C  "C3'" . FAD B 2 .   ? 9.215   -15.323 -8.410  1.00 13.92  ? 139 FAD A "C3'" 1 
HETATM 1202 O  "O3'" . FAD B 2 .   ? 9.899   -16.044 -9.449  1.00 18.61  ? 139 FAD A "O3'" 1 
HETATM 1203 C  "C4'" . FAD B 2 .   ? 9.870   -13.967 -8.182  1.00 17.57  ? 139 FAD A "C4'" 1 
HETATM 1204 O  "O4'" . FAD B 2 .   ? 9.578   -13.029 -9.268  1.00 18.19  ? 139 FAD A "O4'" 1 
HETATM 1205 C  "C5'" . FAD B 2 .   ? 11.395  -14.127 -8.052  1.00 19.01  ? 139 FAD A "C5'" 1 
HETATM 1206 O  "O5'" . FAD B 2 .   ? 11.980  -12.841 -7.905  1.00 22.44  ? 139 FAD A "O5'" 1 
HETATM 1207 P  P     . FAD B 2 .   ? 13.353  -12.632 -8.723  1.00 26.34  ? 139 FAD A P     1 
HETATM 1208 O  O1P   . FAD B 2 .   ? 13.758  -11.162 -8.741  1.00 31.03  ? 139 FAD A O1P   1 
HETATM 1209 O  O2P   . FAD B 2 .   ? 14.414  -13.622 -8.335  1.00 22.94  ? 139 FAD A O2P   1 
HETATM 1210 O  O3P   . FAD B 2 .   ? 12.721  -13.073 -10.126 1.00 28.94  ? 139 FAD A O3P   1 
HETATM 1211 S  S     . SO4 C 3 .   ? -11.286 -7.867  11.860  1.00 56.35  ? 140 SO4 A S     1 
HETATM 1212 O  O1    . SO4 C 3 .   ? -10.713 -6.811  12.713  1.00 52.88  ? 140 SO4 A O1    1 
HETATM 1213 O  O2    . SO4 C 3 .   ? -10.491 -9.089  12.041  1.00 55.35  ? 140 SO4 A O2    1 
HETATM 1214 O  O3    . SO4 C 3 .   ? -12.682 -8.118  12.232  1.00 56.35  ? 140 SO4 A O3    1 
HETATM 1215 O  O4    . SO4 C 3 .   ? -11.336 -7.495  10.444  1.00 55.92  ? 140 SO4 A O4    1 
HETATM 1216 O  O     . HOH D 4 .   ? 10.554  0.496   -5.602  1.00 12.36  ? 141 HOH A O     1 
HETATM 1217 O  O     . HOH D 4 .   ? -4.009  0.017   6.227   1.00 8.85   ? 142 HOH A O     1 
HETATM 1218 O  O     . HOH D 4 .   ? 5.897   6.831   -8.342  1.00 12.49  ? 143 HOH A O     1 
HETATM 1219 O  O     . HOH D 4 .   ? 11.868  2.838   1.241   1.00 10.68  ? 144 HOH A O     1 
HETATM 1220 O  O     . HOH D 4 .   ? 6.919   -13.346 -5.776  1.00 8.76   ? 145 HOH A O     1 
HETATM 1221 O  O     . HOH D 4 .   ? -15.093 4.277   6.424   1.00 11.27  ? 146 HOH A O     1 
HETATM 1222 O  O     . HOH D 4 .   ? -2.797  6.364   18.569  1.00 12.00  ? 147 HOH A O     1 
HETATM 1223 O  O     . HOH D 4 .   ? 10.337  2.662   -7.052  1.00 15.83  ? 148 HOH A O     1 
HETATM 1224 O  O     . HOH D 4 .   ? 8.197   -10.921 -6.488  1.00 11.99  ? 149 HOH A O     1 
HETATM 1225 O  O     . HOH D 4 .   ? 7.569   2.148   -15.272 1.00 16.44  ? 150 HOH A O     1 
HETATM 1226 O  O     . HOH D 4 .   ? -8.548  1.230   19.326  1.00 15.45  ? 151 HOH A O     1 
HETATM 1227 O  O     . HOH D 4 .   ? 0.227   1.704   16.245  1.00 16.64  ? 152 HOH A O     1 
HETATM 1228 O  O     . HOH D 4 .   ? 16.343  -5.590  7.756   1.00 13.07  ? 153 HOH A O     1 
HETATM 1229 O  O     . HOH D 4 .   ? 18.445  3.925   0.578   1.00 21.46  ? 154 HOH A O     1 
HETATM 1230 O  O     . HOH D 4 .   ? -14.585 10.302  3.091   1.00 16.54  ? 155 HOH A O     1 
HETATM 1231 O  O     . HOH D 4 .   ? -7.164  11.702  12.159  1.00 14.27  ? 156 HOH A O     1 
HETATM 1232 O  O     . HOH D 4 .   ? -1.114  4.613   17.402  1.00 14.51  ? 157 HOH A O     1 
HETATM 1233 O  O     . HOH D 4 .   ? 3.690   0.569   10.591  1.00 16.69  ? 158 HOH A O     1 
HETATM 1234 O  O     . HOH D 4 .   ? -13.100 -4.948  12.849  1.00 24.19  ? 159 HOH A O     1 
HETATM 1235 O  O     . HOH D 4 .   ? -4.508  5.304   -10.977 1.00 21.61  ? 160 HOH A O     1 
HETATM 1236 O  O     . HOH D 4 .   ? -0.249  -6.230  14.310  1.00 23.12  ? 161 HOH A O     1 
HETATM 1237 O  O     . HOH D 4 .   ? -3.916  9.709   19.797  1.00 16.03  ? 162 HOH A O     1 
HETATM 1238 O  O     . HOH D 4 .   ? -8.760  -4.529  -18.635 1.00 16.73  ? 163 HOH A O     1 
HETATM 1239 O  O     . HOH D 4 .   ? 3.418   9.214   -3.444  1.00 17.32  ? 164 HOH A O     1 
HETATM 1240 O  O     . HOH D 4 .   ? 6.703   -6.063  -0.870  1.00 14.17  ? 165 HOH A O     1 
HETATM 1241 O  O     . HOH D 4 .   ? 2.136   7.513   17.892  1.00 17.93  ? 166 HOH A O     1 
HETATM 1242 O  O     . HOH D 4 .   ? -1.163  15.432  3.448   1.00 32.43  ? 167 HOH A O     1 
HETATM 1243 O  O     . HOH D 4 .   ? 2.045   -0.168  -20.022 1.00 29.96  ? 168 HOH A O     1 
HETATM 1244 O  O     . HOH D 4 .   ? -3.958  11.485  -2.532  1.00 18.09  ? 169 HOH A O     1 
HETATM 1245 O  O     . HOH D 4 .   ? -8.029  10.047  19.274  1.00 23.59  ? 170 HOH A O     1 
HETATM 1246 O  O     . HOH D 4 .   ? -12.875 -3.949  6.496   1.00 25.38  ? 171 HOH A O     1 
HETATM 1247 O  O     . HOH D 4 .   ? 9.054   1.033   -11.412 1.00 23.66  ? 172 HOH A O     1 
HETATM 1248 O  O     . HOH D 4 .   ? -1.800  6.005   -11.056 1.00 26.36  ? 173 HOH A O     1 
HETATM 1249 O  O     . HOH D 4 .   ? 4.445   7.914   -11.285 1.00 25.82  ? 174 HOH A O     1 
HETATM 1250 O  O     . HOH D 4 .   ? 2.473   9.974   18.957  0.50 32.30  ? 175 HOH A O     1 
HETATM 1251 O  O     . HOH D 4 .   ? -10.024 -4.396  15.587  1.00 30.26  ? 176 HOH A O     1 
HETATM 1252 O  O     . HOH D 4 .   ? -10.960 3.727   -6.863  1.00 31.74  ? 177 HOH A O     1 
HETATM 1253 O  O     . HOH D 4 .   ? -13.110 11.690  11.226  1.00 32.68  ? 178 HOH A O     1 
HETATM 1254 O  O     . HOH D 4 .   ? 7.867   7.879   11.910  1.00 17.19  ? 179 HOH A O     1 
HETATM 1255 O  O     . HOH D 4 .   ? 1.060   12.762  -0.467  1.00 25.05  ? 180 HOH A O     1 
HETATM 1256 O  O     . HOH D 4 .   ? -1.263  -8.440  13.956  1.00 30.31  ? 181 HOH A O     1 
HETATM 1257 O  O     . HOH D 4 .   ? -6.006  10.809  20.636  1.00 24.13  ? 182 HOH A O     1 
HETATM 1258 O  O     . HOH D 4 .   ? -5.987  -3.329  -20.133 1.00 17.69  ? 183 HOH A O     1 
HETATM 1259 O  O     . HOH D 4 .   ? 0.749   6.541   -11.030 1.00 40.78  ? 184 HOH A O     1 
HETATM 1260 O  O     . HOH D 4 .   ? -1.705  12.058  19.721  1.00 38.81  ? 185 HOH A O     1 
HETATM 1261 O  O     . HOH D 4 .   ? 9.361   3.064   -9.510  1.00 23.49  ? 186 HOH A O     1 
HETATM 1262 O  O     . HOH D 4 .   ? -6.699  -1.831  20.153  1.00 30.70  ? 187 HOH A O     1 
HETATM 1263 O  O     . HOH D 4 .   ? 0.040   1.893   -6.119  1.00 30.56  ? 188 HOH A O     1 
HETATM 1264 O  O     . HOH D 4 .   ? -7.738  17.385  5.207   1.00 31.51  ? 189 HOH A O     1 
HETATM 1265 O  O     . HOH D 4 .   ? -10.019 11.515  9.663   1.00 32.47  ? 190 HOH A O     1 
HETATM 1266 O  O     . HOH D 4 .   ? -8.368  -2.129  -1.262  1.00 22.53  ? 191 HOH A O     1 
HETATM 1267 O  O     . HOH D 4 .   ? -2.254  -1.602  -12.701 1.00 184.24 ? 192 HOH A O     1 
HETATM 1268 O  O     . HOH D 4 .   ? 22.929  -4.875  10.587  1.00 25.44  ? 193 HOH A O     1 
HETATM 1269 O  O     . HOH D 4 .   ? -6.060  8.919   -5.362  1.00 26.82  ? 194 HOH A O     1 
HETATM 1270 O  O     . HOH D 4 .   ? -12.924 3.812   17.221  1.00 24.64  ? 195 HOH A O     1 
HETATM 1271 O  O     . HOH D 4 .   ? -3.777  -9.932  -0.712  1.00 31.83  ? 196 HOH A O     1 
HETATM 1272 O  O     . HOH D 4 .   ? -10.135 0.738   -0.923  1.00 20.79  ? 197 HOH A O     1 
HETATM 1273 O  O     . HOH D 4 .   ? 15.199  4.780   4.208   1.00 28.85  ? 198 HOH A O     1 
HETATM 1274 O  O     . HOH D 4 .   ? 2.148   -0.858  12.461  1.00 22.96  ? 199 HOH A O     1 
HETATM 1275 O  O     . HOH D 4 .   ? 14.280  4.294   8.812   1.00 25.46  ? 200 HOH A O     1 
HETATM 1276 O  O     . HOH D 4 .   ? 4.283   13.258  10.930  1.00 33.97  ? 201 HOH A O     1 
HETATM 1277 O  O     . HOH D 4 .   ? -6.084  7.913   -7.904  1.00 26.61  ? 202 HOH A O     1 
HETATM 1278 O  O     . HOH D 4 .   ? -13.535 11.911  18.259  1.00 34.08  ? 203 HOH A O     1 
HETATM 1279 O  O     . HOH D 4 .   ? 12.813  -5.578  -13.135 1.00 114.38 ? 204 HOH A O     1 
HETATM 1280 O  O     . HOH D 4 .   ? 7.072   -12.603 -9.379  1.00 31.12  ? 205 HOH A O     1 
HETATM 1281 O  O     . HOH D 4 .   ? -7.072  -11.091 -11.726 1.00 28.74  ? 206 HOH A O     1 
HETATM 1282 O  O     . HOH D 4 .   ? 16.438  4.381   6.740   1.00 25.54  ? 207 HOH A O     1 
HETATM 1283 O  O     . HOH D 4 .   ? 13.025  10.657  0.372   1.00 27.23  ? 208 HOH A O     1 
HETATM 1284 O  O     . HOH D 4 .   ? -8.056  -2.101  -19.280 1.00 154.19 ? 209 HOH A O     1 
HETATM 1285 O  O     . HOH D 4 .   ? 5.917   10.865  11.151  1.00 36.67  ? 210 HOH A O     1 
HETATM 1286 O  O     . HOH D 4 .   ? 4.236   3.449   16.003  1.00 26.69  ? 211 HOH A O     1 
HETATM 1287 O  O     . HOH D 4 .   ? -10.240 -2.664  -3.331  1.00 114.25 ? 212 HOH A O     1 
HETATM 1288 O  O     . HOH D 4 .   ? 0.283   12.796  16.153  1.00 32.80  ? 213 HOH A O     1 
HETATM 1289 O  O     . HOH D 4 .   ? -0.374  -10.766 -0.404  1.00 29.54  ? 214 HOH A O     1 
HETATM 1290 O  O     . HOH D 4 .   ? 5.447   -16.291 -8.874  1.00 26.97  ? 215 HOH A O     1 
HETATM 1291 O  O     . HOH D 4 .   ? 8.110   -17.477 -11.234 1.00 31.07  ? 216 HOH A O     1 
HETATM 1292 O  O     . HOH D 4 .   ? 3.136   -17.686 -10.515 1.00 38.13  ? 217 HOH A O     1 
HETATM 1293 O  O     . HOH D 4 .   ? -14.783 6.127   19.090  1.00 32.47  ? 218 HOH A O     1 
HETATM 1294 O  O     . HOH D 4 .   ? -10.323 -6.195  0.961   1.00 23.52  ? 219 HOH A O     1 
HETATM 1295 O  O     . HOH D 4 .   ? -10.198 -4.649  -1.807  1.00 19.32  ? 220 HOH A O     1 
HETATM 1296 O  O     . HOH D 4 .   ? -2.880  -17.431 0.412   1.00 31.12  ? 221 HOH A O     1 
HETATM 1297 O  O     . HOH D 4 .   ? 11.703  5.790   13.617  1.00 37.26  ? 222 HOH A O     1 
HETATM 1298 O  O     . HOH D 4 .   ? 17.654  9.985   3.932   1.00 44.94  ? 223 HOH A O     1 
HETATM 1299 O  O     . HOH D 4 .   ? -5.863  -17.123 -8.783  1.00 41.36  ? 224 HOH A O     1 
HETATM 1300 O  O     . HOH D 4 .   ? 8.329   10.705  0.184   1.00 30.52  ? 225 HOH A O     1 
HETATM 1301 O  O     . HOH D 4 .   ? -0.076  16.989  10.570  1.00 35.83  ? 226 HOH A O     1 
HETATM 1302 O  O     . HOH D 4 .   ? -15.830 2.368   12.178  1.00 32.49  ? 227 HOH A O     1 
HETATM 1303 O  O     . HOH D 4 .   ? -6.129  13.742  20.525  1.00 29.49  ? 228 HOH A O     1 
# 
